data_4M11
#
_entry.id   4M11
#
_cell.length_a   121.627
_cell.length_b   133.538
_cell.length_c   180.232
_cell.angle_alpha   90.000
_cell.angle_beta   90.000
_cell.angle_gamma   90.000
#
_symmetry.space_group_name_H-M   'P 2 21 21'
#
loop_
_entity.id
_entity.type
_entity.pdbx_description
1 polymer 'Prostaglandin G/H synthase 2'
2 branched 2-acetamido-2-deoxy-beta-D-glucopyranose-(1-4)-2-acetamido-2-deoxy-beta-D-glucopyranose
3 non-polymer 2-acetamido-2-deoxy-beta-D-glucopyranose
4 non-polymer 'PROTOPORPHYRIN IX CONTAINING FE'
5 non-polymer '4-hydroxy-2-methyl-N-(5-methyl-1,3-thiazol-2-yl)-2H-1,2-benzothiazine-3-carboxamide 1,1-dioxide'
6 non-polymer 'octyl beta-D-glucopyranoside'
7 water water
#
_entity_poly.entity_id   1
_entity_poly.type   'polypeptide(L)'
_entity_poly.pdbx_seq_one_letter_code
;ANPCCSNPCQNRGECMSTGFDQYKCDCTRTGFYGENCTTPEFLTRIKLLLKPTPNTVHYILTHFKGVWNIVNNIPFLRSL
IMKYVLTSRSYLIDSPPTYNVHYGYKSWEAFSNLSYYTRALPPVADDCPTPMGVKGNKELPDSKEVLEKVLLRREFIPDP
QGSNMMFAFFAQHFTHQFFKTDHKRGPGFTRGLGHGVDLNHIYGETLDRQHKLRLFKDGKLKYQVIGGEVYPPTVKDTQV
EMIYPPHIPENLQFAVGQEVFGLVPGLMMYATIWLREHNRVCDILKQEHPEWGDEQLFQTSRLILIGETIKIVIEDYVQH
LSGYHFKLKFDPELLFNQQFQYQNRIASEFNTLYHWHPLLPDTFNIEDQEYSFKQFLYNNSILLEHGLTQFVESFTRQIA
GRVAGGRNVPIAVQAVAKASIDQSREMKYQSLNEYRKRFSLKPYTSFEELTGEKEMAAELKALYSDIDVMELYPALLVEK
PRPDAIFGETMVELGAPFSLKGLMGNPICSPQYWKPSTFGGEVGFKIINTASIQSLICNNVKGCPFTSFNVQ
;
_entity_poly.pdbx_strand_id   A,B,C,D
#
loop_
_chem_comp.id
_chem_comp.type
_chem_comp.name
_chem_comp.formula
BOG D-saccharide 'octyl beta-D-glucopyranoside' 'C14 H28 O6'
HEM non-polymer 'PROTOPORPHYRIN IX CONTAINING FE' 'C34 H32 Fe N4 O4'
MXM non-polymer '4-hydroxy-2-methyl-N-(5-methyl-1,3-thiazol-2-yl)-2H-1,2-benzothiazine-3-carboxamide 1,1-dioxide' 'C14 H13 N3 O4 S2'
NAG D-saccharide, beta linking 2-acetamido-2-deoxy-beta-D-glucopyranose 'C8 H15 N O6'
#
# COMPACT_ATOMS: atom_id res chain seq x y z
N ALA A 1 48.06 -35.03 19.59
CA ALA A 1 47.92 -36.38 19.07
C ALA A 1 47.10 -36.40 17.79
N ASN A 2 45.98 -35.66 17.80
CA ASN A 2 45.10 -35.60 16.65
C ASN A 2 45.76 -34.88 15.48
N PRO A 3 45.87 -35.56 14.33
CA PRO A 3 46.57 -35.06 13.13
C PRO A 3 45.87 -33.86 12.50
N CYS A 4 44.66 -33.55 12.97
CA CYS A 4 43.91 -32.41 12.45
C CYS A 4 44.07 -31.19 13.35
N CYS A 5 44.90 -31.31 14.38
CA CYS A 5 45.07 -30.22 15.35
C CYS A 5 45.61 -28.93 14.73
N SER A 6 46.35 -29.06 13.63
CA SER A 6 46.95 -27.90 12.99
C SER A 6 45.99 -27.21 12.01
N ASN A 7 44.79 -27.76 11.88
CA ASN A 7 43.79 -27.26 10.95
C ASN A 7 44.35 -27.06 9.54
N PRO A 8 44.89 -28.13 8.94
CA PRO A 8 45.62 -27.99 7.68
C PRO A 8 44.73 -27.76 6.47
N CYS A 9 43.44 -28.08 6.59
CA CYS A 9 42.52 -27.92 5.46
C CYS A 9 42.13 -26.47 5.21
N GLN A 10 42.36 -26.01 4.01
CA GLN A 10 42.12 -24.66 3.64
C GLN A 10 40.96 -24.57 2.73
N ASN A 11 40.32 -23.42 2.71
CA ASN A 11 39.23 -23.15 1.82
C ASN A 11 37.92 -23.88 2.19
N ARG A 12 37.79 -24.14 3.47
CA ARG A 12 36.64 -24.78 4.00
C ARG A 12 36.62 -26.27 3.76
N GLY A 13 37.73 -26.81 3.30
CA GLY A 13 37.94 -28.23 3.28
C GLY A 13 37.76 -28.81 4.65
N GLU A 14 37.46 -30.07 4.75
CA GLU A 14 37.26 -30.68 6.04
C GLU A 14 38.32 -31.65 6.37
N CYS A 15 38.76 -31.60 7.59
CA CYS A 15 39.81 -32.51 8.02
C CYS A 15 39.24 -33.77 8.67
N MET A 16 39.83 -34.91 8.36
CA MET A 16 39.44 -36.18 8.93
C MET A 16 40.67 -37.03 9.17
N SER A 17 40.80 -37.60 10.36
CA SER A 17 41.92 -38.48 10.64
C SER A 17 41.73 -39.82 9.94
N THR A 18 42.84 -40.38 9.47
CA THR A 18 42.82 -41.66 8.77
C THR A 18 43.76 -42.64 9.46
N GLY A 19 44.28 -42.21 10.60
CA GLY A 19 45.17 -43.02 11.41
C GLY A 19 45.57 -42.17 12.59
N PHE A 20 46.48 -42.66 13.42
CA PHE A 20 46.91 -41.91 14.59
C PHE A 20 47.70 -40.66 14.22
N ASP A 21 48.43 -40.74 13.10
CA ASP A 21 49.31 -39.66 12.70
C ASP A 21 49.19 -39.29 11.22
N GLN A 22 47.98 -39.42 10.68
CA GLN A 22 47.71 -38.99 9.31
C GLN A 22 46.28 -38.46 9.14
N TYR A 23 46.11 -37.53 8.21
CA TYR A 23 44.81 -36.90 7.99
C TYR A 23 44.43 -36.91 6.51
N LYS A 24 43.21 -36.47 6.23
CA LYS A 24 42.71 -36.37 4.87
C LYS A 24 41.81 -35.14 4.76
N CYS A 25 41.90 -34.43 3.65
CA CYS A 25 41.09 -33.24 3.44
C CYS A 25 40.00 -33.48 2.39
N ASP A 26 38.76 -33.40 2.83
CA ASP A 26 37.60 -33.51 1.94
C ASP A 26 37.41 -32.17 1.25
N CYS A 27 37.74 -32.10 -0.03
CA CYS A 27 37.72 -30.84 -0.76
C CYS A 27 36.44 -30.64 -1.57
N THR A 28 35.48 -31.55 -1.37
CA THR A 28 34.19 -31.52 -2.08
C THR A 28 33.56 -30.13 -2.13
N ARG A 29 33.27 -29.69 -3.35
CA ARG A 29 32.50 -28.46 -3.60
C ARG A 29 33.15 -27.17 -3.08
N THR A 30 34.43 -27.22 -2.74
CA THR A 30 35.12 -26.02 -2.24
C THR A 30 35.66 -25.17 -3.37
N GLY A 31 35.87 -25.78 -4.54
CA GLY A 31 36.48 -25.09 -5.66
C GLY A 31 37.98 -25.25 -5.66
N PHE A 32 38.48 -26.04 -4.71
CA PHE A 32 39.91 -26.32 -4.58
C PHE A 32 40.18 -27.81 -4.46
N TYR A 33 41.42 -28.21 -4.67
CA TYR A 33 41.84 -29.59 -4.46
C TYR A 33 43.24 -29.70 -3.88
N GLY A 34 43.71 -30.93 -3.73
CA GLY A 34 45.03 -31.16 -3.19
C GLY A 34 45.03 -31.59 -1.73
N GLU A 35 46.21 -31.88 -1.22
CA GLU A 35 46.36 -32.40 0.14
C GLU A 35 45.70 -31.51 1.19
N ASN A 36 45.75 -30.21 0.98
CA ASN A 36 45.19 -29.25 1.93
C ASN A 36 44.13 -28.34 1.32
N CYS A 37 43.57 -28.77 0.18
CA CYS A 37 42.60 -27.98 -0.58
C CYS A 37 43.10 -26.56 -0.87
N THR A 38 44.36 -26.43 -1.29
CA THR A 38 44.94 -25.11 -1.54
C THR A 38 45.03 -24.77 -3.03
N THR A 39 45.37 -25.75 -3.87
CA THR A 39 45.42 -25.49 -5.30
C THR A 39 44.01 -25.36 -5.86
N PRO A 40 43.75 -24.27 -6.60
CA PRO A 40 42.42 -23.87 -7.04
C PRO A 40 42.05 -24.33 -8.46
N GLU A 41 40.76 -24.60 -8.67
CA GLU A 41 40.27 -25.01 -9.98
C GLU A 41 40.34 -23.84 -10.94
N PHE A 42 39.94 -24.06 -12.18
CA PHE A 42 40.03 -22.99 -13.17
C PHE A 42 39.06 -21.86 -12.84
N LEU A 43 37.80 -22.23 -12.71
CA LEU A 43 36.74 -21.26 -12.51
C LEU A 43 36.91 -20.47 -11.22
N THR A 44 37.57 -21.08 -10.24
CA THR A 44 37.76 -20.43 -8.95
C THR A 44 38.85 -19.37 -9.09
N ARG A 45 39.79 -19.59 -10.00
CA ARG A 45 40.85 -18.63 -10.27
C ARG A 45 40.25 -17.34 -10.80
N ILE A 46 39.23 -17.51 -11.64
CA ILE A 46 38.48 -16.40 -12.19
C ILE A 46 37.75 -15.64 -11.08
N LYS A 47 37.03 -16.36 -10.23
CA LYS A 47 36.33 -15.73 -9.11
C LYS A 47 37.27 -14.89 -8.26
N LEU A 48 38.44 -15.43 -7.95
CA LEU A 48 39.38 -14.77 -7.03
C LEU A 48 40.03 -13.51 -7.61
N LEU A 49 39.82 -13.26 -8.90
CA LEU A 49 40.36 -12.07 -9.53
C LEU A 49 39.25 -11.09 -9.83
N LEU A 50 38.01 -11.55 -9.70
CA LEU A 50 36.86 -10.74 -10.06
C LEU A 50 36.15 -10.18 -8.81
N LYS A 51 36.36 -10.83 -7.67
CA LYS A 51 35.75 -10.37 -6.43
C LYS A 51 36.64 -9.38 -5.70
N PRO A 52 36.04 -8.27 -5.25
CA PRO A 52 36.78 -7.26 -4.51
C PRO A 52 36.83 -7.61 -3.02
N THR A 53 37.73 -6.95 -2.30
CA THR A 53 37.87 -7.14 -0.88
C THR A 53 36.69 -6.50 -0.16
N PRO A 54 36.42 -6.95 1.07
CA PRO A 54 35.40 -6.31 1.92
C PRO A 54 35.65 -4.80 2.08
N ASN A 55 36.90 -4.41 2.29
CA ASN A 55 37.23 -2.99 2.44
C ASN A 55 36.94 -2.21 1.18
N THR A 56 37.25 -2.81 0.02
CA THR A 56 36.92 -2.19 -1.25
C THR A 56 35.42 -1.93 -1.29
N VAL A 57 34.62 -2.98 -1.05
CA VAL A 57 33.16 -2.83 -1.05
C VAL A 57 32.67 -1.86 0.01
N HIS A 58 33.29 -1.90 1.20
CA HIS A 58 32.91 -0.99 2.27
C HIS A 58 33.14 0.47 1.89
N TYR A 59 34.23 0.73 1.18
CA TYR A 59 34.53 2.08 0.71
C TYR A 59 33.43 2.57 -0.21
N ILE A 60 33.03 1.73 -1.16
CA ILE A 60 32.03 2.10 -2.16
C ILE A 60 30.68 2.37 -1.52
N LEU A 61 30.33 1.58 -0.51
CA LEU A 61 29.04 1.73 0.15
C LEU A 61 29.02 2.97 1.04
N THR A 62 30.20 3.44 1.44
CA THR A 62 30.31 4.58 2.33
C THR A 62 30.72 5.88 1.61
N HIS A 63 30.97 5.78 0.31
CA HIS A 63 31.27 6.97 -0.49
C HIS A 63 30.30 7.08 -1.67
N PHE A 64 30.52 8.09 -2.52
CA PHE A 64 29.67 8.32 -3.68
C PHE A 64 28.22 8.49 -3.25
N LYS A 65 28.03 9.27 -2.18
CA LYS A 65 26.72 9.48 -1.59
C LYS A 65 25.70 10.04 -2.58
N GLY A 66 26.14 10.99 -3.40
CA GLY A 66 25.28 11.57 -4.42
C GLY A 66 24.77 10.52 -5.38
N VAL A 67 25.61 9.54 -5.68
CA VAL A 67 25.22 8.42 -6.52
C VAL A 67 24.19 7.54 -5.81
N TRP A 68 24.49 7.19 -4.56
CA TRP A 68 23.59 6.35 -3.78
C TRP A 68 22.24 7.01 -3.56
N ASN A 69 22.22 8.34 -3.58
CA ASN A 69 20.97 9.06 -3.45
C ASN A 69 20.08 8.88 -4.68
N ILE A 70 20.70 8.62 -5.82
CA ILE A 70 19.95 8.37 -7.04
C ILE A 70 19.41 6.94 -7.03
N VAL A 71 20.27 6.02 -6.60
CA VAL A 71 19.90 4.63 -6.47
C VAL A 71 18.73 4.45 -5.51
N ASN A 72 18.81 5.13 -4.36
CA ASN A 72 17.78 4.99 -3.33
C ASN A 72 16.39 5.48 -3.74
N ASN A 73 16.33 6.30 -4.79
CA ASN A 73 15.06 6.87 -5.24
C ASN A 73 14.51 6.23 -6.49
N ILE A 74 15.18 5.19 -6.94
CA ILE A 74 14.70 4.39 -8.05
C ILE A 74 14.39 3.01 -7.51
N PRO A 75 13.12 2.76 -7.19
CA PRO A 75 12.66 1.55 -6.52
C PRO A 75 13.23 0.29 -7.15
N PHE A 76 13.15 0.16 -8.46
CA PHE A 76 13.62 -1.07 -9.08
C PHE A 76 15.13 -1.22 -8.92
N LEU A 77 15.84 -0.09 -8.98
CA LEU A 77 17.29 -0.14 -8.81
C LEU A 77 17.64 -0.51 -7.36
N ARG A 78 16.88 0.03 -6.41
CA ARG A 78 17.13 -0.25 -5.00
C ARG A 78 16.90 -1.71 -4.69
N SER A 79 15.82 -2.27 -5.24
CA SER A 79 15.46 -3.67 -5.02
C SER A 79 16.54 -4.60 -5.57
N LEU A 80 17.08 -4.25 -6.73
CA LEU A 80 18.06 -5.09 -7.40
C LEU A 80 19.40 -5.09 -6.66
N ILE A 81 19.79 -3.93 -6.13
CA ILE A 81 21.01 -3.87 -5.33
C ILE A 81 20.82 -4.66 -4.03
N MET A 82 19.66 -4.50 -3.41
CA MET A 82 19.33 -5.21 -2.17
C MET A 82 19.29 -6.70 -2.42
N LYS A 83 18.79 -7.08 -3.60
CA LYS A 83 18.75 -8.47 -4.04
C LYS A 83 20.17 -9.03 -4.07
N TYR A 84 21.08 -8.30 -4.71
CA TYR A 84 22.47 -8.71 -4.80
C TYR A 84 23.13 -8.90 -3.44
N VAL A 85 23.04 -7.88 -2.59
CA VAL A 85 23.71 -7.93 -1.29
C VAL A 85 23.13 -9.02 -0.40
N LEU A 86 21.89 -9.41 -0.70
CA LEU A 86 21.22 -10.44 0.06
C LEU A 86 21.87 -11.78 -0.26
N THR A 87 22.01 -12.07 -1.54
CA THR A 87 22.50 -13.36 -1.96
C THR A 87 24.02 -13.48 -1.82
N SER A 88 24.70 -12.34 -1.80
CA SER A 88 26.15 -12.36 -1.66
C SER A 88 26.55 -12.66 -0.22
N ARG A 89 25.63 -12.39 0.67
CA ARG A 89 25.82 -12.60 2.08
C ARG A 89 25.26 -13.96 2.52
N SER A 90 25.34 -14.98 1.68
CA SER A 90 24.58 -16.19 1.95
C SER A 90 25.38 -17.50 1.92
N TYR A 91 26.40 -17.57 1.08
CA TYR A 91 27.16 -18.81 0.92
C TYR A 91 28.00 -19.19 2.14
N LEU A 92 28.01 -18.33 3.15
CA LEU A 92 28.98 -18.46 4.25
C LEU A 92 28.49 -19.21 5.49
N ILE A 93 27.17 -19.33 5.65
CA ILE A 93 26.63 -19.97 6.85
C ILE A 93 26.17 -21.40 6.60
N ASP A 94 26.58 -22.32 7.47
CA ASP A 94 26.10 -23.70 7.41
C ASP A 94 24.62 -23.75 7.81
N SER A 95 23.77 -24.03 6.85
CA SER A 95 22.34 -24.11 7.10
C SER A 95 21.74 -25.25 6.27
N PRO A 96 21.30 -26.35 6.92
CA PRO A 96 21.26 -26.64 8.36
C PRO A 96 22.63 -26.63 9.03
N PRO A 97 22.67 -26.32 10.33
CA PRO A 97 23.94 -26.14 11.03
C PRO A 97 24.72 -27.44 11.16
N THR A 98 25.99 -27.32 11.57
CA THR A 98 26.88 -28.46 11.69
C THR A 98 27.43 -28.62 13.13
N TYR A 99 28.57 -27.99 13.40
CA TYR A 99 29.33 -28.27 14.62
C TYR A 99 28.80 -27.57 15.85
N ASN A 100 29.27 -28.02 17.01
CA ASN A 100 29.04 -27.30 18.25
C ASN A 100 30.21 -27.53 19.21
N VAL A 101 30.11 -27.01 20.42
CA VAL A 101 31.23 -27.07 21.35
C VAL A 101 31.68 -28.50 21.65
N HIS A 102 30.75 -29.45 21.57
CA HIS A 102 31.07 -30.84 21.86
C HIS A 102 31.41 -31.69 20.64
N TYR A 103 31.13 -31.18 19.45
CA TYR A 103 31.34 -31.98 18.25
C TYR A 103 32.13 -31.25 17.15
N GLY A 104 33.37 -31.69 16.94
CA GLY A 104 34.23 -31.14 15.89
C GLY A 104 34.03 -31.84 14.57
N TYR A 105 33.17 -32.86 14.58
CA TYR A 105 32.72 -33.53 13.36
C TYR A 105 31.21 -33.48 13.34
N LYS A 106 30.62 -33.54 12.16
CA LYS A 106 29.16 -33.52 12.05
C LYS A 106 28.57 -34.78 12.65
N SER A 107 27.56 -34.61 13.50
CA SER A 107 26.88 -35.73 14.13
C SER A 107 25.39 -35.44 14.23
N TRP A 108 24.58 -36.47 14.39
CA TRP A 108 23.14 -36.24 14.55
C TRP A 108 22.84 -35.51 15.85
N GLU A 109 23.61 -35.82 16.89
CA GLU A 109 23.48 -35.12 18.16
C GLU A 109 23.69 -33.63 17.99
N ALA A 110 24.72 -33.26 17.22
CA ALA A 110 25.00 -31.85 16.99
C ALA A 110 23.89 -31.21 16.18
N PHE A 111 23.35 -31.94 15.19
CA PHE A 111 22.28 -31.37 14.41
C PHE A 111 20.98 -31.24 15.20
N SER A 112 20.66 -32.25 16.01
CA SER A 112 19.31 -32.34 16.57
C SER A 112 19.12 -31.64 17.90
N ASN A 113 20.20 -31.52 18.67
CA ASN A 113 20.12 -30.92 20.00
C ASN A 113 20.04 -29.39 19.96
N LEU A 114 18.84 -28.87 20.17
CA LEU A 114 18.57 -27.43 20.08
C LEU A 114 19.11 -26.64 21.27
N SER A 115 19.63 -27.35 22.28
CA SER A 115 20.18 -26.68 23.46
C SER A 115 21.58 -26.09 23.26
N TYR A 116 22.30 -26.53 22.24
CA TYR A 116 23.62 -26.00 21.94
C TYR A 116 23.50 -24.76 21.06
N TYR A 117 24.41 -23.80 21.23
CA TYR A 117 24.67 -22.84 20.18
C TYR A 117 25.32 -23.65 19.07
N THR A 118 25.15 -23.24 17.81
CA THR A 118 25.90 -23.91 16.75
C THR A 118 27.28 -23.29 16.63
N ARG A 119 28.05 -23.75 15.65
CA ARG A 119 29.45 -23.37 15.59
C ARG A 119 29.91 -23.14 14.15
N ALA A 120 30.43 -21.94 13.88
CA ALA A 120 30.93 -21.62 12.54
C ALA A 120 32.21 -22.40 12.24
N LEU A 121 33.09 -22.50 13.24
CA LEU A 121 34.27 -23.34 13.13
C LEU A 121 34.27 -24.35 14.26
N PRO A 122 34.61 -25.61 13.94
CA PRO A 122 34.67 -26.67 14.96
C PRO A 122 35.66 -26.34 16.07
N PRO A 123 35.42 -26.87 17.27
CA PRO A 123 36.32 -26.65 18.40
C PRO A 123 37.68 -27.33 18.17
N VAL A 124 38.74 -26.75 18.71
CA VAL A 124 40.06 -27.39 18.71
C VAL A 124 39.95 -28.63 19.58
N ALA A 125 40.33 -29.80 19.07
CA ALA A 125 40.17 -31.05 19.82
C ALA A 125 40.86 -31.00 21.19
N ASP A 126 40.37 -31.81 22.14
CA ASP A 126 40.88 -31.81 23.52
C ASP A 126 42.31 -32.34 23.61
N ASP A 127 42.72 -33.19 22.67
CA ASP A 127 44.05 -33.78 22.71
C ASP A 127 45.06 -33.04 21.83
N CYS A 128 44.87 -31.74 21.68
CA CYS A 128 45.82 -30.92 20.92
C CYS A 128 46.88 -30.36 21.86
N PRO A 129 48.13 -30.29 21.39
CA PRO A 129 49.25 -29.83 22.23
C PRO A 129 49.12 -28.39 22.73
N THR A 130 48.51 -27.51 21.93
CA THR A 130 48.33 -26.12 22.32
C THR A 130 46.87 -25.68 22.13
N PRO A 131 46.42 -24.68 22.91
CA PRO A 131 45.03 -24.21 22.86
C PRO A 131 44.52 -23.86 21.46
N MET A 132 45.38 -23.30 20.62
CA MET A 132 45.00 -23.00 19.24
C MET A 132 45.31 -24.15 18.28
N GLY A 133 45.67 -25.29 18.83
CA GLY A 133 45.97 -26.46 18.03
C GLY A 133 47.42 -26.89 18.16
N VAL A 134 48.27 -26.37 17.27
CA VAL A 134 49.70 -26.67 17.34
C VAL A 134 50.57 -25.44 17.62
N LYS A 135 50.15 -24.29 17.11
CA LYS A 135 50.93 -23.07 17.24
C LYS A 135 50.84 -22.46 18.64
N GLY A 136 51.79 -21.61 18.98
CA GLY A 136 51.77 -20.94 20.25
C GLY A 136 52.35 -21.77 21.37
N ASN A 137 52.12 -21.33 22.60
CA ASN A 137 52.67 -22.00 23.76
C ASN A 137 51.61 -22.87 24.44
N LYS A 138 52.02 -23.64 25.44
CA LYS A 138 51.12 -24.58 26.08
C LYS A 138 49.92 -23.89 26.71
N GLU A 139 50.16 -22.74 27.33
CA GLU A 139 49.07 -22.00 27.93
C GLU A 139 48.95 -20.64 27.26
N LEU A 140 47.72 -20.15 27.19
CA LEU A 140 47.41 -18.88 26.55
C LEU A 140 47.78 -17.76 27.50
N PRO A 141 48.09 -16.57 26.98
CA PRO A 141 48.46 -15.46 27.87
C PRO A 141 47.34 -15.11 28.85
N ASP A 142 47.72 -14.71 30.06
CA ASP A 142 46.77 -14.39 31.12
C ASP A 142 45.68 -13.46 30.61
N SER A 143 44.43 -13.92 30.77
CA SER A 143 43.26 -13.15 30.35
C SER A 143 43.23 -11.80 31.05
N LYS A 144 43.61 -11.78 32.33
CA LYS A 144 43.70 -10.55 33.09
C LYS A 144 44.66 -9.59 32.42
N GLU A 145 45.80 -10.12 31.99
CA GLU A 145 46.85 -9.33 31.33
C GLU A 145 46.39 -8.77 30.00
N VAL A 146 45.65 -9.56 29.24
CA VAL A 146 45.10 -9.10 27.98
C VAL A 146 44.07 -8.02 28.25
N LEU A 147 43.18 -8.31 29.19
CA LEU A 147 42.08 -7.42 29.56
C LEU A 147 42.59 -6.04 30.01
N GLU A 148 43.53 -6.03 30.94
CA GLU A 148 44.01 -4.78 31.51
C GLU A 148 44.82 -3.94 30.53
N LYS A 149 45.56 -4.60 29.64
CA LYS A 149 46.50 -3.90 28.77
C LYS A 149 45.90 -3.32 27.50
N VAL A 150 44.95 -4.03 26.89
CA VAL A 150 44.44 -3.56 25.61
C VAL A 150 42.92 -3.39 25.55
N LEU A 151 42.21 -3.75 26.60
CA LEU A 151 40.76 -3.70 26.55
C LEU A 151 40.13 -2.65 27.47
N LEU A 152 40.66 -2.53 28.69
CA LEU A 152 40.07 -1.61 29.65
C LEU A 152 40.08 -0.16 29.17
N ARG A 153 39.07 0.59 29.58
CA ARG A 153 38.91 1.97 29.15
C ARG A 153 39.75 2.90 30.02
N ARG A 154 40.64 3.69 29.44
CA ARG A 154 41.24 4.78 30.22
C ARG A 154 40.26 5.89 30.24
N GLU A 155 40.17 6.55 29.14
CA GLU A 155 39.14 7.53 29.05
C GLU A 155 38.18 7.13 27.98
N PHE A 156 36.99 7.67 28.11
CA PHE A 156 35.90 7.31 27.22
C PHE A 156 36.21 7.69 25.77
N ILE A 157 36.15 6.71 24.88
CA ILE A 157 36.31 6.97 23.46
C ILE A 157 34.96 6.89 22.77
N PRO A 158 34.40 8.05 22.40
CA PRO A 158 33.07 8.12 21.78
C PRO A 158 33.05 7.48 20.40
N ASP A 159 31.91 6.91 20.03
CA ASP A 159 31.75 6.37 18.68
C ASP A 159 31.68 7.51 17.68
N PRO A 160 32.58 7.50 16.68
CA PRO A 160 32.60 8.51 15.61
C PRO A 160 31.38 8.47 14.70
N GLN A 161 30.69 7.33 14.62
CA GLN A 161 29.46 7.24 13.84
C GLN A 161 28.27 7.84 14.58
N GLY A 162 28.48 8.20 15.84
CA GLY A 162 27.47 8.89 16.61
C GLY A 162 26.35 8.03 17.17
N SER A 163 26.61 6.74 17.36
CA SER A 163 25.63 5.86 17.98
C SER A 163 25.27 6.35 19.38
N ASN A 164 23.99 6.35 19.70
CA ASN A 164 23.55 6.85 20.99
C ASN A 164 23.12 5.72 21.92
N MET A 165 22.55 6.07 23.08
CA MET A 165 22.09 5.06 24.02
C MET A 165 20.83 4.33 23.56
N MET A 166 20.02 4.98 22.73
CA MET A 166 18.90 4.29 22.10
C MET A 166 19.44 3.13 21.27
N PHE A 167 20.56 3.33 20.61
CA PHE A 167 21.22 2.28 19.85
C PHE A 167 21.74 1.16 20.74
N ALA A 168 22.55 1.53 21.75
CA ALA A 168 23.18 0.55 22.61
C ALA A 168 22.16 -0.36 23.28
N PHE A 169 21.11 0.23 23.82
CA PHE A 169 20.10 -0.52 24.55
C PHE A 169 19.19 -1.32 23.63
N PHE A 170 18.96 -0.80 22.43
CA PHE A 170 18.20 -1.57 21.43
C PHE A 170 19.00 -2.80 21.05
N ALA A 171 20.32 -2.62 20.93
CA ALA A 171 21.21 -3.73 20.62
C ALA A 171 21.12 -4.80 21.69
N GLN A 172 21.25 -4.39 22.95
CA GLN A 172 21.19 -5.30 24.07
C GLN A 172 19.81 -5.99 24.16
N HIS A 173 18.76 -5.20 24.04
CA HIS A 173 17.39 -5.71 24.14
C HIS A 173 17.06 -6.67 23.00
N PHE A 174 17.31 -6.25 21.77
CA PHE A 174 17.07 -7.08 20.60
C PHE A 174 17.83 -8.41 20.61
N THR A 175 19.15 -8.35 20.85
CA THR A 175 19.97 -9.56 20.78
C THR A 175 19.71 -10.52 21.93
N HIS A 176 19.24 -9.99 23.06
CA HIS A 176 19.06 -10.85 24.21
C HIS A 176 17.82 -11.75 24.17
N GLN A 177 17.16 -11.81 23.01
CA GLN A 177 16.12 -12.82 22.82
C GLN A 177 16.72 -14.10 22.28
N PHE A 178 17.89 -14.01 21.65
CA PHE A 178 18.56 -15.21 21.10
C PHE A 178 19.98 -15.47 21.66
N PHE A 179 20.53 -14.51 22.40
CA PHE A 179 21.73 -14.75 23.19
C PHE A 179 21.31 -14.94 24.64
N LYS A 180 21.00 -16.18 25.00
CA LYS A 180 20.54 -16.49 26.35
C LYS A 180 21.27 -17.72 26.87
N THR A 181 22.50 -17.52 27.32
CA THR A 181 23.36 -18.63 27.73
C THR A 181 22.85 -19.32 28.98
N ASP A 182 22.68 -20.64 28.88
CA ASP A 182 22.27 -21.48 30.01
C ASP A 182 23.49 -21.88 30.81
N HIS A 183 23.85 -21.06 31.79
CA HIS A 183 25.06 -21.27 32.56
C HIS A 183 25.04 -22.52 33.42
N LYS A 184 23.86 -23.03 33.72
CA LYS A 184 23.76 -24.33 34.38
C LYS A 184 24.49 -25.36 33.54
N ARG A 185 24.20 -25.40 32.25
CA ARG A 185 24.82 -26.37 31.35
C ARG A 185 26.28 -26.03 31.00
N GLY A 186 26.51 -24.82 30.53
CA GLY A 186 27.83 -24.38 30.12
C GLY A 186 27.73 -23.30 29.05
N PRO A 187 28.86 -22.64 28.76
CA PRO A 187 28.90 -21.49 27.83
C PRO A 187 28.45 -21.81 26.40
N GLY A 188 28.51 -23.07 25.99
CA GLY A 188 28.13 -23.43 24.63
C GLY A 188 26.66 -23.82 24.50
N PHE A 189 25.89 -23.52 25.55
CA PHE A 189 24.47 -23.89 25.60
C PHE A 189 23.58 -22.65 25.68
N THR A 190 22.39 -22.77 25.10
CA THR A 190 21.46 -21.65 25.08
C THR A 190 20.10 -22.05 25.64
N ARG A 191 19.38 -21.06 26.13
CA ARG A 191 18.03 -21.28 26.57
C ARG A 191 17.02 -20.80 25.56
N GLY A 192 17.53 -20.15 24.51
CA GLY A 192 16.65 -19.61 23.47
C GLY A 192 16.44 -20.62 22.37
N LEU A 193 15.54 -21.57 22.60
CA LEU A 193 15.37 -22.68 21.68
C LEU A 193 14.73 -22.28 20.35
N GLY A 194 14.25 -21.04 20.27
CA GLY A 194 13.77 -20.52 19.00
C GLY A 194 14.91 -20.22 18.04
N HIS A 195 16.10 -19.98 18.58
CA HIS A 195 17.28 -19.71 17.77
C HIS A 195 17.12 -18.56 16.76
N GLY A 196 16.35 -17.55 17.13
CA GLY A 196 16.17 -16.39 16.27
C GLY A 196 15.21 -15.38 16.84
N VAL A 197 14.57 -14.63 15.94
CA VAL A 197 13.68 -13.55 16.33
C VAL A 197 12.24 -14.05 16.54
N ASP A 198 11.98 -14.61 17.72
CA ASP A 198 10.63 -15.09 18.03
C ASP A 198 9.95 -14.19 19.05
N LEU A 199 10.67 -13.16 19.48
CA LEU A 199 10.20 -12.20 20.48
C LEU A 199 9.87 -12.82 21.82
N ASN A 200 10.60 -13.87 22.19
CA ASN A 200 10.39 -14.52 23.48
C ASN A 200 10.80 -13.61 24.63
N HIS A 201 11.61 -12.60 24.34
CA HIS A 201 11.99 -11.61 25.35
C HIS A 201 10.83 -10.69 25.71
N ILE A 202 9.76 -10.78 24.93
CA ILE A 202 8.53 -10.06 25.22
C ILE A 202 7.46 -11.05 25.70
N TYR A 203 7.39 -12.20 25.04
CA TYR A 203 6.28 -13.13 25.24
C TYR A 203 6.62 -14.33 26.13
N GLY A 204 7.89 -14.52 26.43
CA GLY A 204 8.31 -15.65 27.25
C GLY A 204 8.71 -16.84 26.38
N GLU A 205 9.65 -17.63 26.88
CA GLU A 205 10.17 -18.76 26.14
C GLU A 205 9.22 -19.94 26.15
N THR A 206 8.51 -20.14 27.26
CA THR A 206 7.59 -21.27 27.38
C THR A 206 6.14 -20.83 27.42
N LEU A 207 5.24 -21.75 27.08
CA LEU A 207 3.80 -21.48 27.06
C LEU A 207 3.30 -21.05 28.43
N ASP A 208 3.83 -21.68 29.47
CA ASP A 208 3.44 -21.38 30.84
C ASP A 208 3.76 -19.95 31.22
N ARG A 209 4.86 -19.42 30.68
CA ARG A 209 5.27 -18.06 30.97
C ARG A 209 4.42 -17.07 30.19
N GLN A 210 4.23 -17.34 28.90
CA GLN A 210 3.41 -16.51 28.05
C GLN A 210 2.01 -16.32 28.63
N HIS A 211 1.41 -17.40 29.09
CA HIS A 211 0.05 -17.34 29.65
C HIS A 211 -0.01 -16.46 30.90
N LYS A 212 0.98 -16.59 31.78
CA LYS A 212 1.07 -15.73 32.96
C LYS A 212 1.29 -14.26 32.59
N LEU A 213 1.83 -14.02 31.40
CA LEU A 213 2.04 -12.66 30.93
C LEU A 213 0.82 -12.12 30.19
N ARG A 214 -0.09 -13.01 29.82
CA ARG A 214 -1.24 -12.64 29.01
C ARG A 214 -2.45 -12.18 29.84
N LEU A 215 -3.19 -11.22 29.31
CA LEU A 215 -4.43 -10.75 29.94
C LEU A 215 -5.61 -11.66 29.62
N PHE A 216 -5.52 -12.38 28.50
CA PHE A 216 -6.60 -13.23 28.03
C PHE A 216 -7.88 -12.48 27.75
N LYS A 217 -7.71 -11.22 27.35
CA LYS A 217 -8.79 -10.41 26.83
C LYS A 217 -8.22 -9.57 25.70
N ASP A 218 -8.92 -9.54 24.57
CA ASP A 218 -8.52 -8.78 23.39
C ASP A 218 -7.12 -9.11 22.87
N GLY A 219 -6.57 -10.24 23.31
CA GLY A 219 -5.24 -10.65 22.90
C GLY A 219 -4.10 -9.92 23.58
N LYS A 220 -4.39 -9.19 24.64
CA LYS A 220 -3.39 -8.29 25.23
C LYS A 220 -2.49 -8.92 26.29
N LEU A 221 -1.36 -8.26 26.54
CA LEU A 221 -0.50 -8.63 27.65
C LEU A 221 -0.96 -7.86 28.87
N LYS A 222 -0.83 -8.49 30.05
CA LYS A 222 -1.11 -7.81 31.30
C LYS A 222 -0.22 -6.59 31.44
N TYR A 223 -0.73 -5.56 32.09
CA TYR A 223 0.02 -4.32 32.28
C TYR A 223 -0.55 -3.57 33.47
N GLN A 224 0.19 -2.60 33.96
CA GLN A 224 -0.33 -1.74 35.03
C GLN A 224 -0.25 -0.28 34.63
N VAL A 225 -1.02 0.55 35.30
CA VAL A 225 -0.98 1.98 35.04
C VAL A 225 -0.48 2.71 36.27
N ILE A 226 0.78 3.14 36.20
CA ILE A 226 1.39 3.91 37.27
C ILE A 226 1.39 5.38 36.87
N GLY A 227 0.79 6.21 37.69
CA GLY A 227 0.52 7.57 37.30
C GLY A 227 -0.53 7.48 36.22
N GLY A 228 -0.18 7.90 35.01
CA GLY A 228 -1.07 7.74 33.88
C GLY A 228 -0.41 6.96 32.77
N GLU A 229 0.68 6.28 33.09
CA GLU A 229 1.51 5.63 32.09
C GLU A 229 1.44 4.11 32.20
N VAL A 230 1.53 3.44 31.07
CA VAL A 230 1.46 1.98 31.01
C VAL A 230 2.80 1.32 31.30
N TYR A 231 2.81 0.38 32.25
CA TYR A 231 4.03 -0.30 32.63
C TYR A 231 3.81 -1.81 32.71
N PRO A 232 4.90 -2.59 32.63
CA PRO A 232 4.76 -4.04 32.79
C PRO A 232 4.17 -4.39 34.15
N PRO A 233 3.49 -5.56 34.24
CA PRO A 233 2.94 -6.01 35.53
C PRO A 233 4.06 -6.41 36.48
N THR A 234 3.73 -6.72 37.72
CA THR A 234 4.76 -7.08 38.68
C THR A 234 4.92 -8.60 38.81
N VAL A 235 6.03 -9.03 39.40
CA VAL A 235 6.26 -10.43 39.70
C VAL A 235 5.17 -10.93 40.65
N LYS A 236 4.84 -10.07 41.61
CA LYS A 236 3.87 -10.41 42.63
C LYS A 236 2.50 -10.71 42.03
N ASP A 237 2.14 -9.96 41.00
CA ASP A 237 0.85 -10.09 40.38
C ASP A 237 0.77 -11.26 39.40
N THR A 238 1.89 -11.63 38.79
CA THR A 238 1.87 -12.57 37.67
C THR A 238 2.54 -13.92 37.97
N GLN A 239 3.36 -13.97 39.01
CA GLN A 239 4.19 -15.13 39.32
C GLN A 239 5.13 -15.56 38.18
N VAL A 240 5.56 -14.62 37.35
CA VAL A 240 6.63 -14.93 36.41
C VAL A 240 7.99 -14.59 37.02
N GLU A 241 8.92 -15.54 36.94
CA GLU A 241 10.23 -15.40 37.56
C GLU A 241 11.09 -14.35 36.87
N MET A 242 11.53 -13.37 37.67
CA MET A 242 12.47 -12.38 37.18
C MET A 242 13.72 -12.40 38.05
N ILE A 243 14.85 -12.02 37.46
CA ILE A 243 16.09 -11.91 38.22
C ILE A 243 16.19 -10.52 38.83
N TYR A 244 15.99 -10.44 40.14
CA TYR A 244 16.20 -9.21 40.90
C TYR A 244 16.98 -9.50 42.17
N PRO A 245 17.87 -8.59 42.57
CA PRO A 245 18.51 -8.72 43.89
C PRO A 245 17.44 -8.59 44.96
N PRO A 246 17.67 -9.22 46.13
CA PRO A 246 16.64 -9.32 47.17
C PRO A 246 16.18 -7.97 47.75
N HIS A 247 17.01 -6.94 47.64
CA HIS A 247 16.68 -5.63 48.24
C HIS A 247 15.69 -4.82 47.41
N ILE A 248 15.31 -5.34 46.25
CA ILE A 248 14.36 -4.66 45.39
C ILE A 248 12.92 -4.88 45.85
N PRO A 249 12.19 -3.80 46.11
CA PRO A 249 10.79 -3.86 46.56
C PRO A 249 9.91 -4.53 45.51
N GLU A 250 8.88 -5.24 45.97
CA GLU A 250 8.00 -6.00 45.09
C GLU A 250 7.28 -5.12 44.06
N ASN A 251 7.01 -3.87 44.42
CA ASN A 251 6.31 -2.98 43.49
C ASN A 251 7.20 -2.48 42.36
N LEU A 252 8.49 -2.81 42.42
CA LEU A 252 9.42 -2.40 41.38
C LEU A 252 9.97 -3.60 40.61
N GLN A 253 9.45 -4.78 40.91
CA GLN A 253 9.84 -5.96 40.16
C GLN A 253 8.93 -6.16 38.96
N PHE A 254 9.22 -5.43 37.90
CA PHE A 254 8.46 -5.54 36.65
C PHE A 254 8.71 -6.88 36.01
N ALA A 255 7.64 -7.52 35.56
CA ALA A 255 7.72 -8.84 34.95
C ALA A 255 7.53 -8.74 33.46
N VAL A 256 8.51 -9.21 32.70
CA VAL A 256 8.45 -9.22 31.24
C VAL A 256 8.94 -10.57 30.69
N GLY A 257 8.94 -10.70 29.37
CA GLY A 257 9.33 -11.95 28.73
C GLY A 257 10.67 -12.49 29.17
N GLN A 258 11.70 -11.67 29.08
CA GLN A 258 13.05 -12.07 29.41
C GLN A 258 13.37 -11.87 30.89
N GLU A 259 13.74 -12.97 31.55
CA GLU A 259 14.02 -13.00 32.99
C GLU A 259 14.98 -11.95 33.50
N VAL A 260 15.87 -11.51 32.62
CA VAL A 260 17.01 -10.71 33.04
C VAL A 260 16.85 -9.21 32.73
N PHE A 261 15.70 -8.83 32.17
CA PHE A 261 15.51 -7.44 31.73
C PHE A 261 15.34 -6.43 32.86
N GLY A 262 15.34 -6.89 34.10
CA GLY A 262 15.35 -5.98 35.24
C GLY A 262 16.74 -5.41 35.50
N LEU A 263 17.74 -6.03 34.90
CA LEU A 263 19.13 -5.61 35.08
C LEU A 263 19.34 -4.12 34.76
N VAL A 264 18.85 -3.69 33.61
CA VAL A 264 19.06 -2.31 33.19
C VAL A 264 17.74 -1.62 32.85
N PRO A 265 17.54 -0.40 33.38
CA PRO A 265 16.37 0.41 33.04
C PRO A 265 16.27 0.66 31.54
N GLY A 266 17.40 0.64 30.84
CA GLY A 266 17.43 0.79 29.40
C GLY A 266 16.81 -0.42 28.70
N LEU A 267 16.95 -1.57 29.33
CA LEU A 267 16.29 -2.77 28.85
C LEU A 267 14.80 -2.65 29.11
N MET A 268 14.46 -2.33 30.36
CA MET A 268 13.07 -2.22 30.80
C MET A 268 12.30 -1.18 29.98
N MET A 269 12.99 -0.13 29.55
CA MET A 269 12.40 0.88 28.69
C MET A 269 11.85 0.26 27.39
N TYR A 270 12.67 -0.56 26.74
CA TYR A 270 12.27 -1.19 25.49
C TYR A 270 11.21 -2.24 25.69
N ALA A 271 11.32 -2.99 26.79
CA ALA A 271 10.31 -3.97 27.16
C ALA A 271 8.96 -3.28 27.32
N THR A 272 9.01 -2.08 27.86
CA THR A 272 7.81 -1.29 28.12
C THR A 272 7.22 -0.77 26.82
N ILE A 273 8.07 -0.21 25.98
CA ILE A 273 7.65 0.26 24.66
C ILE A 273 7.02 -0.87 23.85
N TRP A 274 7.69 -2.01 23.77
CA TRP A 274 7.20 -3.13 22.98
C TRP A 274 5.89 -3.72 23.53
N LEU A 275 5.72 -3.63 24.85
CA LEU A 275 4.49 -4.08 25.50
C LEU A 275 3.31 -3.21 25.07
N ARG A 276 3.53 -1.90 25.05
CA ARG A 276 2.53 -0.95 24.56
C ARG A 276 2.25 -1.19 23.09
N GLU A 277 3.30 -1.52 22.34
CA GLU A 277 3.16 -1.74 20.91
C GLU A 277 2.28 -2.96 20.63
N HIS A 278 2.46 -4.01 21.42
CA HIS A 278 1.66 -5.21 21.28
C HIS A 278 0.17 -4.93 21.51
N ASN A 279 -0.12 -4.19 22.58
CA ASN A 279 -1.52 -3.90 22.92
C ASN A 279 -2.16 -2.89 21.97
N ARG A 280 -1.35 -1.97 21.45
CA ARG A 280 -1.79 -1.03 20.44
C ARG A 280 -2.25 -1.79 19.18
N VAL A 281 -1.42 -2.72 18.73
CA VAL A 281 -1.75 -3.55 17.57
C VAL A 281 -3.00 -4.37 17.87
N CYS A 282 -3.15 -4.82 19.10
CA CYS A 282 -4.35 -5.53 19.53
C CYS A 282 -5.63 -4.71 19.29
N ASP A 283 -5.58 -3.43 19.64
CA ASP A 283 -6.70 -2.54 19.40
C ASP A 283 -7.00 -2.41 17.91
N ILE A 284 -5.94 -2.26 17.11
CA ILE A 284 -6.09 -2.12 15.66
C ILE A 284 -6.75 -3.35 15.05
N LEU A 285 -6.22 -4.53 15.40
CA LEU A 285 -6.75 -5.80 14.95
C LEU A 285 -8.20 -6.02 15.38
N LYS A 286 -8.52 -5.68 16.62
CA LYS A 286 -9.89 -5.85 17.13
C LYS A 286 -10.88 -5.02 16.32
N GLN A 287 -10.46 -3.83 15.95
CA GLN A 287 -11.29 -2.93 15.19
C GLN A 287 -11.53 -3.49 13.79
N GLU A 288 -10.51 -4.13 13.23
CA GLU A 288 -10.65 -4.81 11.95
C GLU A 288 -11.42 -6.11 12.06
N HIS A 289 -11.23 -6.82 13.17
CA HIS A 289 -11.87 -8.11 13.35
C HIS A 289 -12.63 -8.21 14.67
N PRO A 290 -13.83 -7.61 14.72
CA PRO A 290 -14.64 -7.72 15.94
C PRO A 290 -15.12 -9.14 16.18
N GLU A 291 -14.93 -10.03 15.20
CA GLU A 291 -15.35 -11.42 15.33
C GLU A 291 -14.25 -12.30 15.88
N TRP A 292 -13.05 -11.75 16.04
CA TRP A 292 -11.91 -12.51 16.53
C TRP A 292 -11.94 -12.69 18.05
N GLY A 293 -11.43 -13.83 18.50
CA GLY A 293 -11.28 -14.09 19.91
C GLY A 293 -9.93 -13.60 20.42
N ASP A 294 -9.73 -13.75 21.72
CA ASP A 294 -8.48 -13.34 22.37
C ASP A 294 -7.25 -14.04 21.80
N GLU A 295 -7.35 -15.34 21.58
CA GLU A 295 -6.20 -16.11 21.10
C GLU A 295 -5.70 -15.62 19.74
N GLN A 296 -6.61 -15.40 18.80
CA GLN A 296 -6.20 -15.00 17.45
C GLN A 296 -5.65 -13.58 17.42
N LEU A 297 -6.21 -12.71 18.25
CA LEU A 297 -5.71 -11.35 18.38
C LEU A 297 -4.28 -11.36 18.91
N PHE A 298 -4.04 -12.18 19.94
CA PHE A 298 -2.71 -12.31 20.50
C PHE A 298 -1.71 -12.86 19.49
N GLN A 299 -2.09 -13.95 18.83
CA GLN A 299 -1.18 -14.63 17.90
C GLN A 299 -0.85 -13.76 16.69
N THR A 300 -1.84 -13.05 16.19
CA THR A 300 -1.67 -12.22 15.00
C THR A 300 -0.80 -11.00 15.33
N SER A 301 -1.04 -10.39 16.50
CA SER A 301 -0.24 -9.25 16.94
C SER A 301 1.24 -9.64 17.09
N ARG A 302 1.48 -10.80 17.69
CA ARG A 302 2.83 -11.33 17.82
C ARG A 302 3.53 -11.46 16.46
N LEU A 303 2.83 -12.02 15.48
CA LEU A 303 3.40 -12.13 14.14
C LEU A 303 3.74 -10.74 13.57
N ILE A 304 2.87 -9.77 13.84
CA ILE A 304 3.09 -8.41 13.35
C ILE A 304 4.30 -7.77 14.01
N LEU A 305 4.41 -7.92 15.33
CA LEU A 305 5.55 -7.36 16.05
C LEU A 305 6.86 -8.05 15.64
N ILE A 306 6.79 -9.35 15.37
CA ILE A 306 7.92 -10.06 14.80
C ILE A 306 8.34 -9.37 13.50
N GLY A 307 7.36 -9.06 12.66
CA GLY A 307 7.59 -8.34 11.43
C GLY A 307 8.18 -6.95 11.63
N GLU A 308 7.59 -6.17 12.54
CA GLU A 308 8.09 -4.83 12.83
C GLU A 308 9.54 -4.89 13.31
N THR A 309 9.83 -5.89 14.13
CA THR A 309 11.17 -6.06 14.67
C THR A 309 12.19 -6.26 13.53
N ILE A 310 11.91 -7.21 12.64
CA ILE A 310 12.81 -7.47 11.52
C ILE A 310 12.98 -6.22 10.65
N LYS A 311 11.87 -5.53 10.37
CA LYS A 311 11.88 -4.29 9.60
C LYS A 311 12.81 -3.24 10.21
N ILE A 312 12.53 -2.91 11.47
CA ILE A 312 13.27 -1.88 12.18
C ILE A 312 14.75 -2.26 12.30
N VAL A 313 15.02 -3.53 12.58
CA VAL A 313 16.39 -4.02 12.68
C VAL A 313 17.17 -3.79 11.38
N ILE A 314 16.54 -4.07 10.25
CA ILE A 314 17.21 -3.92 8.97
C ILE A 314 17.31 -2.45 8.52
N GLU A 315 16.20 -1.73 8.59
CA GLU A 315 16.14 -0.39 7.98
C GLU A 315 16.53 0.77 8.90
N ASP A 316 16.68 0.52 10.19
CA ASP A 316 17.11 1.55 11.12
C ASP A 316 18.38 1.15 11.86
N TYR A 317 18.32 -0.01 12.52
CA TYR A 317 19.39 -0.49 13.39
C TYR A 317 20.63 -0.82 12.59
N VAL A 318 20.51 -1.77 11.67
CA VAL A 318 21.65 -2.18 10.87
C VAL A 318 22.03 -1.09 9.87
N GLN A 319 21.03 -0.37 9.36
CA GLN A 319 21.27 0.75 8.47
C GLN A 319 22.28 1.73 9.08
N HIS A 320 22.09 2.03 10.37
CA HIS A 320 22.97 2.96 11.07
C HIS A 320 24.38 2.41 11.24
N LEU A 321 24.51 1.23 11.84
CA LEU A 321 25.81 0.68 12.19
C LEU A 321 26.67 0.38 10.96
N SER A 322 26.01 0.02 9.85
CA SER A 322 26.72 -0.29 8.63
C SER A 322 27.43 0.94 8.09
N GLY A 323 26.81 2.10 8.26
CA GLY A 323 27.33 3.35 7.75
C GLY A 323 27.14 3.49 6.26
N TYR A 324 26.35 2.59 5.67
CA TYR A 324 26.19 2.57 4.22
C TYR A 324 25.32 3.72 3.76
N HIS A 325 25.70 4.31 2.63
CA HIS A 325 24.87 5.33 1.99
C HIS A 325 23.66 4.68 1.33
N PHE A 326 23.86 3.45 0.84
CA PHE A 326 22.77 2.67 0.27
C PHE A 326 21.70 2.42 1.33
N LYS A 327 20.43 2.52 0.92
CA LYS A 327 19.34 2.36 1.86
C LYS A 327 18.80 0.93 1.88
N LEU A 328 19.21 0.16 2.89
CA LEU A 328 18.80 -1.23 3.03
C LEU A 328 17.28 -1.40 3.04
N LYS A 329 16.82 -2.59 2.66
CA LYS A 329 15.39 -2.82 2.49
C LYS A 329 14.96 -4.19 3.00
N PHE A 330 13.93 -4.18 3.86
CA PHE A 330 13.32 -5.44 4.31
C PHE A 330 12.24 -5.80 3.30
N ASP A 331 12.47 -6.88 2.58
CA ASP A 331 11.53 -7.34 1.57
C ASP A 331 11.79 -8.81 1.27
N PRO A 332 11.08 -9.69 1.96
CA PRO A 332 11.20 -11.14 1.79
C PRO A 332 11.05 -11.58 0.33
N GLU A 333 10.23 -10.87 -0.43
CA GLU A 333 9.98 -11.19 -1.84
C GLU A 333 11.26 -11.31 -2.67
N LEU A 334 12.30 -10.58 -2.27
CA LEU A 334 13.57 -10.58 -3.00
C LEU A 334 14.28 -11.93 -3.01
N LEU A 335 13.87 -12.83 -2.11
CA LEU A 335 14.48 -14.15 -1.99
C LEU A 335 13.65 -15.27 -2.63
N PHE A 336 12.41 -14.95 -3.02
CA PHE A 336 11.45 -15.96 -3.49
C PHE A 336 11.90 -16.77 -4.72
N ASN A 337 12.83 -16.22 -5.49
CA ASN A 337 13.38 -16.91 -6.65
C ASN A 337 14.85 -17.29 -6.45
N GLN A 338 15.30 -17.26 -5.20
CA GLN A 338 16.69 -17.56 -4.90
C GLN A 338 16.78 -18.81 -4.04
N GLN A 339 17.92 -19.48 -4.08
CA GLN A 339 18.19 -20.57 -3.16
C GLN A 339 18.44 -19.99 -1.77
N PHE A 340 17.61 -20.37 -0.80
CA PHE A 340 17.74 -19.85 0.55
C PHE A 340 16.98 -20.74 1.53
N GLN A 341 17.59 -21.01 2.68
CA GLN A 341 16.98 -21.86 3.69
C GLN A 341 16.28 -21.05 4.78
N TYR A 342 14.95 -21.17 4.84
CA TYR A 342 14.17 -20.52 5.90
C TYR A 342 14.29 -21.26 7.23
N GLN A 343 15.48 -21.21 7.80
CA GLN A 343 15.74 -21.71 9.14
C GLN A 343 16.98 -21.00 9.66
N ASN A 344 17.24 -21.12 10.95
CA ASN A 344 18.45 -20.54 11.51
C ASN A 344 18.88 -21.22 12.79
N ARG A 345 20.18 -21.17 13.05
CA ARG A 345 20.72 -21.67 14.30
C ARG A 345 21.76 -20.68 14.82
N ILE A 346 21.58 -20.24 16.07
CA ILE A 346 22.44 -19.22 16.66
C ILE A 346 23.86 -19.73 16.87
N ALA A 347 24.83 -19.08 16.24
CA ALA A 347 26.22 -19.48 16.37
C ALA A 347 26.85 -18.87 17.61
N SER A 348 27.70 -19.65 18.28
CA SER A 348 28.39 -19.21 19.48
C SER A 348 29.25 -17.97 19.17
N GLU A 349 29.82 -17.95 17.98
CA GLU A 349 30.70 -16.86 17.58
C GLU A 349 29.92 -15.56 17.40
N PHE A 350 28.67 -15.67 16.98
CA PHE A 350 27.80 -14.50 16.84
C PHE A 350 27.61 -13.85 18.20
N ASN A 351 27.30 -14.69 19.19
CA ASN A 351 27.19 -14.28 20.57
C ASN A 351 28.47 -13.60 21.06
N THR A 352 29.60 -14.20 20.75
CA THR A 352 30.88 -13.68 21.22
C THR A 352 31.21 -12.32 20.63
N LEU A 353 31.07 -12.19 19.31
CA LEU A 353 31.33 -10.91 18.65
C LEU A 353 30.37 -9.81 19.10
N TYR A 354 29.18 -10.19 19.56
CA TYR A 354 28.15 -9.20 19.89
C TYR A 354 28.30 -8.66 21.31
N HIS A 355 29.40 -8.99 21.98
CA HIS A 355 29.67 -8.42 23.28
C HIS A 355 30.15 -6.97 23.13
N TRP A 356 29.24 -6.08 22.82
CA TRP A 356 29.56 -4.76 22.54
C TRP A 356 29.51 -3.83 23.75
N HIS A 357 30.08 -4.28 24.84
CA HIS A 357 30.15 -3.50 26.07
C HIS A 357 30.88 -2.15 26.02
N PRO A 358 31.86 -1.93 25.15
CA PRO A 358 32.46 -0.62 25.04
C PRO A 358 31.47 0.47 24.67
N LEU A 359 30.33 0.10 24.11
CA LEU A 359 29.27 1.02 23.78
C LEU A 359 28.81 1.82 24.94
N LEU A 360 28.89 1.23 26.10
CA LEU A 360 28.47 1.85 27.31
C LEU A 360 29.27 3.03 27.83
N PRO A 361 28.44 3.99 28.42
CA PRO A 361 29.14 5.15 28.97
C PRO A 361 29.66 4.99 30.37
N ASP A 362 30.39 5.96 30.93
CA ASP A 362 30.81 5.81 32.31
C ASP A 362 29.68 6.15 33.28
N THR A 363 28.82 7.07 32.85
CA THR A 363 27.60 7.37 33.57
C THR A 363 26.43 7.44 32.62
N PHE A 364 25.24 7.21 33.13
CA PHE A 364 24.04 7.26 32.31
C PHE A 364 23.31 8.58 32.56
N ASN A 365 23.23 9.40 31.52
CA ASN A 365 22.68 10.75 31.63
C ASN A 365 21.20 10.82 31.27
N ILE A 366 20.34 10.96 32.28
CA ILE A 366 18.92 11.11 32.05
C ILE A 366 18.47 12.45 32.61
N GLU A 367 18.06 13.35 31.75
CA GLU A 367 17.89 14.78 32.00
C GLU A 367 19.01 15.38 32.79
N ASP A 368 18.69 15.85 33.98
CA ASP A 368 19.67 16.47 34.87
C ASP A 368 20.66 15.48 35.48
N GLN A 369 20.20 14.29 35.81
CA GLN A 369 21.00 13.33 36.57
C GLN A 369 22.11 12.65 35.75
N GLU A 370 23.17 12.26 36.44
CA GLU A 370 24.22 11.42 35.87
C GLU A 370 24.34 10.19 36.75
N TYR A 371 23.80 9.06 36.33
CA TYR A 371 23.83 7.85 37.15
C TYR A 371 25.06 7.01 36.91
N SER A 372 25.64 6.50 38.00
CA SER A 372 26.72 5.54 37.93
C SER A 372 26.11 4.17 37.69
N PHE A 373 26.95 3.19 37.42
CA PHE A 373 26.49 1.82 37.20
C PHE A 373 25.70 1.26 38.38
N LYS A 374 26.24 1.43 39.59
CA LYS A 374 25.60 0.87 40.78
C LYS A 374 24.26 1.53 41.07
N GLN A 375 24.12 2.79 40.66
CA GLN A 375 22.85 3.49 40.83
C GLN A 375 21.88 3.04 39.76
N PHE A 376 22.42 2.71 38.59
CA PHE A 376 21.60 2.40 37.43
C PHE A 376 21.10 0.96 37.45
N LEU A 377 22.00 0.02 37.69
CA LEU A 377 21.67 -1.40 37.59
C LEU A 377 20.55 -1.83 38.53
N TYR A 378 19.59 -2.54 37.98
CA TYR A 378 18.53 -3.09 38.74
C TYR A 378 17.66 -2.05 39.36
N ASN A 379 17.66 -0.86 38.79
CA ASN A 379 16.90 0.27 39.32
C ASN A 379 15.81 0.75 38.40
N ASN A 380 14.62 0.26 38.63
CA ASN A 380 13.49 0.67 37.83
C ASN A 380 12.79 1.89 38.35
N SER A 381 13.17 2.33 39.54
CA SER A 381 12.67 3.58 40.10
C SER A 381 13.00 4.73 39.17
N ILE A 382 14.16 4.62 38.54
CA ILE A 382 14.65 5.65 37.66
C ILE A 382 13.74 5.80 36.45
N LEU A 383 13.30 4.67 35.91
CA LEU A 383 12.35 4.68 34.80
C LEU A 383 11.04 5.34 35.21
N LEU A 384 10.56 5.05 36.41
CA LEU A 384 9.31 5.63 36.90
C LEU A 384 9.47 7.11 37.17
N GLU A 385 10.63 7.48 37.69
CA GLU A 385 10.89 8.85 38.08
C GLU A 385 10.87 9.76 36.87
N HIS A 386 11.55 9.35 35.81
CA HIS A 386 11.71 10.21 34.65
C HIS A 386 10.64 9.96 33.61
N GLY A 387 10.14 8.73 33.55
CA GLY A 387 9.13 8.38 32.58
C GLY A 387 9.75 8.04 31.24
N LEU A 388 8.95 7.44 30.36
CA LEU A 388 9.42 6.96 29.07
C LEU A 388 9.91 8.07 28.15
N THR A 389 9.23 9.20 28.17
CA THR A 389 9.54 10.30 27.26
C THR A 389 10.92 10.90 27.54
N GLN A 390 11.21 11.15 28.81
CA GLN A 390 12.51 11.66 29.21
C GLN A 390 13.62 10.64 28.89
N PHE A 391 13.31 9.35 29.06
CA PHE A 391 14.27 8.29 28.76
C PHE A 391 14.68 8.31 27.29
N VAL A 392 13.69 8.30 26.42
CA VAL A 392 13.93 8.39 24.99
C VAL A 392 14.70 9.66 24.61
N GLU A 393 14.24 10.81 25.11
CA GLU A 393 14.89 12.08 24.80
C GLU A 393 16.34 12.12 25.28
N SER A 394 16.59 11.66 26.50
CA SER A 394 17.93 11.64 27.05
C SER A 394 18.82 10.64 26.34
N PHE A 395 18.32 9.42 26.14
CA PHE A 395 19.07 8.35 25.50
C PHE A 395 19.44 8.71 24.06
N THR A 396 18.59 9.49 23.41
CA THR A 396 18.82 9.89 22.02
C THR A 396 19.99 10.85 21.96
N ARG A 397 20.17 11.61 23.06
CA ARG A 397 21.19 12.64 23.14
C ARG A 397 22.56 12.14 23.61
N GLN A 398 22.60 11.03 24.34
CA GLN A 398 23.87 10.59 24.91
C GLN A 398 24.65 9.72 23.93
N ILE A 399 25.92 10.06 23.75
CA ILE A 399 26.81 9.36 22.83
C ILE A 399 27.25 8.02 23.43
N ALA A 400 27.35 7.00 22.58
CA ALA A 400 27.86 5.70 22.97
C ALA A 400 29.36 5.59 22.65
N GLY A 401 30.02 4.59 23.25
CA GLY A 401 31.44 4.41 23.05
C GLY A 401 31.78 3.66 21.77
N ARG A 402 33.03 3.77 21.35
CA ARG A 402 33.50 3.04 20.18
C ARG A 402 33.77 1.61 20.61
N VAL A 403 33.50 0.65 19.73
CA VAL A 403 33.69 -0.75 20.09
C VAL A 403 35.08 -1.24 19.72
N ALA A 404 35.44 -1.13 18.44
CA ALA A 404 36.79 -1.45 18.01
C ALA A 404 37.74 -0.29 18.36
N GLY A 405 39.03 -0.46 18.05
CA GLY A 405 39.99 0.58 18.31
C GLY A 405 40.73 0.38 19.62
N GLY A 406 40.21 -0.54 20.44
CA GLY A 406 40.87 -0.92 21.68
C GLY A 406 40.58 -0.03 22.86
N ARG A 407 40.84 -0.56 24.05
CA ARG A 407 40.79 0.20 25.30
C ARG A 407 39.53 0.99 25.56
N ASN A 408 38.37 0.42 25.30
CA ASN A 408 37.14 1.15 25.58
C ASN A 408 36.13 0.37 26.41
N VAL A 409 36.55 -0.73 27.02
CA VAL A 409 35.66 -1.48 27.89
C VAL A 409 35.57 -0.77 29.23
N PRO A 410 34.38 -0.28 29.59
CA PRO A 410 34.22 0.39 30.89
C PRO A 410 34.64 -0.54 32.02
N ILE A 411 35.32 0.01 33.01
CA ILE A 411 35.86 -0.76 34.12
C ILE A 411 34.77 -1.49 34.89
N ALA A 412 33.59 -0.88 34.95
CA ALA A 412 32.45 -1.42 35.70
C ALA A 412 32.12 -2.85 35.29
N VAL A 413 32.31 -3.17 34.02
CA VAL A 413 32.00 -4.51 33.52
C VAL A 413 33.26 -5.27 33.10
N GLN A 414 34.35 -5.04 33.81
CA GLN A 414 35.61 -5.69 33.47
C GLN A 414 35.54 -7.21 33.64
N ALA A 415 34.70 -7.65 34.59
CA ALA A 415 34.56 -9.07 34.85
C ALA A 415 33.89 -9.75 33.66
N VAL A 416 32.98 -9.03 33.03
CA VAL A 416 32.29 -9.54 31.84
C VAL A 416 33.25 -9.70 30.66
N ALA A 417 34.06 -8.68 30.41
CA ALA A 417 34.99 -8.71 29.29
C ALA A 417 36.00 -9.83 29.49
N LYS A 418 36.39 -10.05 30.74
CA LYS A 418 37.29 -11.13 31.08
C LYS A 418 36.61 -12.49 30.84
N ALA A 419 35.38 -12.62 31.33
CA ALA A 419 34.59 -13.83 31.18
C ALA A 419 34.45 -14.23 29.71
N SER A 420 34.28 -13.23 28.84
CA SER A 420 34.19 -13.48 27.41
C SER A 420 35.46 -14.13 26.89
N ILE A 421 36.61 -13.69 27.41
CA ILE A 421 37.90 -14.25 26.99
C ILE A 421 38.06 -15.69 27.46
N ASP A 422 37.82 -15.91 28.75
CA ASP A 422 38.00 -17.21 29.36
C ASP A 422 37.02 -18.25 28.82
N GLN A 423 35.78 -17.83 28.62
CA GLN A 423 34.77 -18.76 28.12
C GLN A 423 35.03 -19.11 26.65
N SER A 424 35.65 -18.20 25.92
CA SER A 424 36.07 -18.50 24.55
C SER A 424 37.12 -19.59 24.56
N ARG A 425 38.04 -19.52 25.51
CA ARG A 425 39.09 -20.51 25.65
C ARG A 425 38.49 -21.81 26.13
N GLU A 426 37.54 -21.69 27.06
CA GLU A 426 36.84 -22.84 27.61
C GLU A 426 36.11 -23.61 26.51
N MET A 427 35.49 -22.87 25.59
CA MET A 427 34.80 -23.46 24.45
C MET A 427 35.73 -23.88 23.32
N LYS A 428 37.04 -23.75 23.55
CA LYS A 428 38.07 -24.16 22.58
C LYS A 428 37.98 -23.45 21.22
N TYR A 429 37.77 -22.14 21.25
CA TYR A 429 37.73 -21.37 20.00
C TYR A 429 39.06 -21.46 19.25
N GLN A 430 38.98 -21.62 17.94
CA GLN A 430 40.16 -21.46 17.11
C GLN A 430 40.61 -19.99 17.10
N SER A 431 41.76 -19.72 16.49
CA SER A 431 42.36 -18.38 16.54
C SER A 431 41.61 -17.37 15.68
N LEU A 432 41.98 -16.10 15.83
CA LEU A 432 41.42 -15.02 15.02
C LEU A 432 41.59 -15.25 13.53
N ASN A 433 42.83 -15.57 13.13
CA ASN A 433 43.13 -15.82 11.72
C ASN A 433 42.38 -17.01 11.14
N GLU A 434 42.11 -18.01 11.96
CA GLU A 434 41.33 -19.16 11.51
C GLU A 434 39.92 -18.69 11.13
N TYR A 435 39.37 -17.80 11.95
CA TYR A 435 38.06 -17.27 11.69
C TYR A 435 38.02 -16.31 10.50
N ARG A 436 39.13 -15.62 10.27
CA ARG A 436 39.21 -14.70 9.14
C ARG A 436 39.22 -15.45 7.82
N LYS A 437 40.02 -16.53 7.76
CA LYS A 437 40.04 -17.38 6.57
C LYS A 437 38.67 -17.98 6.30
N ARG A 438 38.02 -18.41 7.38
CA ARG A 438 36.70 -19.02 7.31
C ARG A 438 35.64 -18.07 6.76
N PHE A 439 35.78 -16.78 7.05
CA PHE A 439 34.87 -15.78 6.49
C PHE A 439 35.50 -15.01 5.33
N SER A 440 36.39 -15.70 4.61
CA SER A 440 36.97 -15.20 3.37
C SER A 440 37.73 -13.88 3.50
N LEU A 441 38.46 -13.73 4.60
CA LEU A 441 39.30 -12.54 4.81
C LEU A 441 40.75 -12.97 4.88
N LYS A 442 41.67 -12.09 4.47
CA LYS A 442 43.10 -12.41 4.57
C LYS A 442 43.57 -12.33 6.02
N PRO A 443 44.41 -13.28 6.45
CA PRO A 443 44.91 -13.30 7.83
C PRO A 443 45.88 -12.15 8.10
N TYR A 444 45.74 -11.51 9.26
CA TYR A 444 46.68 -10.48 9.68
C TYR A 444 48.07 -11.08 9.84
N THR A 445 49.06 -10.46 9.21
CA THR A 445 50.43 -10.99 9.22
C THR A 445 51.26 -10.43 10.37
N SER A 446 50.66 -9.57 11.18
CA SER A 446 51.31 -9.02 12.35
C SER A 446 50.29 -8.34 13.25
N PHE A 447 50.70 -8.07 14.49
CA PHE A 447 49.82 -7.41 15.44
C PHE A 447 49.59 -5.95 15.09
N GLU A 448 50.60 -5.33 14.48
CA GLU A 448 50.48 -3.94 14.05
C GLU A 448 49.48 -3.77 12.91
N GLU A 449 49.33 -4.80 12.09
CA GLU A 449 48.37 -4.75 11.00
C GLU A 449 46.96 -4.86 11.53
N LEU A 450 46.80 -5.57 12.64
CA LEU A 450 45.51 -5.75 13.29
C LEU A 450 45.01 -4.47 13.94
N THR A 451 45.89 -3.82 14.71
CA THR A 451 45.50 -2.63 15.47
C THR A 451 45.54 -1.37 14.63
N GLY A 452 46.44 -1.34 13.65
CA GLY A 452 46.64 -0.16 12.83
C GLY A 452 47.50 0.86 13.56
N GLU A 453 47.98 0.47 14.74
CA GLU A 453 48.88 1.31 15.52
C GLU A 453 50.05 0.49 16.05
N LYS A 454 50.68 0.96 17.12
CA LYS A 454 51.96 0.39 17.53
C LYS A 454 52.03 0.01 19.00
N GLU A 455 51.46 0.84 19.87
CA GLU A 455 51.55 0.61 21.31
C GLU A 455 50.77 -0.63 21.76
N MET A 456 49.51 -0.76 21.35
CA MET A 456 48.72 -1.95 21.67
C MET A 456 49.25 -3.18 20.95
N ALA A 457 49.73 -2.98 19.72
CA ALA A 457 50.29 -4.06 18.93
C ALA A 457 51.48 -4.69 19.66
N ALA A 458 52.43 -3.87 20.06
CA ALA A 458 53.62 -4.32 20.78
C ALA A 458 53.24 -5.00 22.10
N GLU A 459 52.20 -4.46 22.72
CA GLU A 459 51.69 -4.97 23.99
C GLU A 459 51.12 -6.39 23.80
N LEU A 460 50.45 -6.61 22.68
CA LEU A 460 49.92 -7.93 22.33
C LEU A 460 51.02 -8.85 21.82
N LYS A 461 51.98 -8.27 21.11
CA LYS A 461 53.10 -9.02 20.54
C LYS A 461 53.85 -9.78 21.61
N ALA A 462 54.03 -9.12 22.76
CA ALA A 462 54.79 -9.68 23.87
C ALA A 462 53.97 -10.69 24.65
N LEU A 463 52.67 -10.66 24.46
CA LEU A 463 51.79 -11.60 25.13
C LEU A 463 51.54 -12.86 24.30
N TYR A 464 51.30 -12.68 23.01
CA TYR A 464 50.93 -13.80 22.14
C TYR A 464 52.07 -14.35 21.27
N SER A 465 53.17 -13.61 21.19
CA SER A 465 54.30 -13.98 20.33
C SER A 465 53.91 -14.06 18.85
N ASP A 466 53.02 -14.97 18.56
CA ASP A 466 52.60 -15.23 17.20
C ASP A 466 51.26 -14.61 16.90
N ILE A 467 51.14 -14.02 15.72
CA ILE A 467 49.87 -13.41 15.35
C ILE A 467 48.79 -14.47 15.17
N ASP A 468 49.19 -15.65 14.70
CA ASP A 468 48.24 -16.73 14.44
C ASP A 468 47.75 -17.36 15.73
N VAL A 469 48.08 -16.73 16.86
CA VAL A 469 47.65 -17.22 18.17
C VAL A 469 46.70 -16.19 18.79
N MET A 470 46.61 -15.03 18.17
CA MET A 470 45.71 -13.98 18.63
C MET A 470 44.27 -14.51 18.68
N GLU A 471 43.58 -14.26 19.79
CA GLU A 471 42.21 -14.75 20.00
C GLU A 471 41.14 -13.87 19.35
N LEU A 472 40.02 -14.49 18.98
CA LEU A 472 38.97 -13.79 18.25
C LEU A 472 38.35 -12.65 19.06
N TYR A 473 37.95 -12.94 20.29
CA TYR A 473 37.24 -11.94 21.09
C TYR A 473 38.03 -10.65 21.40
N PRO A 474 39.27 -10.75 21.90
CA PRO A 474 40.04 -9.51 22.10
C PRO A 474 40.35 -8.78 20.78
N ALA A 475 40.46 -9.52 19.68
CA ALA A 475 40.86 -8.93 18.42
C ALA A 475 39.88 -7.90 17.85
N LEU A 476 38.60 -8.25 17.83
CA LEU A 476 37.59 -7.38 17.24
C LEU A 476 37.46 -6.07 18.00
N LEU A 477 37.72 -6.14 19.31
CA LEU A 477 37.65 -4.97 20.17
C LEU A 477 38.89 -4.09 20.06
N VAL A 478 39.98 -4.66 19.57
CA VAL A 478 41.24 -3.93 19.45
C VAL A 478 41.56 -3.67 17.98
N GLU A 479 40.76 -4.26 17.10
CA GLU A 479 40.97 -4.18 15.66
C GLU A 479 40.92 -2.73 15.19
N LYS A 480 41.78 -2.40 14.23
CA LYS A 480 41.77 -1.10 13.60
C LYS A 480 40.41 -0.86 13.00
N PRO A 481 39.74 0.21 13.43
CA PRO A 481 38.41 0.49 12.90
C PRO A 481 38.51 0.92 11.44
N ARG A 482 37.41 0.76 10.71
CA ARG A 482 37.28 1.41 9.40
C ARG A 482 37.28 2.93 9.64
N PRO A 483 37.58 3.71 8.60
CA PRO A 483 37.69 5.17 8.78
C PRO A 483 36.47 5.78 9.44
N ASP A 484 36.65 6.33 10.64
CA ASP A 484 35.56 6.96 11.40
C ASP A 484 34.40 6.01 11.69
N ALA A 485 34.68 4.71 11.72
CA ALA A 485 33.64 3.70 11.93
C ALA A 485 33.75 3.06 13.31
N ILE A 486 32.63 2.57 13.80
CA ILE A 486 32.56 1.96 15.13
C ILE A 486 33.22 0.56 15.16
N PHE A 487 33.20 -0.13 14.02
CA PHE A 487 33.66 -1.52 13.95
C PHE A 487 34.81 -1.71 12.96
N GLY A 488 35.66 -2.69 13.22
CA GLY A 488 36.69 -3.09 12.27
C GLY A 488 36.18 -4.11 11.26
N GLU A 489 37.07 -4.56 10.37
CA GLU A 489 36.70 -5.45 9.27
C GLU A 489 36.11 -6.78 9.72
N THR A 490 36.78 -7.43 10.66
CA THR A 490 36.37 -8.76 11.10
C THR A 490 34.99 -8.77 11.74
N MET A 491 34.69 -7.72 12.51
CA MET A 491 33.40 -7.59 13.19
C MET A 491 32.23 -7.61 12.19
N VAL A 492 32.35 -6.80 11.14
CA VAL A 492 31.30 -6.70 10.14
C VAL A 492 31.16 -7.96 9.30
N GLU A 493 32.29 -8.49 8.83
CA GLU A 493 32.26 -9.65 7.93
C GLU A 493 31.80 -10.93 8.63
N LEU A 494 31.93 -10.98 9.94
CA LEU A 494 31.44 -12.12 10.71
C LEU A 494 29.97 -11.91 11.08
N GLY A 495 29.66 -10.71 11.57
CA GLY A 495 28.34 -10.42 12.09
C GLY A 495 27.25 -10.34 11.05
N ALA A 496 27.58 -9.81 9.88
CA ALA A 496 26.61 -9.63 8.81
C ALA A 496 25.92 -10.92 8.35
N PRO A 497 26.71 -11.94 7.95
CA PRO A 497 26.02 -13.15 7.49
C PRO A 497 25.25 -13.86 8.61
N PHE A 498 25.75 -13.79 9.84
CA PHE A 498 25.05 -14.37 10.98
C PHE A 498 23.71 -13.68 11.17
N SER A 499 23.77 -12.35 11.15
CA SER A 499 22.58 -11.55 11.36
C SER A 499 21.52 -11.76 10.26
N LEU A 500 21.97 -11.80 9.01
CA LEU A 500 21.08 -12.01 7.87
C LEU A 500 20.25 -13.28 8.05
N LYS A 501 20.92 -14.40 8.29
CA LYS A 501 20.26 -15.67 8.54
C LYS A 501 19.27 -15.59 9.69
N GLY A 502 19.56 -14.72 10.65
CA GLY A 502 18.65 -14.51 11.77
C GLY A 502 17.35 -13.86 11.34
N LEU A 503 17.45 -12.76 10.60
CA LEU A 503 16.26 -12.00 10.20
C LEU A 503 15.54 -12.64 9.03
N MET A 504 16.29 -12.93 7.99
CA MET A 504 15.73 -13.48 6.76
C MET A 504 15.29 -14.95 6.90
N GLY A 505 16.00 -15.71 7.74
CA GLY A 505 15.64 -17.10 7.97
C GLY A 505 14.34 -17.33 8.73
N ASN A 506 13.80 -16.26 9.34
CA ASN A 506 12.52 -16.35 10.03
C ASN A 506 11.39 -16.85 9.11
N PRO A 507 10.52 -17.73 9.62
CA PRO A 507 9.45 -18.31 8.78
C PRO A 507 8.45 -17.30 8.24
N ILE A 508 8.31 -16.13 8.87
CA ILE A 508 7.36 -15.14 8.36
C ILE A 508 7.84 -14.55 7.04
N CYS A 509 9.12 -14.77 6.74
CA CYS A 509 9.69 -14.32 5.47
C CYS A 509 9.51 -15.37 4.36
N SER A 510 9.07 -16.56 4.74
CA SER A 510 8.85 -17.60 3.74
C SER A 510 7.61 -17.23 2.94
N PRO A 511 7.60 -17.60 1.64
CA PRO A 511 6.51 -17.24 0.72
C PRO A 511 5.12 -17.61 1.22
N GLN A 512 4.96 -18.69 1.96
CA GLN A 512 3.62 -19.07 2.42
C GLN A 512 3.16 -18.27 3.65
N TYR A 513 4.08 -17.56 4.28
CA TYR A 513 3.78 -16.69 5.41
C TYR A 513 3.69 -15.21 5.02
N TRP A 514 4.51 -14.78 4.07
CA TRP A 514 4.59 -13.37 3.72
C TRP A 514 3.43 -12.91 2.84
N LYS A 515 2.24 -12.89 3.43
CA LYS A 515 1.04 -12.42 2.75
C LYS A 515 0.13 -11.76 3.80
N PRO A 516 -0.70 -10.79 3.39
CA PRO A 516 -1.56 -10.01 4.30
C PRO A 516 -2.43 -10.84 5.25
N SER A 517 -2.97 -11.97 4.80
CA SER A 517 -3.86 -12.75 5.64
C SER A 517 -3.15 -13.40 6.83
N THR A 518 -1.83 -13.54 6.74
CA THR A 518 -1.04 -13.98 7.88
C THR A 518 -1.17 -12.96 9.00
N PHE A 519 -1.23 -11.70 8.61
CA PHE A 519 -1.10 -10.60 9.56
C PHE A 519 -2.42 -9.85 9.80
N GLY A 520 -3.53 -10.58 9.64
CA GLY A 520 -4.84 -10.04 9.92
C GLY A 520 -5.40 -9.20 8.78
N GLY A 521 -4.73 -9.24 7.63
CA GLY A 521 -5.16 -8.44 6.50
C GLY A 521 -4.22 -7.29 6.17
N GLU A 522 -4.74 -6.36 5.38
CA GLU A 522 -3.92 -5.33 4.76
C GLU A 522 -3.40 -4.31 5.76
N VAL A 523 -4.20 -3.99 6.77
CA VAL A 523 -3.78 -2.99 7.74
C VAL A 523 -2.67 -3.53 8.65
N GLY A 524 -2.72 -4.83 8.92
CA GLY A 524 -1.70 -5.47 9.73
C GLY A 524 -0.41 -5.61 8.95
N PHE A 525 -0.54 -5.91 7.66
CA PHE A 525 0.60 -6.05 6.77
C PHE A 525 1.31 -4.71 6.64
N LYS A 526 0.51 -3.65 6.66
CA LYS A 526 1.00 -2.30 6.49
C LYS A 526 1.80 -1.86 7.73
N ILE A 527 1.38 -2.32 8.90
CA ILE A 527 2.09 -2.06 10.14
C ILE A 527 3.55 -2.55 10.07
N ILE A 528 3.74 -3.75 9.53
CA ILE A 528 5.08 -4.30 9.38
C ILE A 528 5.88 -3.51 8.36
N ASN A 529 5.26 -3.25 7.21
CA ASN A 529 5.98 -2.63 6.11
C ASN A 529 6.23 -1.13 6.25
N THR A 530 5.56 -0.48 7.20
CA THR A 530 5.83 0.95 7.45
C THR A 530 6.43 1.20 8.84
N ALA A 531 6.94 0.14 9.48
CA ALA A 531 7.49 0.28 10.82
C ALA A 531 8.87 0.94 10.80
N SER A 532 9.18 1.66 11.87
CA SER A 532 10.48 2.28 12.03
C SER A 532 10.70 2.55 13.51
N ILE A 533 11.94 2.81 13.89
CA ILE A 533 12.24 3.14 15.28
C ILE A 533 11.50 4.42 15.72
N GLN A 534 11.37 5.38 14.80
CA GLN A 534 10.62 6.59 15.12
C GLN A 534 9.13 6.32 15.30
N SER A 535 8.54 5.50 14.44
CA SER A 535 7.12 5.21 14.55
C SER A 535 6.83 4.39 15.82
N LEU A 536 7.72 3.46 16.13
CA LEU A 536 7.61 2.67 17.36
C LEU A 536 7.55 3.59 18.59
N ILE A 537 8.46 4.56 18.64
CA ILE A 537 8.48 5.53 19.74
C ILE A 537 7.29 6.49 19.66
N CYS A 538 6.96 6.95 18.44
CA CYS A 538 5.90 7.92 18.27
C CYS A 538 4.51 7.38 18.63
N ASN A 539 4.28 6.10 18.42
CA ASN A 539 2.98 5.51 18.70
C ASN A 539 2.76 5.10 20.16
N ASN A 540 3.85 4.96 20.90
CA ASN A 540 3.75 4.41 22.25
C ASN A 540 4.33 5.27 23.36
N VAL A 541 5.00 6.36 22.99
CA VAL A 541 5.60 7.24 23.96
C VAL A 541 4.94 8.61 23.91
N LYS A 542 4.49 9.08 25.07
CA LYS A 542 3.74 10.33 25.18
C LYS A 542 4.50 11.52 24.61
N GLY A 543 3.84 12.28 23.74
CA GLY A 543 4.44 13.46 23.15
C GLY A 543 5.11 13.20 21.82
N CYS A 544 5.22 11.93 21.44
CA CYS A 544 5.91 11.53 20.22
C CYS A 544 7.28 12.18 20.12
N PRO A 545 8.19 11.86 21.06
CA PRO A 545 9.49 12.54 21.03
C PRO A 545 10.34 12.04 19.88
N PHE A 546 11.17 12.91 19.31
CA PHE A 546 12.07 12.49 18.25
C PHE A 546 13.06 11.45 18.76
N THR A 547 13.43 10.51 17.89
CA THR A 547 14.44 9.51 18.23
C THR A 547 15.21 9.09 17.01
N SER A 548 16.39 8.51 17.24
CA SER A 548 17.19 7.90 16.20
C SER A 548 18.25 7.10 16.90
N PHE A 549 19.02 6.33 16.13
CA PHE A 549 20.14 5.58 16.69
C PHE A 549 21.41 6.41 16.62
N ASN A 550 21.30 7.63 16.14
CA ASN A 550 22.45 8.49 16.17
C ASN A 550 22.21 9.85 16.80
N VAL A 551 23.29 10.42 17.30
CA VAL A 551 23.28 11.70 17.97
C VAL A 551 23.00 12.80 16.95
N GLN A 552 22.08 13.69 17.31
CA GLN A 552 21.75 14.81 16.43
C GLN A 552 22.61 16.03 16.75
N ALA B 1 -21.20 -20.18 12.19
CA ALA B 1 -21.00 -18.77 12.44
C ALA B 1 -19.82 -18.22 11.64
N ASN B 2 -18.67 -18.89 11.74
CA ASN B 2 -17.48 -18.50 10.99
C ASN B 2 -17.76 -18.47 9.49
N PRO B 3 -17.63 -17.29 8.87
CA PRO B 3 -17.90 -17.10 7.44
C PRO B 3 -16.93 -17.84 6.52
N CYS B 4 -15.95 -18.53 7.08
CA CYS B 4 -15.01 -19.31 6.27
C CYS B 4 -15.32 -20.81 6.33
N CYS B 5 -16.40 -21.16 7.03
CA CYS B 5 -16.76 -22.56 7.23
C CYS B 5 -16.98 -23.32 5.93
N SER B 6 -17.44 -22.63 4.90
CA SER B 6 -17.76 -23.29 3.62
C SER B 6 -16.52 -23.51 2.76
N ASN B 7 -15.35 -23.16 3.28
CA ASN B 7 -14.10 -23.20 2.52
C ASN B 7 -14.22 -22.54 1.15
N PRO B 8 -14.64 -21.26 1.11
CA PRO B 8 -14.99 -20.62 -0.16
C PRO B 8 -13.78 -20.36 -1.06
N CYS B 9 -12.61 -20.13 -0.47
CA CYS B 9 -11.43 -19.78 -1.24
C CYS B 9 -10.87 -21.01 -1.93
N GLN B 10 -10.58 -20.88 -3.22
CA GLN B 10 -10.09 -21.99 -4.02
C GLN B 10 -8.63 -21.80 -4.41
N ASN B 11 -8.05 -22.85 -4.99
CA ASN B 11 -6.68 -22.82 -5.50
C ASN B 11 -5.65 -22.40 -4.47
N ARG B 12 -5.86 -22.80 -3.23
CA ARG B 12 -4.93 -22.54 -2.15
C ARG B 12 -4.91 -21.11 -1.69
N GLY B 13 -5.99 -20.43 -1.91
CA GLY B 13 -6.17 -19.10 -1.35
C GLY B 13 -6.53 -19.23 0.12
N GLU B 14 -6.16 -18.23 0.92
CA GLU B 14 -6.43 -18.28 2.35
C GLU B 14 -7.65 -17.47 2.75
N CYS B 15 -8.53 -18.11 3.51
CA CYS B 15 -9.76 -17.45 3.96
C CYS B 15 -9.55 -16.71 5.27
N MET B 16 -10.13 -15.51 5.36
CA MET B 16 -10.02 -14.68 6.55
C MET B 16 -11.33 -13.95 6.77
N SER B 17 -11.83 -13.98 7.98
CA SER B 17 -13.04 -13.24 8.32
C SER B 17 -12.77 -11.74 8.37
N THR B 18 -13.67 -10.95 7.79
CA THR B 18 -13.56 -9.49 7.85
C THR B 18 -14.78 -8.92 8.54
N GLY B 19 -15.31 -9.67 9.49
CA GLY B 19 -16.56 -9.33 10.15
C GLY B 19 -17.29 -10.60 10.52
N PHE B 20 -18.48 -10.47 11.09
CA PHE B 20 -19.23 -11.63 11.55
C PHE B 20 -19.82 -12.50 10.46
N ASP B 21 -20.20 -11.88 9.35
CA ASP B 21 -20.82 -12.61 8.27
C ASP B 21 -20.23 -12.23 6.93
N GLN B 22 -18.92 -11.98 6.93
CA GLN B 22 -18.20 -11.62 5.71
C GLN B 22 -16.80 -12.19 5.73
N TYR B 23 -16.24 -12.42 4.56
CA TYR B 23 -14.91 -13.00 4.45
C TYR B 23 -14.12 -12.41 3.29
N LYS B 24 -12.85 -12.76 3.23
CA LYS B 24 -11.95 -12.27 2.21
C LYS B 24 -10.97 -13.37 1.83
N CYS B 25 -10.69 -13.52 0.55
CA CYS B 25 -9.74 -14.52 0.11
C CYS B 25 -8.40 -13.90 -0.25
N ASP B 26 -7.33 -14.37 0.39
CA ASP B 26 -5.98 -13.94 0.04
C ASP B 26 -5.47 -14.80 -1.10
N CYS B 27 -5.46 -14.24 -2.31
CA CYS B 27 -5.09 -14.98 -3.51
C CYS B 27 -3.61 -14.88 -3.85
N THR B 28 -2.83 -14.31 -2.92
CA THR B 28 -1.39 -14.07 -3.13
C THR B 28 -0.62 -15.27 -3.69
N ARG B 29 -0.04 -15.10 -4.85
CA ARG B 29 0.78 -16.12 -5.46
C ARG B 29 0.08 -17.44 -5.82
N THR B 30 -1.23 -17.42 -5.93
CA THR B 30 -1.95 -18.63 -6.29
C THR B 30 -2.04 -18.79 -7.80
N GLY B 31 -1.86 -17.68 -8.53
CA GLY B 31 -2.02 -17.69 -9.97
C GLY B 31 -3.48 -17.48 -10.36
N PHE B 32 -4.30 -17.11 -9.38
CA PHE B 32 -5.71 -16.84 -9.59
C PHE B 32 -6.08 -15.53 -8.90
N TYR B 33 -7.18 -14.93 -9.31
CA TYR B 33 -7.75 -13.79 -8.60
C TYR B 33 -9.28 -13.89 -8.57
N GLY B 34 -9.93 -12.82 -8.14
CA GLY B 34 -11.38 -12.83 -7.96
C GLY B 34 -11.75 -13.12 -6.53
N GLU B 35 -13.04 -13.00 -6.21
CA GLU B 35 -13.53 -13.13 -4.84
C GLU B 35 -13.09 -14.43 -4.19
N ASN B 36 -13.26 -15.54 -4.89
CA ASN B 36 -12.92 -16.85 -4.35
C ASN B 36 -11.66 -17.43 -4.97
N CYS B 37 -10.86 -16.56 -5.59
CA CYS B 37 -9.61 -16.96 -6.23
C CYS B 37 -9.84 -18.05 -7.26
N THR B 38 -10.76 -17.81 -8.19
CA THR B 38 -11.16 -18.82 -9.16
C THR B 38 -10.81 -18.45 -10.60
N THR B 39 -10.94 -17.17 -10.95
CA THR B 39 -10.60 -16.73 -12.30
C THR B 39 -9.08 -16.70 -12.49
N PRO B 40 -8.58 -17.47 -13.47
CA PRO B 40 -7.13 -17.65 -13.55
C PRO B 40 -6.47 -16.47 -14.23
N GLU B 41 -5.20 -16.25 -13.90
CA GLU B 41 -4.40 -15.27 -14.61
C GLU B 41 -4.02 -15.87 -15.95
N PHE B 42 -3.44 -15.05 -16.81
CA PHE B 42 -3.10 -15.50 -18.16
C PHE B 42 -2.17 -16.71 -18.17
N LEU B 43 -1.04 -16.60 -17.47
CA LEU B 43 -0.06 -17.68 -17.44
C LEU B 43 -0.61 -18.96 -16.82
N THR B 44 -1.67 -18.82 -16.03
CA THR B 44 -2.27 -19.97 -15.34
C THR B 44 -3.01 -20.91 -16.30
N ARG B 45 -3.77 -20.34 -17.23
CA ARG B 45 -4.50 -21.16 -18.21
C ARG B 45 -3.52 -22.00 -19.03
N ILE B 46 -2.36 -21.44 -19.32
CA ILE B 46 -1.32 -22.18 -20.01
C ILE B 46 -0.97 -23.43 -19.23
N LYS B 47 -0.52 -23.24 -17.99
CA LYS B 47 -0.16 -24.34 -17.10
C LYS B 47 -1.26 -25.39 -17.04
N LEU B 48 -2.50 -24.94 -16.87
CA LEU B 48 -3.63 -25.85 -16.75
C LEU B 48 -3.88 -26.64 -18.03
N LEU B 49 -3.57 -26.03 -19.17
CA LEU B 49 -3.80 -26.68 -20.46
C LEU B 49 -2.60 -27.48 -20.93
N LEU B 50 -1.58 -27.55 -20.09
CA LEU B 50 -0.34 -28.21 -20.49
C LEU B 50 0.05 -29.32 -19.54
N LYS B 51 -0.57 -29.35 -18.36
CA LYS B 51 -0.24 -30.38 -17.41
C LYS B 51 -1.21 -31.55 -17.53
N PRO B 52 -0.67 -32.78 -17.53
CA PRO B 52 -1.51 -33.98 -17.47
C PRO B 52 -2.00 -34.32 -16.05
N THR B 53 -3.13 -35.04 -16.00
CA THR B 53 -3.71 -35.58 -14.76
C THR B 53 -2.75 -36.59 -14.12
N PRO B 54 -2.79 -36.72 -12.77
CA PRO B 54 -2.03 -37.76 -12.08
C PRO B 54 -2.21 -39.15 -12.70
N ASN B 55 -3.42 -39.47 -13.12
CA ASN B 55 -3.68 -40.76 -13.75
C ASN B 55 -2.93 -40.92 -15.06
N THR B 56 -2.83 -39.82 -15.80
CA THR B 56 -2.10 -39.83 -17.07
C THR B 56 -0.62 -40.06 -16.82
N VAL B 57 -0.07 -39.38 -15.82
CA VAL B 57 1.34 -39.55 -15.46
C VAL B 57 1.60 -40.96 -14.95
N HIS B 58 0.73 -41.44 -14.07
CA HIS B 58 0.87 -42.78 -13.51
C HIS B 58 0.83 -43.85 -14.60
N TYR B 59 0.05 -43.59 -15.63
CA TYR B 59 -0.03 -44.51 -16.75
C TYR B 59 1.32 -44.67 -17.41
N ILE B 60 1.93 -43.54 -17.73
CA ILE B 60 3.19 -43.50 -18.47
C ILE B 60 4.34 -44.05 -17.63
N LEU B 61 4.22 -43.92 -16.32
CA LEU B 61 5.24 -44.45 -15.42
C LEU B 61 5.08 -45.95 -15.24
N THR B 62 3.88 -46.47 -15.48
CA THR B 62 3.61 -47.90 -15.31
C THR B 62 3.44 -48.63 -16.62
N HIS B 63 3.63 -47.94 -17.74
CA HIS B 63 3.63 -48.62 -19.02
C HIS B 63 4.90 -48.27 -19.80
N PHE B 64 4.98 -48.75 -21.04
CA PHE B 64 6.16 -48.54 -21.89
C PHE B 64 7.43 -49.03 -21.20
N LYS B 65 7.33 -50.24 -20.66
CA LYS B 65 8.43 -50.93 -20.00
C LYS B 65 9.71 -50.88 -20.79
N GLY B 66 9.54 -51.09 -22.08
CA GLY B 66 10.62 -51.13 -23.02
C GLY B 66 11.35 -49.81 -23.03
N VAL B 67 10.60 -48.71 -23.12
CA VAL B 67 11.22 -47.40 -23.18
C VAL B 67 11.95 -47.05 -21.88
N TRP B 68 11.33 -47.38 -20.74
CA TRP B 68 11.90 -47.06 -19.44
C TRP B 68 13.17 -47.85 -19.21
N ASN B 69 13.24 -49.04 -19.80
CA ASN B 69 14.42 -49.89 -19.69
C ASN B 69 15.63 -49.29 -20.40
N ILE B 70 15.37 -48.43 -21.37
CA ILE B 70 16.44 -47.72 -22.05
C ILE B 70 16.87 -46.52 -21.20
N VAL B 71 15.88 -45.78 -20.69
CA VAL B 71 16.16 -44.64 -19.84
C VAL B 71 16.93 -45.05 -18.59
N ASN B 72 16.56 -46.19 -18.02
CA ASN B 72 17.19 -46.67 -16.81
C ASN B 72 18.68 -46.97 -16.96
N ASN B 73 19.09 -47.30 -18.18
CA ASN B 73 20.48 -47.63 -18.44
C ASN B 73 21.25 -46.51 -19.13
N ILE B 74 20.73 -45.30 -19.00
CA ILE B 74 21.44 -44.09 -19.41
C ILE B 74 21.44 -43.14 -18.23
N PRO B 75 22.50 -43.22 -17.40
CA PRO B 75 22.64 -42.43 -16.17
C PRO B 75 22.28 -40.97 -16.38
N PHE B 76 22.71 -40.41 -17.51
CA PHE B 76 22.36 -39.05 -17.85
C PHE B 76 20.87 -38.83 -17.85
N LEU B 77 20.17 -39.71 -18.55
CA LEU B 77 18.73 -39.58 -18.72
C LEU B 77 17.99 -39.88 -17.42
N ARG B 78 18.41 -40.95 -16.76
CA ARG B 78 17.78 -41.38 -15.52
C ARG B 78 17.86 -40.25 -14.50
N SER B 79 19.05 -39.69 -14.35
CA SER B 79 19.30 -38.61 -13.42
C SER B 79 18.46 -37.37 -13.76
N LEU B 80 18.34 -37.09 -15.05
CA LEU B 80 17.59 -35.96 -15.53
C LEU B 80 16.10 -36.13 -15.22
N ILE B 81 15.61 -37.35 -15.34
CA ILE B 81 14.20 -37.61 -15.09
C ILE B 81 13.91 -37.58 -13.61
N MET B 82 14.81 -38.15 -12.82
CA MET B 82 14.67 -38.13 -11.37
C MET B 82 14.62 -36.69 -10.84
N LYS B 83 15.52 -35.85 -11.33
CA LYS B 83 15.53 -34.44 -10.94
C LYS B 83 14.17 -33.81 -11.20
N TYR B 84 13.54 -34.18 -12.31
CA TYR B 84 12.27 -33.58 -12.66
C TYR B 84 11.11 -34.06 -11.78
N VAL B 85 11.14 -35.31 -11.33
CA VAL B 85 10.07 -35.78 -10.46
C VAL B 85 10.27 -35.15 -9.09
N LEU B 86 11.52 -34.91 -8.77
CA LEU B 86 11.92 -34.42 -7.47
C LEU B 86 11.36 -33.02 -7.26
N THR B 87 11.31 -32.25 -8.34
CA THR B 87 10.86 -30.86 -8.27
C THR B 87 9.36 -30.72 -8.51
N SER B 88 8.80 -31.61 -9.33
CA SER B 88 7.38 -31.56 -9.65
C SER B 88 6.54 -32.04 -8.48
N ARG B 89 7.21 -32.50 -7.44
CA ARG B 89 6.56 -33.05 -6.26
C ARG B 89 6.82 -32.15 -5.08
N SER B 90 7.26 -30.93 -5.35
CA SER B 90 7.81 -30.10 -4.30
C SER B 90 7.35 -28.66 -4.45
N TYR B 91 6.03 -28.51 -4.45
CA TYR B 91 5.41 -27.21 -4.54
C TYR B 91 4.11 -27.39 -3.77
N LEU B 92 3.96 -28.58 -3.20
CA LEU B 92 2.70 -28.97 -2.61
C LEU B 92 2.69 -28.85 -1.10
N ILE B 93 3.83 -29.08 -0.48
CA ILE B 93 3.93 -29.05 0.97
C ILE B 93 4.41 -27.68 1.44
N ASP B 94 3.75 -27.14 2.45
CA ASP B 94 4.15 -25.87 3.05
C ASP B 94 5.38 -26.10 3.94
N SER B 95 6.51 -25.51 3.56
CA SER B 95 7.75 -25.70 4.31
C SER B 95 8.54 -24.38 4.35
N PRO B 96 8.69 -23.78 5.54
CA PRO B 96 8.26 -24.17 6.89
C PRO B 96 6.75 -24.37 7.03
N PRO B 97 6.31 -25.20 7.99
CA PRO B 97 4.91 -25.60 8.12
C PRO B 97 4.02 -24.47 8.61
N THR B 98 2.72 -24.68 8.58
CA THR B 98 1.72 -23.70 8.91
C THR B 98 0.71 -24.17 9.93
N TYR B 99 -0.41 -24.74 9.50
CA TYR B 99 -1.51 -25.04 10.42
C TYR B 99 -1.30 -26.28 11.27
N ASN B 100 -2.02 -26.36 12.39
CA ASN B 100 -2.16 -27.63 13.11
C ASN B 100 -3.58 -27.84 13.64
N VAL B 101 -3.77 -28.87 14.45
CA VAL B 101 -5.09 -29.20 15.00
C VAL B 101 -5.74 -28.04 15.75
N HIS B 102 -4.94 -27.20 16.39
CA HIS B 102 -5.49 -26.10 17.18
C HIS B 102 -5.47 -24.74 16.46
N TYR B 103 -4.87 -24.67 15.28
CA TYR B 103 -4.75 -23.39 14.58
C TYR B 103 -5.12 -23.45 13.10
N GLY B 104 -6.28 -22.86 12.78
CA GLY B 104 -6.75 -22.77 11.41
C GLY B 104 -6.25 -21.51 10.72
N TYR B 105 -5.35 -20.82 11.39
CA TYR B 105 -4.65 -19.65 10.84
C TYR B 105 -3.19 -19.77 11.24
N LYS B 106 -2.29 -19.07 10.55
CA LYS B 106 -0.87 -19.14 10.89
C LYS B 106 -0.57 -18.38 12.19
N SER B 107 0.23 -19.00 13.05
CA SER B 107 0.62 -18.37 14.31
C SER B 107 1.97 -18.89 14.75
N TRP B 108 2.64 -18.15 15.63
CA TRP B 108 3.95 -18.57 16.10
C TRP B 108 3.87 -19.83 16.95
N GLU B 109 2.72 -20.04 17.59
CA GLU B 109 2.51 -21.23 18.38
C GLU B 109 2.50 -22.48 17.50
N ALA B 110 1.81 -22.38 16.36
CA ALA B 110 1.75 -23.51 15.43
C ALA B 110 3.10 -23.76 14.77
N PHE B 111 3.85 -22.70 14.46
CA PHE B 111 5.16 -22.90 13.85
C PHE B 111 6.18 -23.49 14.82
N SER B 112 6.22 -22.96 16.03
CA SER B 112 7.33 -23.26 16.93
C SER B 112 7.13 -24.51 17.78
N ASN B 113 5.87 -24.86 18.04
CA ASN B 113 5.58 -26.01 18.88
C ASN B 113 5.75 -27.32 18.11
N LEU B 114 6.81 -28.06 18.44
CA LEU B 114 7.18 -29.25 17.70
C LEU B 114 6.40 -30.47 18.17
N SER B 115 5.54 -30.29 19.17
CA SER B 115 4.75 -31.39 19.71
C SER B 115 3.51 -31.70 18.87
N TYR B 116 3.10 -30.76 18.03
CA TYR B 116 1.96 -30.96 17.14
C TYR B 116 2.40 -31.65 15.87
N TYR B 117 1.53 -32.48 15.29
CA TYR B 117 1.67 -32.79 13.87
C TYR B 117 1.27 -31.50 13.16
N THR B 118 1.91 -31.19 12.03
CA THR B 118 1.41 -30.08 11.22
C THR B 118 0.20 -30.56 10.40
N ARG B 119 -0.43 -29.63 9.69
CA ARG B 119 -1.64 -29.95 8.92
C ARG B 119 -1.55 -29.39 7.50
N ALA B 120 -1.84 -30.24 6.52
CA ALA B 120 -1.87 -29.82 5.13
C ALA B 120 -3.08 -28.93 4.84
N LEU B 121 -4.17 -29.20 5.54
CA LEU B 121 -5.33 -28.31 5.52
C LEU B 121 -5.72 -27.89 6.94
N PRO B 122 -6.14 -26.63 7.10
CA PRO B 122 -6.54 -26.16 8.42
C PRO B 122 -7.77 -26.90 8.92
N PRO B 123 -7.93 -27.01 10.24
CA PRO B 123 -9.09 -27.70 10.81
C PRO B 123 -10.38 -26.91 10.59
N VAL B 124 -11.49 -27.62 10.56
CA VAL B 124 -12.80 -27.01 10.47
C VAL B 124 -13.03 -26.29 11.79
N ALA B 125 -13.50 -25.05 11.72
CA ALA B 125 -13.70 -24.25 12.92
C ALA B 125 -14.75 -24.87 13.84
N ASP B 126 -14.58 -24.66 15.14
CA ASP B 126 -15.46 -25.28 16.13
C ASP B 126 -16.91 -24.81 16.02
N ASP B 127 -17.11 -23.55 15.64
CA ASP B 127 -18.46 -22.98 15.60
C ASP B 127 -19.18 -23.29 14.28
N CYS B 128 -18.55 -24.08 13.42
CA CYS B 128 -19.17 -24.46 12.16
C CYS B 128 -20.41 -25.31 12.40
N PRO B 129 -21.48 -25.06 11.63
CA PRO B 129 -22.75 -25.77 11.80
C PRO B 129 -22.65 -27.28 11.56
N THR B 130 -21.77 -27.70 10.65
CA THR B 130 -21.61 -29.12 10.37
C THR B 130 -20.13 -29.53 10.49
N PRO B 131 -19.87 -30.82 10.72
CA PRO B 131 -18.49 -31.31 10.84
C PRO B 131 -17.61 -30.96 9.65
N MET B 132 -18.18 -30.95 8.45
CA MET B 132 -17.42 -30.65 7.25
C MET B 132 -17.46 -29.17 6.91
N GLY B 133 -18.20 -28.40 7.71
CA GLY B 133 -18.31 -26.97 7.49
C GLY B 133 -19.75 -26.54 7.46
N VAL B 134 -20.37 -26.59 6.28
CA VAL B 134 -21.78 -26.29 6.18
C VAL B 134 -22.57 -27.38 5.45
N LYS B 135 -21.89 -28.15 4.61
CA LYS B 135 -22.56 -29.27 3.92
C LYS B 135 -22.84 -30.44 4.85
N GLY B 136 -23.74 -31.32 4.44
CA GLY B 136 -24.03 -32.52 5.21
C GLY B 136 -24.97 -32.30 6.37
N ASN B 137 -25.04 -33.28 7.26
CA ASN B 137 -25.91 -33.21 8.42
C ASN B 137 -25.17 -32.68 9.64
N LYS B 138 -25.90 -32.40 10.72
CA LYS B 138 -25.31 -31.89 11.95
C LYS B 138 -24.30 -32.87 12.50
N GLU B 139 -24.53 -34.15 12.24
CA GLU B 139 -23.68 -35.21 12.72
C GLU B 139 -23.28 -36.16 11.59
N LEU B 140 -22.02 -36.59 11.61
CA LEU B 140 -21.49 -37.54 10.63
C LEU B 140 -22.06 -38.94 10.89
N PRO B 141 -22.15 -39.77 9.84
CA PRO B 141 -22.70 -41.12 10.00
C PRO B 141 -21.90 -41.95 11.00
N ASP B 142 -22.57 -42.90 11.65
CA ASP B 142 -21.96 -43.77 12.65
C ASP B 142 -20.66 -44.38 12.12
N SER B 143 -19.57 -44.13 12.83
CA SER B 143 -18.27 -44.67 12.47
C SER B 143 -18.28 -46.21 12.49
N LYS B 144 -19.00 -46.80 13.45
CA LYS B 144 -19.18 -48.25 13.50
C LYS B 144 -19.86 -48.76 12.24
N GLU B 145 -20.75 -47.94 11.70
CA GLU B 145 -21.51 -48.30 10.51
C GLU B 145 -20.62 -48.25 9.28
N VAL B 146 -19.84 -47.18 9.15
CA VAL B 146 -18.93 -47.03 8.03
C VAL B 146 -17.87 -48.14 8.09
N LEU B 147 -17.35 -48.38 9.29
CA LEU B 147 -16.38 -49.45 9.54
C LEU B 147 -16.88 -50.79 9.01
N GLU B 148 -18.02 -51.24 9.53
CA GLU B 148 -18.55 -52.56 9.19
C GLU B 148 -18.96 -52.73 7.73
N LYS B 149 -19.60 -51.72 7.16
CA LYS B 149 -20.21 -51.86 5.83
C LYS B 149 -19.25 -51.79 4.64
N VAL B 150 -18.13 -51.07 4.79
CA VAL B 150 -17.23 -50.88 3.66
C VAL B 150 -15.75 -51.11 3.95
N LEU B 151 -15.38 -51.21 5.23
CA LEU B 151 -13.97 -51.33 5.57
C LEU B 151 -13.55 -52.74 5.99
N LEU B 152 -14.36 -53.35 6.85
CA LEU B 152 -13.98 -54.63 7.41
C LEU B 152 -13.88 -55.70 6.35
N ARG B 153 -12.97 -56.66 6.58
CA ARG B 153 -12.68 -57.68 5.61
C ARG B 153 -13.68 -58.82 5.70
N ARG B 154 -14.19 -59.24 4.54
CA ARG B 154 -14.98 -60.46 4.44
C ARG B 154 -13.99 -61.60 4.29
N GLU B 155 -13.49 -61.78 3.07
CA GLU B 155 -12.35 -62.66 2.87
C GLU B 155 -11.13 -61.87 2.42
N PHE B 156 -9.97 -62.48 2.62
CA PHE B 156 -8.70 -61.83 2.36
C PHE B 156 -8.54 -61.45 0.89
N ILE B 157 -8.30 -60.17 0.65
CA ILE B 157 -8.05 -59.69 -0.70
C ILE B 157 -6.57 -59.40 -0.87
N PRO B 158 -5.87 -60.29 -1.59
CA PRO B 158 -4.42 -60.15 -1.79
C PRO B 158 -4.07 -58.92 -2.62
N ASP B 159 -2.86 -58.41 -2.44
CA ASP B 159 -2.38 -57.29 -3.24
C ASP B 159 -1.91 -57.78 -4.61
N PRO B 160 -2.55 -57.29 -5.68
CA PRO B 160 -2.17 -57.61 -7.06
C PRO B 160 -0.70 -57.25 -7.34
N GLN B 161 -0.20 -56.21 -6.69
CA GLN B 161 1.19 -55.81 -6.89
C GLN B 161 2.19 -56.78 -6.28
N GLY B 162 1.71 -57.70 -5.45
CA GLY B 162 2.54 -58.75 -4.90
C GLY B 162 3.36 -58.33 -3.70
N SER B 163 2.91 -57.29 -2.99
CA SER B 163 3.59 -56.85 -1.78
C SER B 163 3.54 -57.97 -0.76
N ASN B 164 4.67 -58.20 -0.11
CA ASN B 164 4.76 -59.28 0.85
C ASN B 164 4.80 -58.77 2.29
N MET B 165 5.23 -59.64 3.20
CA MET B 165 5.23 -59.29 4.62
C MET B 165 6.54 -58.60 5.02
N MET B 166 7.58 -58.76 4.20
CA MET B 166 8.80 -57.99 4.38
C MET B 166 8.49 -56.53 4.13
N PHE B 167 7.65 -56.28 3.14
CA PHE B 167 7.18 -54.92 2.82
C PHE B 167 6.31 -54.34 3.93
N ALA B 168 5.31 -55.12 4.36
CA ALA B 168 4.33 -54.64 5.34
C ALA B 168 4.99 -54.27 6.66
N PHE B 169 5.88 -55.14 7.13
CA PHE B 169 6.59 -54.88 8.37
C PHE B 169 7.63 -53.78 8.23
N PHE B 170 8.18 -53.62 7.03
CA PHE B 170 9.12 -52.55 6.76
C PHE B 170 8.41 -51.20 6.78
N ALA B 171 7.20 -51.19 6.22
CA ALA B 171 6.36 -50.00 6.26
C ALA B 171 6.02 -49.64 7.70
N GLN B 172 5.69 -50.64 8.50
CA GLN B 172 5.31 -50.41 9.89
C GLN B 172 6.53 -49.97 10.71
N HIS B 173 7.65 -50.66 10.51
CA HIS B 173 8.88 -50.35 11.24
C HIS B 173 9.44 -48.97 10.90
N PHE B 174 9.54 -48.69 9.61
CA PHE B 174 10.12 -47.43 9.14
C PHE B 174 9.27 -46.22 9.55
N THR B 175 7.97 -46.26 9.23
CA THR B 175 7.12 -45.10 9.49
C THR B 175 6.87 -44.85 10.97
N HIS B 176 7.10 -45.85 11.81
CA HIS B 176 6.84 -45.69 13.24
C HIS B 176 7.96 -44.96 13.99
N GLN B 177 8.89 -44.36 13.27
CA GLN B 177 9.85 -43.48 13.91
C GLN B 177 9.31 -42.06 13.89
N PHE B 178 8.45 -41.75 12.93
CA PHE B 178 7.87 -40.41 12.85
C PHE B 178 6.35 -40.35 13.06
N PHE B 179 5.72 -41.52 13.16
CA PHE B 179 4.33 -41.62 13.58
C PHE B 179 4.31 -42.19 14.99
N LYS B 180 4.33 -41.29 15.97
CA LYS B 180 4.42 -41.66 17.37
C LYS B 180 3.51 -40.76 18.18
N THR B 181 2.20 -40.98 18.05
CA THR B 181 1.21 -40.10 18.64
C THR B 181 1.25 -40.11 20.15
N ASP B 182 1.38 -38.92 20.74
CA ASP B 182 1.33 -38.77 22.19
C ASP B 182 -0.13 -38.76 22.66
N HIS B 183 -0.63 -39.94 23.00
CA HIS B 183 -2.03 -40.09 23.40
C HIS B 183 -2.36 -39.40 24.71
N LYS B 184 -1.35 -38.96 25.45
CA LYS B 184 -1.57 -38.18 26.66
C LYS B 184 -2.11 -36.78 26.29
N ARG B 185 -1.65 -36.25 25.17
CA ARG B 185 -2.06 -34.93 24.71
C ARG B 185 -3.28 -35.01 23.80
N GLY B 186 -3.23 -35.94 22.84
CA GLY B 186 -4.28 -36.07 21.85
C GLY B 186 -3.75 -36.58 20.53
N PRO B 187 -4.66 -36.91 19.58
CA PRO B 187 -4.27 -37.49 18.30
C PRO B 187 -3.51 -36.53 17.40
N GLY B 188 -3.53 -35.24 17.71
CA GLY B 188 -2.82 -34.25 16.90
C GLY B 188 -1.43 -33.97 17.42
N PHE B 189 -0.95 -34.80 18.33
CA PHE B 189 0.35 -34.57 18.96
C PHE B 189 1.30 -35.73 18.77
N THR B 190 2.58 -35.41 18.58
CA THR B 190 3.59 -36.42 18.30
C THR B 190 4.65 -36.47 19.38
N ARG B 191 5.29 -37.64 19.53
CA ARG B 191 6.42 -37.80 20.41
C ARG B 191 7.68 -37.77 19.57
N GLY B 192 7.50 -37.72 18.25
CA GLY B 192 8.62 -37.71 17.32
C GLY B 192 9.09 -36.30 17.02
N LEU B 193 9.84 -35.72 17.94
CA LEU B 193 10.26 -34.33 17.81
C LEU B 193 11.25 -34.09 16.67
N GLY B 194 11.86 -35.17 16.17
CA GLY B 194 12.74 -35.07 15.03
C GLY B 194 11.96 -34.82 13.73
N HIS B 195 10.70 -35.23 13.74
CA HIS B 195 9.79 -35.04 12.61
C HIS B 195 10.33 -35.60 11.28
N GLY B 196 10.99 -36.75 11.35
CA GLY B 196 11.53 -37.37 10.14
C GLY B 196 12.36 -38.62 10.37
N VAL B 197 13.26 -38.87 9.43
CA VAL B 197 14.09 -40.08 9.45
C VAL B 197 15.33 -39.87 10.33
N ASP B 198 15.14 -39.89 11.65
CA ASP B 198 16.26 -39.73 12.57
C ASP B 198 16.72 -41.07 13.16
N LEU B 199 16.00 -42.12 12.80
CA LEU B 199 16.23 -43.45 13.35
C LEU B 199 16.16 -43.51 14.87
N ASN B 200 15.24 -42.73 15.45
CA ASN B 200 15.03 -42.77 16.90
C ASN B 200 14.42 -44.10 17.30
N HIS B 201 13.81 -44.79 16.34
CA HIS B 201 13.22 -46.10 16.60
C HIS B 201 14.27 -47.18 16.83
N ILE B 202 15.53 -46.81 16.61
CA ILE B 202 16.66 -47.68 16.89
C ILE B 202 17.47 -47.12 18.05
N TYR B 203 17.66 -45.80 18.07
CA TYR B 203 18.57 -45.17 19.01
C TYR B 203 17.89 -44.45 20.16
N GLY B 204 16.56 -44.34 20.10
CA GLY B 204 15.83 -43.68 21.16
C GLY B 204 15.58 -42.21 20.86
N GLU B 205 14.45 -41.70 21.35
CA GLU B 205 14.08 -40.31 21.14
C GLU B 205 14.99 -39.33 21.92
N THR B 206 15.45 -39.76 23.09
CA THR B 206 16.25 -38.90 23.96
C THR B 206 17.65 -39.44 24.22
N LEU B 207 18.50 -38.58 24.77
CA LEU B 207 19.89 -38.91 25.04
C LEU B 207 19.98 -39.98 26.13
N ASP B 208 19.20 -39.79 27.20
CA ASP B 208 19.17 -40.72 28.30
C ASP B 208 18.83 -42.14 27.83
N ARG B 209 17.86 -42.25 26.94
CA ARG B 209 17.46 -43.54 26.41
C ARG B 209 18.54 -44.10 25.50
N GLN B 210 19.09 -43.26 24.63
CA GLN B 210 20.19 -43.68 23.74
C GLN B 210 21.36 -44.27 24.51
N HIS B 211 21.82 -43.56 25.53
CA HIS B 211 22.96 -43.99 26.32
C HIS B 211 22.70 -45.32 27.01
N LYS B 212 21.46 -45.55 27.41
CA LYS B 212 21.08 -46.82 28.02
C LYS B 212 21.16 -47.97 27.03
N LEU B 213 21.02 -47.67 25.74
CA LEU B 213 21.01 -48.68 24.70
C LEU B 213 22.39 -48.93 24.10
N ARG B 214 23.34 -48.06 24.44
CA ARG B 214 24.70 -48.15 23.89
C ARG B 214 25.62 -49.04 24.71
N LEU B 215 26.60 -49.64 24.04
CA LEU B 215 27.58 -50.48 24.73
C LEU B 215 28.77 -49.64 25.22
N PHE B 216 28.88 -48.42 24.70
CA PHE B 216 29.99 -47.50 25.01
C PHE B 216 31.36 -48.11 24.77
N LYS B 217 31.42 -49.04 23.84
CA LYS B 217 32.67 -49.58 23.34
C LYS B 217 32.54 -49.77 21.82
N ASP B 218 33.47 -49.19 21.08
CA ASP B 218 33.51 -49.31 19.62
C ASP B 218 32.29 -48.75 18.91
N GLY B 219 31.59 -47.82 19.56
CA GLY B 219 30.44 -47.17 18.96
C GLY B 219 29.17 -48.00 18.89
N LYS B 220 29.22 -49.20 19.48
CA LYS B 220 28.19 -50.21 19.27
C LYS B 220 26.96 -50.08 20.19
N LEU B 221 25.88 -50.75 19.77
CA LEU B 221 24.70 -50.89 20.61
C LEU B 221 24.84 -52.13 21.48
N LYS B 222 24.21 -52.11 22.65
CA LYS B 222 24.14 -53.29 23.49
C LYS B 222 23.35 -54.37 22.78
N TYR B 223 23.71 -55.62 23.04
CA TYR B 223 23.04 -56.76 22.43
C TYR B 223 23.31 -57.99 23.26
N GLN B 224 22.56 -59.06 23.00
CA GLN B 224 22.81 -60.33 23.67
C GLN B 224 22.89 -61.45 22.64
N VAL B 225 23.54 -62.54 23.00
CA VAL B 225 23.58 -63.71 22.14
C VAL B 225 22.69 -64.83 22.69
N ILE B 226 21.70 -65.24 21.90
CA ILE B 226 20.82 -66.37 22.23
C ILE B 226 20.92 -67.40 21.11
N GLY B 227 21.24 -68.63 21.48
CA GLY B 227 21.69 -69.63 20.51
C GLY B 227 23.07 -69.18 20.10
N GLY B 228 23.25 -68.88 18.83
CA GLY B 228 24.48 -68.26 18.38
C GLY B 228 24.13 -66.94 17.70
N GLU B 229 22.90 -66.50 17.91
CA GLU B 229 22.38 -65.35 17.18
C GLU B 229 22.34 -64.09 18.03
N VAL B 230 22.55 -62.96 17.37
CA VAL B 230 22.57 -61.66 18.03
C VAL B 230 21.16 -61.07 18.11
N TYR B 231 20.71 -60.77 19.33
CA TYR B 231 19.42 -60.13 19.55
C TYR B 231 19.58 -58.86 20.37
N PRO B 232 18.55 -57.98 20.37
CA PRO B 232 18.59 -56.79 21.22
C PRO B 232 18.71 -57.15 22.69
N PRO B 233 19.16 -56.20 23.52
CA PRO B 233 19.27 -56.47 24.95
C PRO B 233 17.90 -56.51 25.61
N THR B 234 17.89 -56.71 26.93
CA THR B 234 16.63 -56.77 27.67
C THR B 234 16.39 -55.50 28.48
N VAL B 235 15.22 -55.41 29.10
CA VAL B 235 14.85 -54.27 29.94
C VAL B 235 15.64 -54.26 31.24
N LYS B 236 15.92 -55.44 31.76
CA LYS B 236 16.68 -55.58 33.00
C LYS B 236 18.12 -55.18 32.75
N ASP B 237 18.57 -55.37 31.52
CA ASP B 237 19.96 -55.10 31.22
C ASP B 237 20.22 -53.62 30.96
N THR B 238 19.22 -52.92 30.41
CA THR B 238 19.43 -51.55 29.96
C THR B 238 18.62 -50.50 30.74
N GLN B 239 17.57 -50.94 31.40
CA GLN B 239 16.64 -50.06 32.14
C GLN B 239 15.86 -49.11 31.23
N VAL B 240 15.77 -49.40 29.94
CA VAL B 240 14.91 -48.58 29.09
C VAL B 240 13.47 -49.08 29.17
N GLU B 241 12.53 -48.14 29.12
CA GLU B 241 11.12 -48.48 29.24
C GLU B 241 10.60 -49.06 27.93
N MET B 242 9.98 -50.22 28.02
CA MET B 242 9.34 -50.85 26.89
C MET B 242 7.89 -51.12 27.25
N ILE B 243 7.05 -51.24 26.24
CA ILE B 243 5.66 -51.60 26.46
C ILE B 243 5.50 -53.11 26.31
N TYR B 244 5.09 -53.77 27.38
CA TYR B 244 4.90 -55.22 27.37
C TYR B 244 3.78 -55.60 28.32
N PRO B 245 2.94 -56.57 27.91
CA PRO B 245 1.92 -57.07 28.83
C PRO B 245 2.60 -57.76 30.00
N PRO B 246 2.02 -57.63 31.22
CA PRO B 246 2.65 -58.07 32.46
C PRO B 246 3.09 -59.54 32.50
N HIS B 247 2.56 -60.36 31.59
CA HIS B 247 2.88 -61.78 31.62
C HIS B 247 4.17 -62.15 30.88
N ILE B 248 4.75 -61.18 30.17
CA ILE B 248 5.98 -61.43 29.42
C ILE B 248 7.19 -61.59 30.35
N PRO B 249 7.87 -62.74 30.25
CA PRO B 249 9.04 -62.99 31.09
C PRO B 249 10.16 -61.99 30.82
N GLU B 250 10.97 -61.72 31.85
CA GLU B 250 12.05 -60.76 31.78
C GLU B 250 13.04 -60.99 30.64
N ASN B 251 13.34 -62.26 30.37
CA ASN B 251 14.32 -62.57 29.33
C ASN B 251 13.79 -62.36 27.91
N LEU B 252 12.50 -62.02 27.80
CA LEU B 252 11.89 -61.79 26.50
C LEU B 252 11.49 -60.33 26.32
N GLN B 253 11.65 -59.54 27.37
CA GLN B 253 11.42 -58.11 27.27
C GLN B 253 12.58 -57.43 26.57
N PHE B 254 12.56 -57.45 25.23
CA PHE B 254 13.64 -56.86 24.44
C PHE B 254 13.56 -55.33 24.44
N ALA B 255 14.71 -54.70 24.60
CA ALA B 255 14.79 -53.24 24.64
C ALA B 255 15.33 -52.69 23.32
N VAL B 256 14.50 -51.93 22.61
CA VAL B 256 14.92 -51.25 21.38
C VAL B 256 14.54 -49.78 21.41
N GLY B 257 14.98 -49.04 20.40
CA GLY B 257 14.74 -47.61 20.32
C GLY B 257 13.29 -47.21 20.47
N GLN B 258 12.40 -47.87 19.74
CA GLN B 258 10.97 -47.60 19.84
C GLN B 258 10.32 -48.48 20.90
N GLU B 259 9.60 -47.86 21.83
CA GLU B 259 9.07 -48.58 22.98
C GLU B 259 7.95 -49.56 22.63
N VAL B 260 7.35 -49.43 21.45
CA VAL B 260 6.24 -50.31 21.10
C VAL B 260 6.64 -51.48 20.20
N PHE B 261 7.92 -51.56 19.84
CA PHE B 261 8.34 -52.57 18.88
C PHE B 261 8.34 -54.00 19.42
N GLY B 262 8.11 -54.15 20.72
CA GLY B 262 8.08 -55.45 21.35
C GLY B 262 6.72 -56.10 21.26
N LEU B 263 5.79 -55.43 20.60
CA LEU B 263 4.42 -55.90 20.53
C LEU B 263 4.18 -56.76 19.30
N VAL B 264 5.10 -56.71 18.35
CA VAL B 264 4.97 -57.44 17.11
C VAL B 264 6.31 -58.03 16.69
N PRO B 265 6.36 -59.37 16.53
CA PRO B 265 7.57 -60.07 16.11
C PRO B 265 8.11 -59.52 14.79
N GLY B 266 7.21 -59.09 13.91
CA GLY B 266 7.61 -58.44 12.67
C GLY B 266 8.45 -57.20 12.92
N LEU B 267 8.01 -56.37 13.87
CA LEU B 267 8.78 -55.18 14.26
C LEU B 267 10.11 -55.58 14.85
N MET B 268 10.08 -56.52 15.78
CA MET B 268 11.29 -57.00 16.45
C MET B 268 12.28 -57.58 15.43
N MET B 269 11.75 -58.09 14.33
CA MET B 269 12.60 -58.60 13.26
C MET B 269 13.50 -57.50 12.67
N TYR B 270 12.90 -56.37 12.28
CA TYR B 270 13.67 -55.28 11.68
C TYR B 270 14.54 -54.57 12.71
N ALA B 271 14.05 -54.48 13.94
CA ALA B 271 14.84 -53.88 15.02
C ALA B 271 16.15 -54.64 15.19
N THR B 272 16.06 -55.96 15.11
CA THR B 272 17.22 -56.83 15.25
C THR B 272 18.15 -56.67 14.05
N ILE B 273 17.57 -56.65 12.84
CA ILE B 273 18.36 -56.51 11.63
C ILE B 273 19.13 -55.19 11.64
N TRP B 274 18.43 -54.10 11.98
CA TRP B 274 19.04 -52.77 12.02
C TRP B 274 20.05 -52.61 13.16
N LEU B 275 19.85 -53.35 14.25
CA LEU B 275 20.82 -53.33 15.34
C LEU B 275 22.12 -53.97 14.89
N ARG B 276 22.00 -55.11 14.20
CA ARG B 276 23.16 -55.79 13.65
C ARG B 276 23.88 -54.91 12.64
N GLU B 277 23.12 -54.20 11.81
CA GLU B 277 23.70 -53.33 10.79
C GLU B 277 24.54 -52.20 11.40
N HIS B 278 24.04 -51.60 12.48
CA HIS B 278 24.78 -50.55 13.18
C HIS B 278 26.14 -51.04 13.68
N ASN B 279 26.14 -52.18 14.37
CA ASN B 279 27.36 -52.74 14.93
C ASN B 279 28.31 -53.18 13.83
N ARG B 280 27.74 -53.63 12.72
CA ARG B 280 28.53 -54.02 11.57
C ARG B 280 29.31 -52.81 11.04
N VAL B 281 28.61 -51.68 10.93
CA VAL B 281 29.23 -50.45 10.45
C VAL B 281 30.31 -49.98 11.42
N CYS B 282 30.07 -50.19 12.70
CA CYS B 282 31.08 -49.90 13.73
C CYS B 282 32.38 -50.65 13.47
N ASP B 283 32.27 -51.95 13.15
CA ASP B 283 33.45 -52.75 12.84
C ASP B 283 34.21 -52.17 11.65
N ILE B 284 33.48 -51.81 10.61
CA ILE B 284 34.08 -51.22 9.41
C ILE B 284 34.76 -49.90 9.72
N LEU B 285 34.08 -49.04 10.48
CA LEU B 285 34.58 -47.72 10.80
C LEU B 285 35.79 -47.79 11.72
N LYS B 286 35.78 -48.75 12.64
CA LYS B 286 36.90 -48.89 13.57
C LYS B 286 38.15 -49.35 12.84
N GLN B 287 37.92 -50.16 11.81
CA GLN B 287 39.02 -50.65 11.00
C GLN B 287 39.65 -49.51 10.21
N GLU B 288 38.81 -48.64 9.66
CA GLU B 288 39.27 -47.47 8.92
C GLU B 288 39.92 -46.45 9.83
N HIS B 289 39.34 -46.30 11.01
CA HIS B 289 39.80 -45.29 11.95
C HIS B 289 40.11 -45.87 13.32
N PRO B 290 41.23 -46.61 13.42
CA PRO B 290 41.62 -47.12 14.74
C PRO B 290 41.87 -46.00 15.75
N GLU B 291 42.07 -44.77 15.29
CA GLU B 291 42.30 -43.64 16.18
C GLU B 291 41.02 -43.01 16.70
N TRP B 292 39.87 -43.50 16.24
CA TRP B 292 38.57 -42.97 16.66
C TRP B 292 38.10 -43.56 17.99
N GLY B 293 37.38 -42.75 18.77
CA GLY B 293 36.81 -43.22 20.03
C GLY B 293 35.38 -43.70 19.88
N ASP B 294 34.82 -44.22 20.99
CA ASP B 294 33.47 -44.78 20.97
C ASP B 294 32.41 -43.81 20.47
N GLU B 295 32.48 -42.57 20.92
CA GLU B 295 31.47 -41.57 20.57
C GLU B 295 31.42 -41.30 19.06
N GLN B 296 32.58 -41.07 18.45
CA GLN B 296 32.61 -40.78 17.03
C GLN B 296 32.21 -42.00 16.19
N LEU B 297 32.60 -43.19 16.63
CA LEU B 297 32.20 -44.42 15.95
C LEU B 297 30.68 -44.56 15.94
N PHE B 298 30.05 -44.28 17.08
CA PHE B 298 28.59 -44.38 17.19
C PHE B 298 27.85 -43.36 16.33
N GLN B 299 28.28 -42.10 16.41
CA GLN B 299 27.61 -41.03 15.70
C GLN B 299 27.74 -41.21 14.20
N THR B 300 28.93 -41.62 13.75
CA THR B 300 29.16 -41.80 12.33
C THR B 300 28.36 -42.99 11.79
N SER B 301 28.29 -44.05 12.59
CA SER B 301 27.46 -45.21 12.23
C SER B 301 26.00 -44.79 12.09
N ARG B 302 25.53 -43.98 13.04
CA ARG B 302 24.15 -43.50 13.01
C ARG B 302 23.87 -42.73 11.73
N LEU B 303 24.77 -41.83 11.35
CA LEU B 303 24.61 -41.06 10.12
C LEU B 303 24.57 -41.97 8.90
N ILE B 304 25.45 -42.98 8.89
CA ILE B 304 25.48 -43.93 7.80
C ILE B 304 24.18 -44.72 7.70
N LEU B 305 23.65 -45.18 8.84
CA LEU B 305 22.40 -45.93 8.84
C LEU B 305 21.20 -45.08 8.39
N ILE B 306 21.20 -43.81 8.78
CA ILE B 306 20.18 -42.87 8.32
C ILE B 306 20.22 -42.83 6.80
N GLY B 307 21.43 -42.71 6.27
CA GLY B 307 21.65 -42.70 4.83
C GLY B 307 21.20 -43.98 4.15
N GLU B 308 21.56 -45.12 4.74
CA GLU B 308 21.13 -46.42 4.23
C GLU B 308 19.62 -46.46 4.17
N THR B 309 18.99 -45.99 5.25
CA THR B 309 17.54 -46.04 5.36
C THR B 309 16.84 -45.26 4.24
N ILE B 310 17.26 -44.01 4.02
CA ILE B 310 16.70 -43.19 2.96
C ILE B 310 16.92 -43.87 1.60
N LYS B 311 18.10 -44.43 1.43
CA LYS B 311 18.47 -45.11 0.18
C LYS B 311 17.57 -46.32 -0.09
N ILE B 312 17.38 -47.15 0.93
CA ILE B 312 16.54 -48.32 0.81
C ILE B 312 15.08 -47.92 0.65
N VAL B 313 14.65 -46.91 1.40
CA VAL B 313 13.28 -46.42 1.31
C VAL B 313 12.93 -45.96 -0.11
N ILE B 314 13.81 -45.18 -0.73
CA ILE B 314 13.54 -44.66 -2.06
C ILE B 314 13.64 -45.70 -3.18
N GLU B 315 14.73 -46.45 -3.20
CA GLU B 315 15.05 -47.29 -4.36
C GLU B 315 14.53 -48.72 -4.27
N ASP B 316 14.03 -49.12 -3.10
CA ASP B 316 13.47 -50.47 -2.95
C ASP B 316 12.01 -50.41 -2.54
N TYR B 317 11.76 -49.74 -1.41
CA TYR B 317 10.45 -49.67 -0.81
C TYR B 317 9.47 -48.87 -1.64
N VAL B 318 9.73 -47.57 -1.77
CA VAL B 318 8.88 -46.71 -2.58
C VAL B 318 8.91 -47.18 -4.02
N GLN B 319 10.06 -47.66 -4.48
CA GLN B 319 10.19 -48.20 -5.83
C GLN B 319 9.16 -49.30 -6.10
N HIS B 320 8.91 -50.13 -5.09
CA HIS B 320 7.94 -51.23 -5.23
C HIS B 320 6.49 -50.79 -5.15
N LEU B 321 6.14 -49.96 -4.17
CA LEU B 321 4.75 -49.55 -4.01
C LEU B 321 4.31 -48.63 -5.13
N SER B 322 5.27 -47.96 -5.76
CA SER B 322 4.95 -47.05 -6.85
C SER B 322 4.43 -47.80 -8.06
N GLY B 323 5.08 -48.93 -8.36
CA GLY B 323 4.77 -49.71 -9.54
C GLY B 323 5.40 -49.11 -10.79
N TYR B 324 6.30 -48.15 -10.59
CA TYR B 324 6.91 -47.47 -11.72
C TYR B 324 7.96 -48.34 -12.36
N HIS B 325 8.07 -48.22 -13.66
CA HIS B 325 9.05 -48.94 -14.44
C HIS B 325 10.35 -48.12 -14.41
N PHE B 326 10.19 -46.82 -14.19
CA PHE B 326 11.32 -45.94 -14.00
C PHE B 326 12.02 -46.26 -12.68
N LYS B 327 13.34 -46.44 -12.78
CA LYS B 327 14.18 -46.74 -11.64
C LYS B 327 14.46 -45.46 -10.83
N LEU B 328 13.71 -45.27 -9.75
CA LEU B 328 13.93 -44.12 -8.87
C LEU B 328 15.35 -44.11 -8.33
N LYS B 329 15.85 -42.93 -8.01
CA LYS B 329 17.24 -42.77 -7.61
C LYS B 329 17.38 -41.83 -6.42
N PHE B 330 18.10 -42.27 -5.40
CA PHE B 330 18.40 -41.40 -4.27
C PHE B 330 19.71 -40.65 -4.52
N ASP B 331 19.58 -39.38 -4.88
CA ASP B 331 20.74 -38.54 -5.13
C ASP B 331 20.47 -37.10 -4.70
N PRO B 332 20.95 -36.74 -3.50
CA PRO B 332 20.76 -35.38 -2.98
C PRO B 332 21.36 -34.31 -3.90
N GLU B 333 22.43 -34.65 -4.61
CA GLU B 333 23.08 -33.72 -5.51
C GLU B 333 22.12 -33.16 -6.56
N LEU B 334 21.08 -33.93 -6.89
CA LEU B 334 20.07 -33.52 -7.87
C LEU B 334 19.30 -32.28 -7.42
N LEU B 335 19.32 -31.98 -6.12
CA LEU B 335 18.59 -30.82 -5.60
C LEU B 335 19.45 -29.58 -5.41
N PHE B 336 20.77 -29.75 -5.46
CA PHE B 336 21.72 -28.69 -5.07
C PHE B 336 21.56 -27.35 -5.81
N ASN B 337 21.15 -27.41 -7.08
CA ASN B 337 20.94 -26.19 -7.85
C ASN B 337 19.45 -25.85 -7.99
N GLN B 338 18.64 -26.46 -7.15
CA GLN B 338 17.20 -26.22 -7.13
C GLN B 338 16.81 -25.53 -5.83
N GLN B 339 15.65 -24.90 -5.82
CA GLN B 339 15.10 -24.39 -4.58
C GLN B 339 14.46 -25.52 -3.81
N PHE B 340 14.89 -25.68 -2.56
CA PHE B 340 14.41 -26.78 -1.75
C PHE B 340 14.78 -26.55 -0.29
N GLN B 341 13.80 -26.73 0.59
CA GLN B 341 13.98 -26.49 2.00
C GLN B 341 14.40 -27.77 2.72
N TYR B 342 15.60 -27.76 3.30
CA TYR B 342 16.07 -28.93 4.05
C TYR B 342 15.51 -28.92 5.45
N GLN B 343 14.21 -29.16 5.54
CA GLN B 343 13.52 -29.26 6.82
C GLN B 343 12.20 -29.98 6.58
N ASN B 344 11.58 -30.45 7.65
CA ASN B 344 10.35 -31.21 7.52
C ASN B 344 9.56 -31.21 8.82
N ARG B 345 8.24 -31.11 8.68
CA ARG B 345 7.35 -31.26 9.82
C ARG B 345 6.31 -32.32 9.43
N ILE B 346 6.16 -33.34 10.28
CA ILE B 346 5.25 -34.45 9.97
C ILE B 346 3.78 -34.04 10.03
N ALA B 347 3.09 -34.15 8.90
CA ALA B 347 1.67 -33.81 8.82
C ALA B 347 0.77 -34.91 9.38
N SER B 348 -0.30 -34.47 10.05
CA SER B 348 -1.31 -35.36 10.60
C SER B 348 -1.95 -36.24 9.52
N GLU B 349 -2.19 -35.64 8.35
CA GLU B 349 -2.81 -36.36 7.24
C GLU B 349 -1.89 -37.43 6.66
N PHE B 350 -0.58 -37.19 6.71
CA PHE B 350 0.40 -38.18 6.29
C PHE B 350 0.30 -39.38 7.22
N ASN B 351 0.14 -39.09 8.52
CA ASN B 351 -0.08 -40.13 9.50
C ASN B 351 -1.34 -40.93 9.18
N THR B 352 -2.45 -40.24 8.99
CA THR B 352 -3.74 -40.88 8.78
C THR B 352 -3.74 -41.78 7.53
N LEU B 353 -3.25 -41.25 6.42
CA LEU B 353 -3.27 -41.99 5.16
C LEU B 353 -2.34 -43.21 5.20
N TYR B 354 -1.43 -43.25 6.16
CA TYR B 354 -0.46 -44.34 6.25
C TYR B 354 -0.92 -45.49 7.13
N HIS B 355 -2.17 -45.44 7.60
CA HIS B 355 -2.74 -46.56 8.33
C HIS B 355 -3.10 -47.67 7.35
N TRP B 356 -2.11 -48.49 7.03
CA TRP B 356 -2.25 -49.51 5.99
C TRP B 356 -2.56 -50.88 6.58
N HIS B 357 -3.41 -50.91 7.59
CA HIS B 357 -3.79 -52.16 8.23
C HIS B 357 -4.37 -53.27 7.33
N PRO B 358 -5.01 -52.91 6.19
CA PRO B 358 -5.39 -53.98 5.25
C PRO B 358 -4.21 -54.81 4.73
N LEU B 359 -2.98 -54.34 4.90
CA LEU B 359 -1.81 -55.13 4.54
C LEU B 359 -1.77 -56.44 5.32
N LEU B 360 -2.26 -56.41 6.56
CA LEU B 360 -2.18 -57.56 7.45
C LEU B 360 -3.02 -58.75 6.95
N PRO B 361 -2.44 -59.95 6.99
CA PRO B 361 -3.11 -61.20 6.64
C PRO B 361 -3.97 -61.72 7.78
N ASP B 362 -4.69 -62.81 7.55
CA ASP B 362 -5.51 -63.40 8.60
C ASP B 362 -4.64 -64.17 9.58
N THR B 363 -3.63 -64.83 9.03
CA THR B 363 -2.65 -65.54 9.83
C THR B 363 -1.25 -65.19 9.36
N PHE B 364 -0.30 -65.13 10.29
CA PHE B 364 1.09 -64.93 9.95
C PHE B 364 1.77 -66.27 9.76
N ASN B 365 2.33 -66.48 8.56
CA ASN B 365 2.83 -67.79 8.16
C ASN B 365 4.35 -67.90 8.18
N ILE B 366 4.89 -68.42 9.28
CA ILE B 366 6.31 -68.66 9.41
C ILE B 366 6.56 -70.15 9.34
N GLU B 367 7.15 -70.59 8.24
CA GLU B 367 7.30 -72.01 7.95
C GLU B 367 6.03 -72.81 8.06
N ASP B 368 6.16 -73.94 8.74
CA ASP B 368 5.08 -74.88 8.91
C ASP B 368 3.94 -74.31 9.74
N GLN B 369 4.21 -73.28 10.52
CA GLN B 369 3.20 -72.71 11.41
C GLN B 369 2.40 -71.59 10.76
N GLU B 370 1.18 -71.39 11.29
CA GLU B 370 0.35 -70.26 10.90
C GLU B 370 -0.24 -69.65 12.16
N TYR B 371 0.33 -68.54 12.60
CA TYR B 371 -0.07 -67.92 13.86
C TYR B 371 -1.23 -66.95 13.66
N SER B 372 -2.14 -66.97 14.62
CA SER B 372 -3.22 -65.99 14.67
C SER B 372 -2.68 -64.71 15.28
N PHE B 373 -3.49 -63.65 15.24
CA PHE B 373 -3.14 -62.39 15.90
C PHE B 373 -2.84 -62.53 17.38
N LYS B 374 -3.67 -63.30 18.09
CA LYS B 374 -3.45 -63.54 19.53
C LYS B 374 -2.11 -64.22 19.75
N GLN B 375 -1.83 -65.23 18.93
CA GLN B 375 -0.59 -65.98 19.05
C GLN B 375 0.60 -65.11 18.67
N PHE B 376 0.37 -64.18 17.76
CA PHE B 376 1.46 -63.40 17.19
C PHE B 376 1.86 -62.21 18.07
N LEU B 377 0.88 -61.42 18.50
CA LEU B 377 1.14 -60.20 19.26
C LEU B 377 1.90 -60.45 20.55
N TYR B 378 2.80 -59.52 20.89
CA TYR B 378 3.67 -59.58 22.07
C TYR B 378 4.37 -60.93 22.29
N ASN B 379 4.56 -61.69 21.22
CA ASN B 379 5.15 -63.01 21.35
C ASN B 379 6.52 -63.09 20.68
N ASN B 380 7.55 -62.73 21.42
CA ASN B 380 8.90 -62.74 20.88
C ASN B 380 9.50 -64.14 20.82
N SER B 381 8.89 -65.08 21.54
CA SER B 381 9.26 -66.49 21.49
C SER B 381 9.27 -67.00 20.06
N ILE B 382 8.31 -66.52 19.27
CA ILE B 382 8.21 -66.90 17.88
C ILE B 382 9.49 -66.54 17.13
N LEU B 383 10.02 -65.36 17.40
CA LEU B 383 11.26 -64.91 16.77
C LEU B 383 12.45 -65.79 17.19
N LEU B 384 12.53 -66.10 18.48
CA LEU B 384 13.61 -66.96 18.98
C LEU B 384 13.47 -68.40 18.48
N GLU B 385 12.23 -68.86 18.38
CA GLU B 385 11.94 -70.22 17.95
C GLU B 385 12.41 -70.49 16.52
N HIS B 386 11.91 -69.68 15.59
CA HIS B 386 12.19 -69.87 14.17
C HIS B 386 13.52 -69.25 13.75
N GLY B 387 13.82 -68.07 14.26
CA GLY B 387 15.05 -67.38 13.89
C GLY B 387 14.83 -66.36 12.80
N LEU B 388 15.84 -65.54 12.55
CA LEU B 388 15.73 -64.44 11.60
C LEU B 388 15.64 -64.94 10.16
N THR B 389 16.47 -65.93 9.84
CA THR B 389 16.58 -66.41 8.47
C THR B 389 15.24 -66.93 7.98
N GLN B 390 14.58 -67.68 8.84
CA GLN B 390 13.30 -68.25 8.47
C GLN B 390 12.20 -67.19 8.44
N PHE B 391 12.31 -66.21 9.33
CA PHE B 391 11.39 -65.08 9.34
C PHE B 391 11.45 -64.39 7.98
N VAL B 392 12.66 -64.15 7.51
CA VAL B 392 12.88 -63.49 6.24
C VAL B 392 12.36 -64.33 5.09
N GLU B 393 12.72 -65.61 5.08
CA GLU B 393 12.31 -66.50 4.00
C GLU B 393 10.78 -66.64 3.93
N SER B 394 10.14 -66.67 5.09
CA SER B 394 8.69 -66.81 5.15
C SER B 394 7.98 -65.52 4.81
N PHE B 395 8.41 -64.41 5.42
CA PHE B 395 7.74 -63.13 5.15
C PHE B 395 7.93 -62.67 3.71
N THR B 396 8.99 -63.16 3.05
CA THR B 396 9.23 -62.87 1.65
C THR B 396 8.22 -63.56 0.77
N ARG B 397 7.77 -64.74 1.20
CA ARG B 397 6.82 -65.54 0.41
C ARG B 397 5.35 -65.15 0.63
N GLN B 398 5.02 -64.69 1.84
CA GLN B 398 3.61 -64.42 2.18
C GLN B 398 3.09 -63.11 1.61
N ILE B 399 1.99 -63.20 0.86
CA ILE B 399 1.37 -62.05 0.22
C ILE B 399 0.70 -61.14 1.25
N ALA B 400 0.82 -59.83 1.04
CA ALA B 400 0.12 -58.86 1.88
C ALA B 400 -1.23 -58.52 1.26
N GLY B 401 -2.08 -57.87 2.04
CA GLY B 401 -3.42 -57.55 1.58
C GLY B 401 -3.49 -56.23 0.85
N ARG B 402 -4.41 -56.15 -0.12
CA ARG B 402 -4.66 -54.92 -0.86
C ARG B 402 -5.21 -53.84 0.09
N VAL B 403 -4.83 -52.59 -0.14
CA VAL B 403 -5.20 -51.51 0.77
C VAL B 403 -6.40 -50.72 0.27
N ALA B 404 -6.30 -50.21 -0.96
CA ALA B 404 -7.45 -49.58 -1.62
C ALA B 404 -8.42 -50.68 -2.06
N GLY B 405 -9.64 -50.29 -2.44
CA GLY B 405 -10.59 -51.24 -2.99
C GLY B 405 -11.65 -51.72 -2.01
N GLY B 406 -11.59 -51.22 -0.78
CA GLY B 406 -12.61 -51.53 0.21
C GLY B 406 -12.51 -52.90 0.85
N ARG B 407 -13.13 -53.01 2.03
CA ARG B 407 -13.33 -54.29 2.71
C ARG B 407 -12.10 -55.18 2.77
N ASN B 408 -11.03 -54.69 3.38
CA ASN B 408 -9.85 -55.52 3.56
C ASN B 408 -9.14 -55.32 4.90
N VAL B 409 -9.78 -54.57 5.79
CA VAL B 409 -9.26 -54.40 7.14
C VAL B 409 -9.58 -55.65 7.97
N PRO B 410 -8.54 -56.37 8.42
CA PRO B 410 -8.74 -57.54 9.27
C PRO B 410 -9.44 -57.17 10.58
N ILE B 411 -10.34 -58.05 11.06
CA ILE B 411 -11.15 -57.77 12.23
C ILE B 411 -10.34 -57.63 13.51
N ALA B 412 -9.17 -58.24 13.51
CA ALA B 412 -8.33 -58.19 14.69
C ALA B 412 -7.93 -56.74 15.03
N VAL B 413 -8.01 -55.84 14.06
CA VAL B 413 -7.69 -54.44 14.32
C VAL B 413 -8.83 -53.48 13.97
N GLN B 414 -10.07 -53.95 14.15
CA GLN B 414 -11.24 -53.14 13.83
C GLN B 414 -11.30 -51.89 14.69
N ALA B 415 -10.84 -51.99 15.93
CA ALA B 415 -10.84 -50.86 16.83
C ALA B 415 -9.87 -49.79 16.32
N VAL B 416 -8.80 -50.23 15.68
CA VAL B 416 -7.82 -49.31 15.11
C VAL B 416 -8.43 -48.52 13.96
N ALA B 417 -9.09 -49.23 13.04
CA ALA B 417 -9.64 -48.59 11.84
C ALA B 417 -10.76 -47.65 12.23
N LYS B 418 -11.47 -47.99 13.29
CA LYS B 418 -12.55 -47.15 13.75
C LYS B 418 -12.00 -45.90 14.40
N ALA B 419 -10.98 -46.06 15.22
CA ALA B 419 -10.31 -44.96 15.88
C ALA B 419 -9.80 -43.94 14.85
N SER B 420 -9.33 -44.44 13.71
CA SER B 420 -8.88 -43.56 12.65
C SER B 420 -10.02 -42.69 12.14
N ILE B 421 -11.23 -43.24 12.12
CA ILE B 421 -12.40 -42.46 11.75
C ILE B 421 -12.74 -41.45 12.84
N ASP B 422 -12.81 -41.91 14.08
CA ASP B 422 -13.23 -41.07 15.19
C ASP B 422 -12.24 -39.94 15.46
N GLN B 423 -10.98 -40.27 15.36
CA GLN B 423 -9.93 -39.34 15.61
C GLN B 423 -9.73 -38.34 14.49
N SER B 424 -10.11 -38.69 13.27
CA SER B 424 -10.11 -37.78 12.15
C SER B 424 -11.14 -36.69 12.41
N ARG B 425 -12.33 -37.11 12.83
CA ARG B 425 -13.41 -36.18 13.17
C ARG B 425 -13.04 -35.36 14.40
N GLU B 426 -12.38 -36.01 15.35
CA GLU B 426 -11.96 -35.34 16.56
C GLU B 426 -10.98 -34.21 16.23
N MET B 427 -10.20 -34.40 15.16
CA MET B 427 -9.20 -33.43 14.73
C MET B 427 -9.76 -32.48 13.67
N LYS B 428 -11.08 -32.55 13.48
CA LYS B 428 -11.79 -31.70 12.53
C LYS B 428 -11.19 -31.68 11.11
N TYR B 429 -10.85 -32.85 10.58
CA TYR B 429 -10.42 -32.96 9.20
C TYR B 429 -11.50 -32.44 8.24
N GLN B 430 -11.05 -31.81 7.15
CA GLN B 430 -11.95 -31.43 6.08
C GLN B 430 -12.25 -32.67 5.24
N SER B 431 -13.18 -32.54 4.30
CA SER B 431 -13.66 -33.67 3.52
C SER B 431 -12.64 -34.16 2.51
N LEU B 432 -12.92 -35.32 1.93
CA LEU B 432 -12.05 -35.92 0.92
C LEU B 432 -11.83 -35.00 -0.27
N ASN B 433 -12.93 -34.45 -0.80
CA ASN B 433 -12.85 -33.56 -1.95
C ASN B 433 -12.03 -32.29 -1.67
N GLU B 434 -12.09 -31.80 -0.43
CA GLU B 434 -11.27 -30.66 -0.06
C GLU B 434 -9.79 -31.02 -0.17
N TYR B 435 -9.45 -32.22 0.31
CA TYR B 435 -8.07 -32.68 0.26
C TYR B 435 -7.62 -32.98 -1.16
N ARG B 436 -8.54 -33.45 -1.99
CA ARG B 436 -8.21 -33.69 -3.39
C ARG B 436 -7.92 -32.36 -4.06
N LYS B 437 -8.77 -31.37 -3.82
CA LYS B 437 -8.55 -30.02 -4.34
C LYS B 437 -7.22 -29.45 -3.85
N ARG B 438 -6.98 -29.57 -2.56
CA ARG B 438 -5.72 -29.14 -1.96
C ARG B 438 -4.52 -29.72 -2.69
N PHE B 439 -4.61 -30.98 -3.08
CA PHE B 439 -3.52 -31.64 -3.76
C PHE B 439 -3.71 -31.73 -5.27
N SER B 440 -4.36 -30.72 -5.84
CA SER B 440 -4.57 -30.61 -7.29
C SER B 440 -5.29 -31.82 -7.91
N LEU B 441 -6.19 -32.44 -7.17
CA LEU B 441 -6.99 -33.53 -7.72
C LEU B 441 -8.43 -33.07 -7.89
N LYS B 442 -9.03 -33.50 -8.99
CA LYS B 442 -10.42 -33.21 -9.29
C LYS B 442 -11.32 -33.90 -8.28
N PRO B 443 -12.33 -33.18 -7.77
CA PRO B 443 -13.25 -33.77 -6.78
C PRO B 443 -14.06 -34.89 -7.38
N TYR B 444 -14.28 -35.95 -6.62
CA TYR B 444 -15.14 -37.03 -7.05
C TYR B 444 -16.58 -36.54 -7.13
N THR B 445 -17.27 -36.89 -8.22
CA THR B 445 -18.62 -36.41 -8.50
C THR B 445 -19.72 -37.31 -7.96
N SER B 446 -19.33 -38.49 -7.48
CA SER B 446 -20.26 -39.48 -6.95
C SER B 446 -19.50 -40.58 -6.20
N PHE B 447 -20.20 -41.26 -5.29
CA PHE B 447 -19.59 -42.32 -4.51
C PHE B 447 -19.10 -43.48 -5.37
N GLU B 448 -19.68 -43.60 -6.56
CA GLU B 448 -19.32 -44.67 -7.49
C GLU B 448 -18.07 -44.32 -8.30
N GLU B 449 -17.84 -43.03 -8.52
CA GLU B 449 -16.60 -42.59 -9.13
C GLU B 449 -15.45 -42.81 -8.15
N LEU B 450 -15.76 -42.70 -6.87
CA LEU B 450 -14.77 -42.92 -5.83
C LEU B 450 -14.34 -44.39 -5.75
N THR B 451 -15.32 -45.28 -5.67
CA THR B 451 -15.04 -46.71 -5.50
C THR B 451 -14.84 -47.46 -6.81
N GLY B 452 -15.46 -46.98 -7.88
CA GLY B 452 -15.38 -47.64 -9.17
C GLY B 452 -16.33 -48.83 -9.28
N GLU B 453 -17.19 -48.97 -8.28
CA GLU B 453 -18.14 -50.08 -8.24
C GLU B 453 -19.51 -49.58 -7.79
N LYS B 454 -20.38 -50.49 -7.36
CA LYS B 454 -21.76 -50.11 -7.10
C LYS B 454 -22.31 -50.46 -5.70
N GLU B 455 -21.91 -51.60 -5.15
CA GLU B 455 -22.44 -52.03 -3.86
C GLU B 455 -21.94 -51.19 -2.68
N MET B 456 -20.63 -50.98 -2.60
CA MET B 456 -20.07 -50.13 -1.56
C MET B 456 -20.49 -48.70 -1.81
N ALA B 457 -20.50 -48.34 -3.08
CA ALA B 457 -20.85 -47.01 -3.52
C ALA B 457 -22.20 -46.56 -2.97
N ALA B 458 -23.24 -47.33 -3.28
CA ALA B 458 -24.58 -47.06 -2.79
C ALA B 458 -24.63 -47.11 -1.26
N GLU B 459 -23.83 -48.01 -0.69
CA GLU B 459 -23.75 -48.16 0.76
C GLU B 459 -23.31 -46.85 1.42
N LEU B 460 -22.30 -46.21 0.83
CA LEU B 460 -21.80 -44.96 1.33
C LEU B 460 -22.77 -43.82 1.04
N LYS B 461 -23.52 -43.94 -0.04
CA LYS B 461 -24.50 -42.92 -0.42
C LYS B 461 -25.58 -42.79 0.65
N ALA B 462 -26.01 -43.92 1.20
CA ALA B 462 -27.07 -43.91 2.20
C ALA B 462 -26.55 -43.36 3.52
N LEU B 463 -25.24 -43.38 3.69
CA LEU B 463 -24.61 -42.93 4.92
C LEU B 463 -24.22 -41.46 4.89
N TYR B 464 -23.62 -41.01 3.80
CA TYR B 464 -23.11 -39.65 3.71
C TYR B 464 -23.99 -38.71 2.87
N SER B 465 -24.88 -39.29 2.08
CA SER B 465 -25.82 -38.54 1.24
C SER B 465 -25.15 -37.70 0.15
N ASP B 466 -24.24 -36.82 0.53
CA ASP B 466 -23.50 -36.03 -0.45
C ASP B 466 -22.08 -36.52 -0.48
N ILE B 467 -21.52 -36.61 -1.67
CA ILE B 467 -20.17 -37.10 -1.77
C ILE B 467 -19.19 -36.06 -1.22
N ASP B 468 -19.62 -34.81 -1.17
CA ASP B 468 -18.78 -33.75 -0.62
C ASP B 468 -18.73 -33.79 0.90
N VAL B 469 -19.19 -34.88 1.49
CA VAL B 469 -19.11 -35.04 2.93
C VAL B 469 -18.34 -36.30 3.25
N MET B 470 -17.93 -36.99 2.18
CA MET B 470 -17.14 -38.20 2.31
C MET B 470 -15.83 -37.88 3.03
N GLU B 471 -15.56 -38.63 4.09
CA GLU B 471 -14.37 -38.40 4.91
C GLU B 471 -13.12 -38.94 4.23
N LEU B 472 -11.98 -38.33 4.54
CA LEU B 472 -10.72 -38.69 3.90
C LEU B 472 -10.30 -40.14 4.15
N TYR B 473 -10.21 -40.51 5.42
CA TYR B 473 -9.67 -41.83 5.77
C TYR B 473 -10.42 -43.04 5.18
N PRO B 474 -11.76 -43.13 5.38
CA PRO B 474 -12.46 -44.28 4.81
C PRO B 474 -12.39 -44.29 3.29
N ALA B 475 -12.31 -43.10 2.71
CA ALA B 475 -12.24 -42.96 1.25
C ALA B 475 -10.97 -43.60 0.70
N LEU B 476 -9.86 -43.44 1.41
CA LEU B 476 -8.59 -43.98 0.95
C LEU B 476 -8.60 -45.49 0.86
N LEU B 477 -9.27 -46.14 1.81
CA LEU B 477 -9.30 -47.61 1.87
C LEU B 477 -10.38 -48.19 0.97
N VAL B 478 -11.29 -47.34 0.49
CA VAL B 478 -12.41 -47.81 -0.31
C VAL B 478 -12.31 -47.33 -1.75
N GLU B 479 -11.27 -46.59 -2.05
CA GLU B 479 -11.08 -46.00 -3.36
C GLU B 479 -10.79 -47.01 -4.44
N LYS B 480 -11.19 -46.67 -5.64
CA LYS B 480 -10.88 -47.46 -6.79
C LYS B 480 -9.41 -47.49 -7.02
N PRO B 481 -8.84 -48.66 -6.93
CA PRO B 481 -7.38 -48.76 -7.09
C PRO B 481 -6.98 -48.55 -8.55
N ARG B 482 -5.74 -48.11 -8.76
CA ARG B 482 -5.15 -48.13 -10.10
C ARG B 482 -5.12 -49.58 -10.60
N PRO B 483 -5.09 -49.77 -11.93
CA PRO B 483 -5.18 -51.13 -12.51
C PRO B 483 -4.19 -52.10 -11.88
N ASP B 484 -4.71 -53.10 -11.16
CA ASP B 484 -3.89 -54.07 -10.44
C ASP B 484 -2.87 -53.43 -9.49
N ALA B 485 -3.25 -52.30 -8.90
CA ALA B 485 -2.36 -51.65 -7.95
C ALA B 485 -2.91 -51.75 -6.52
N ILE B 486 -2.05 -51.50 -5.54
CA ILE B 486 -2.44 -51.58 -4.13
C ILE B 486 -3.16 -50.32 -3.66
N PHE B 487 -2.92 -49.19 -4.33
CA PHE B 487 -3.47 -47.91 -3.91
C PHE B 487 -4.33 -47.24 -4.98
N GLY B 488 -5.22 -46.35 -4.56
CA GLY B 488 -5.94 -45.49 -5.48
C GLY B 488 -5.23 -44.16 -5.69
N GLU B 489 -5.85 -43.27 -6.47
CA GLU B 489 -5.25 -41.99 -6.82
C GLU B 489 -4.92 -41.10 -5.62
N THR B 490 -5.89 -40.95 -4.71
CA THR B 490 -5.75 -40.04 -3.60
C THR B 490 -4.59 -40.43 -2.69
N MET B 491 -4.43 -41.73 -2.48
CA MET B 491 -3.37 -42.25 -1.62
C MET B 491 -1.99 -41.85 -2.13
N VAL B 492 -1.76 -42.06 -3.41
CA VAL B 492 -0.45 -41.79 -4.00
C VAL B 492 -0.17 -40.30 -4.02
N GLU B 493 -1.17 -39.51 -4.39
CA GLU B 493 -0.97 -38.07 -4.58
C GLU B 493 -0.81 -37.27 -3.28
N LEU B 494 -1.28 -37.84 -2.16
CA LEU B 494 -1.02 -37.20 -0.87
C LEU B 494 0.26 -37.77 -0.28
N GLY B 495 0.43 -39.07 -0.43
CA GLY B 495 1.57 -39.77 0.13
C GLY B 495 2.91 -39.29 -0.39
N ALA B 496 3.01 -39.16 -1.71
CA ALA B 496 4.27 -38.79 -2.36
C ALA B 496 4.91 -37.50 -1.83
N PRO B 497 4.17 -36.37 -1.84
CA PRO B 497 4.82 -35.12 -1.41
C PRO B 497 5.30 -35.18 0.04
N PHE B 498 4.47 -35.72 0.92
CA PHE B 498 4.84 -35.85 2.33
C PHE B 498 6.08 -36.72 2.48
N SER B 499 6.07 -37.87 1.81
CA SER B 499 7.17 -38.81 1.90
C SER B 499 8.47 -38.21 1.38
N LEU B 500 8.37 -37.49 0.27
CA LEU B 500 9.51 -36.79 -0.30
C LEU B 500 10.15 -35.81 0.69
N LYS B 501 9.34 -34.93 1.26
CA LYS B 501 9.85 -33.97 2.24
C LYS B 501 10.58 -34.68 3.38
N GLY B 502 9.97 -35.76 3.88
CA GLY B 502 10.54 -36.52 4.97
C GLY B 502 11.89 -37.11 4.64
N LEU B 503 12.01 -37.68 3.44
CA LEU B 503 13.25 -38.32 3.01
C LEU B 503 14.31 -37.28 2.63
N MET B 504 13.95 -36.43 1.68
CA MET B 504 14.92 -35.51 1.08
C MET B 504 15.17 -34.26 1.93
N GLY B 505 14.30 -34.02 2.91
CA GLY B 505 14.43 -32.85 3.77
C GLY B 505 15.39 -33.07 4.91
N ASN B 506 15.81 -34.33 5.09
CA ASN B 506 16.81 -34.69 6.09
C ASN B 506 18.11 -33.89 5.89
N PRO B 507 18.75 -33.49 6.99
CA PRO B 507 19.97 -32.67 6.89
C PRO B 507 21.16 -33.37 6.21
N ILE B 508 21.20 -34.70 6.21
CA ILE B 508 22.30 -35.39 5.54
C ILE B 508 22.25 -35.23 4.01
N CYS B 509 21.11 -34.74 3.51
CA CYS B 509 20.97 -34.48 2.07
C CYS B 509 21.37 -33.07 1.68
N SER B 510 21.64 -32.22 2.66
CA SER B 510 22.08 -30.86 2.38
C SER B 510 23.53 -30.87 1.88
N PRO B 511 23.87 -29.95 0.96
CA PRO B 511 25.19 -29.89 0.32
C PRO B 511 26.35 -29.98 1.32
N GLN B 512 26.21 -29.38 2.46
CA GLN B 512 27.25 -29.33 3.42
C GLN B 512 27.40 -30.63 4.21
N TYR B 513 26.40 -31.47 4.14
CA TYR B 513 26.44 -32.78 4.79
C TYR B 513 26.78 -33.89 3.82
N TRP B 514 26.25 -33.79 2.60
CA TRP B 514 26.40 -34.86 1.62
C TRP B 514 27.82 -34.90 1.04
N LYS B 515 28.75 -35.41 1.83
CA LYS B 515 30.14 -35.53 1.41
C LYS B 515 30.80 -36.68 2.18
N PRO B 516 31.90 -37.23 1.63
CA PRO B 516 32.55 -38.41 2.22
C PRO B 516 32.93 -38.27 3.70
N SER B 517 33.42 -37.11 4.10
CA SER B 517 33.96 -36.96 5.45
C SER B 517 32.87 -37.04 6.51
N THR B 518 31.65 -36.67 6.15
CA THR B 518 30.51 -36.76 7.06
C THR B 518 30.32 -38.19 7.56
N PHE B 519 30.66 -39.15 6.72
CA PHE B 519 30.40 -40.56 7.02
C PHE B 519 31.67 -41.36 7.25
N GLY B 520 32.76 -40.68 7.58
CA GLY B 520 34.02 -41.31 7.91
C GLY B 520 34.91 -41.62 6.73
N GLY B 521 34.60 -41.02 5.59
CA GLY B 521 35.36 -41.25 4.39
C GLY B 521 34.57 -42.01 3.32
N GLU B 522 35.27 -42.33 2.25
CA GLU B 522 34.66 -42.89 1.05
C GLU B 522 34.03 -44.25 1.30
N VAL B 523 34.49 -44.93 2.33
CA VAL B 523 33.99 -46.25 2.67
C VAL B 523 32.59 -46.20 3.29
N GLY B 524 32.39 -45.28 4.22
CA GLY B 524 31.09 -45.09 4.83
C GLY B 524 30.10 -44.51 3.85
N PHE B 525 30.61 -43.66 2.95
CA PHE B 525 29.78 -43.08 1.90
C PHE B 525 29.30 -44.18 0.98
N LYS B 526 30.20 -45.12 0.69
CA LYS B 526 29.90 -46.22 -0.21
C LYS B 526 28.83 -47.16 0.36
N ILE B 527 28.74 -47.23 1.68
CA ILE B 527 27.74 -48.08 2.32
C ILE B 527 26.34 -47.53 2.08
N ILE B 528 26.20 -46.20 2.14
CA ILE B 528 24.91 -45.59 1.85
C ILE B 528 24.54 -45.79 0.39
N ASN B 529 25.49 -45.48 -0.50
CA ASN B 529 25.20 -45.43 -1.94
C ASN B 529 24.98 -46.80 -2.59
N THR B 530 25.43 -47.86 -1.93
CA THR B 530 25.25 -49.21 -2.46
C THR B 530 24.26 -50.01 -1.59
N ALA B 531 23.57 -49.31 -0.70
CA ALA B 531 22.63 -49.98 0.21
C ALA B 531 21.37 -50.45 -0.50
N SER B 532 20.80 -51.55 -0.01
CA SER B 532 19.57 -52.10 -0.55
C SER B 532 18.91 -52.98 0.51
N ILE B 533 17.63 -53.29 0.32
CA ILE B 533 16.95 -54.18 1.26
C ILE B 533 17.62 -55.56 1.20
N GLN B 534 18.04 -55.97 0.01
CA GLN B 534 18.73 -57.26 -0.15
C GLN B 534 20.10 -57.31 0.53
N SER B 535 20.89 -56.24 0.42
CA SER B 535 22.21 -56.23 1.05
C SER B 535 22.09 -56.08 2.56
N LEU B 536 21.10 -55.30 3.00
CA LEU B 536 20.78 -55.17 4.42
C LEU B 536 20.53 -56.53 5.05
N ILE B 537 19.68 -57.33 4.41
CA ILE B 537 19.36 -58.66 4.91
C ILE B 537 20.55 -59.61 4.73
N CYS B 538 21.22 -59.52 3.59
CA CYS B 538 22.34 -60.40 3.28
C CYS B 538 23.51 -60.27 4.26
N ASN B 539 23.83 -59.02 4.63
CA ASN B 539 24.92 -58.77 5.57
C ASN B 539 24.61 -59.15 7.01
N ASN B 540 23.34 -59.13 7.38
CA ASN B 540 22.97 -59.26 8.79
C ASN B 540 22.12 -60.47 9.14
N VAL B 541 21.79 -61.27 8.15
CA VAL B 541 20.99 -62.47 8.42
C VAL B 541 21.76 -63.71 7.98
N LYS B 542 21.84 -64.68 8.88
CA LYS B 542 22.63 -65.89 8.65
C LYS B 542 22.18 -66.63 7.40
N GLY B 543 23.13 -66.94 6.54
CA GLY B 543 22.85 -67.68 5.32
C GLY B 543 22.58 -66.77 4.14
N CYS B 544 22.45 -65.47 4.41
CA CYS B 544 22.18 -64.48 3.38
C CYS B 544 21.00 -64.90 2.49
N PRO B 545 19.79 -64.98 3.08
CA PRO B 545 18.64 -65.42 2.30
C PRO B 545 18.15 -64.35 1.34
N PHE B 546 17.62 -64.77 0.21
CA PHE B 546 17.04 -63.86 -0.77
C PHE B 546 15.88 -63.10 -0.15
N THR B 547 15.70 -61.85 -0.56
CA THR B 547 14.57 -61.06 -0.10
C THR B 547 14.21 -59.97 -1.11
N SER B 548 12.94 -59.55 -1.06
CA SER B 548 12.50 -58.37 -1.77
C SER B 548 11.16 -57.97 -1.17
N PHE B 549 10.49 -56.99 -1.77
CA PHE B 549 9.21 -56.55 -1.27
C PHE B 549 8.09 -57.14 -2.11
N ASN B 550 8.46 -58.08 -2.98
CA ASN B 550 7.53 -58.67 -3.92
C ASN B 550 7.56 -60.19 -3.83
N VAL B 551 6.39 -60.82 -3.89
CA VAL B 551 6.32 -62.28 -3.84
C VAL B 551 6.86 -62.92 -5.12
N GLN B 552 7.75 -63.88 -4.95
CA GLN B 552 8.38 -64.57 -6.06
C GLN B 552 7.53 -65.75 -6.51
N ALA C 1 -26.99 3.07 12.21
CA ALA C 1 -26.67 3.83 13.41
C ALA C 1 -26.83 5.32 13.16
N ASN C 2 -26.49 5.77 11.96
CA ASN C 2 -26.59 7.18 11.59
C ASN C 2 -28.04 7.64 11.59
N PRO C 3 -28.38 8.59 12.48
CA PRO C 3 -29.75 9.11 12.63
C PRO C 3 -30.29 9.83 11.39
N CYS C 4 -29.41 10.09 10.42
CA CYS C 4 -29.82 10.77 9.19
C CYS C 4 -30.18 9.78 8.07
N CYS C 5 -30.09 8.48 8.38
CA CYS C 5 -30.34 7.44 7.39
C CYS C 5 -31.75 7.50 6.79
N SER C 6 -32.72 7.99 7.56
CA SER C 6 -34.09 8.06 7.07
C SER C 6 -34.35 9.23 6.14
N ASN C 7 -33.35 10.09 5.96
CA ASN C 7 -33.51 11.34 5.24
C ASN C 7 -34.65 12.19 5.79
N PRO C 8 -34.60 12.50 7.09
CA PRO C 8 -35.74 13.16 7.73
C PRO C 8 -35.96 14.60 7.25
N CYS C 9 -34.92 15.25 6.75
CA CYS C 9 -35.02 16.66 6.35
C CYS C 9 -35.66 16.81 4.98
N GLN C 10 -36.73 17.59 4.92
CA GLN C 10 -37.44 17.83 3.68
C GLN C 10 -37.10 19.20 3.10
N ASN C 11 -37.52 19.43 1.86
CA ASN C 11 -37.34 20.70 1.19
C ASN C 11 -35.89 21.21 1.12
N ARG C 12 -34.99 20.31 0.72
CA ARG C 12 -33.57 20.61 0.55
C ARG C 12 -32.84 21.03 1.83
N GLY C 13 -33.42 20.70 2.97
CA GLY C 13 -32.79 20.94 4.26
C GLY C 13 -31.71 19.90 4.51
N GLU C 14 -30.64 20.31 5.20
CA GLU C 14 -29.50 19.42 5.41
C GLU C 14 -29.54 18.76 6.77
N CYS C 15 -29.31 17.45 6.80
CA CYS C 15 -29.35 16.68 8.04
C CYS C 15 -27.97 16.48 8.64
N MET C 16 -27.86 16.71 9.93
CA MET C 16 -26.59 16.57 10.63
C MET C 16 -26.82 15.83 11.93
N SER C 17 -25.94 14.89 12.27
CA SER C 17 -26.05 14.20 13.54
C SER C 17 -25.60 15.12 14.67
N THR C 18 -26.26 15.01 15.82
CA THR C 18 -25.91 15.81 16.99
C THR C 18 -25.72 14.88 18.18
N GLY C 19 -25.35 13.65 17.86
CA GLY C 19 -25.20 12.61 18.87
C GLY C 19 -25.38 11.28 18.19
N PHE C 20 -25.21 10.20 18.95
CA PHE C 20 -25.34 8.86 18.38
C PHE C 20 -26.75 8.55 17.87
N ASP C 21 -27.76 9.15 18.50
CA ASP C 21 -29.13 8.78 18.19
C ASP C 21 -30.05 9.98 17.99
N GLN C 22 -29.47 11.13 17.66
CA GLN C 22 -30.26 12.32 17.38
C GLN C 22 -29.70 13.10 16.19
N TYR C 23 -30.57 13.87 15.53
CA TYR C 23 -30.17 14.64 14.36
C TYR C 23 -30.70 16.05 14.44
N LYS C 24 -30.27 16.89 13.50
CA LYS C 24 -30.72 18.26 13.41
C LYS C 24 -30.83 18.65 11.94
N CYS C 25 -31.86 19.41 11.60
CA CYS C 25 -32.06 19.85 10.23
C CYS C 25 -31.74 21.33 10.06
N ASP C 26 -30.77 21.61 9.20
CA ASP C 26 -30.41 22.97 8.85
C ASP C 26 -31.34 23.47 7.77
N CYS C 27 -32.29 24.32 8.14
CA CYS C 27 -33.32 24.79 7.21
C CYS C 27 -32.97 26.12 6.56
N THR C 28 -31.70 26.49 6.62
CA THR C 28 -31.25 27.77 6.09
C THR C 28 -31.67 27.97 4.63
N ARG C 29 -32.31 29.11 4.36
CA ARG C 29 -32.72 29.50 3.01
C ARG C 29 -33.59 28.49 2.26
N THR C 30 -34.21 27.55 2.96
CA THR C 30 -35.10 26.60 2.30
C THR C 30 -36.51 27.17 2.11
N GLY C 31 -36.82 28.23 2.85
CA GLY C 31 -38.17 28.78 2.84
C GLY C 31 -39.09 28.03 3.78
N PHE C 32 -38.51 27.09 4.53
CA PHE C 32 -39.26 26.31 5.50
C PHE C 32 -38.52 26.34 6.83
N TYR C 33 -39.19 25.93 7.89
CA TYR C 33 -38.55 25.76 9.19
C TYR C 33 -39.23 24.65 9.97
N GLY C 34 -38.80 24.45 11.21
CA GLY C 34 -39.28 23.33 11.98
C GLY C 34 -38.32 22.16 11.95
N GLU C 35 -38.61 21.16 12.77
CA GLU C 35 -37.69 20.04 12.97
C GLU C 35 -37.22 19.36 11.70
N ASN C 36 -38.15 19.18 10.75
CA ASN C 36 -37.83 18.51 9.50
C ASN C 36 -37.89 19.45 8.30
N CYS C 37 -37.90 20.76 8.57
CA CYS C 37 -38.01 21.78 7.53
C CYS C 37 -39.28 21.61 6.70
N THR C 38 -40.40 21.38 7.38
CA THR C 38 -41.64 21.07 6.66
C THR C 38 -42.70 22.17 6.77
N THR C 39 -42.57 23.02 7.78
CA THR C 39 -43.55 24.09 7.92
C THR C 39 -43.08 25.32 7.16
N PRO C 40 -43.88 25.73 6.17
CA PRO C 40 -43.52 26.79 5.23
C PRO C 40 -43.64 28.17 5.82
N GLU C 41 -42.86 29.09 5.27
CA GLU C 41 -42.93 30.47 5.68
C GLU C 41 -43.98 31.14 4.84
N PHE C 42 -44.27 32.40 5.17
CA PHE C 42 -45.37 33.09 4.55
C PHE C 42 -45.23 33.18 3.04
N LEU C 43 -44.10 33.71 2.60
CA LEU C 43 -43.84 33.84 1.18
C LEU C 43 -43.81 32.47 0.50
N THR C 44 -43.41 31.44 1.25
CA THR C 44 -43.34 30.09 0.69
C THR C 44 -44.72 29.58 0.33
N ARG C 45 -45.71 29.90 1.16
CA ARG C 45 -47.07 29.47 0.92
C ARG C 45 -47.65 30.11 -0.32
N ILE C 46 -47.25 31.34 -0.60
CA ILE C 46 -47.72 32.06 -1.77
C ILE C 46 -47.10 31.46 -3.02
N LYS C 47 -45.82 31.13 -2.94
CA LYS C 47 -45.15 30.50 -4.06
C LYS C 47 -45.84 29.21 -4.45
N LEU C 48 -46.09 28.35 -3.46
CA LEU C 48 -46.64 27.03 -3.72
C LEU C 48 -48.04 27.03 -4.34
N LEU C 49 -48.70 28.18 -4.33
CA LEU C 49 -50.03 28.30 -4.95
C LEU C 49 -49.91 28.96 -6.30
N LEU C 50 -48.74 29.54 -6.55
CA LEU C 50 -48.54 30.32 -7.75
C LEU C 50 -47.65 29.57 -8.75
N LYS C 51 -47.18 28.39 -8.36
CA LYS C 51 -46.36 27.61 -9.28
C LYS C 51 -47.09 26.36 -9.80
N PRO C 52 -47.13 26.22 -11.13
CA PRO C 52 -47.77 25.07 -11.77
C PRO C 52 -46.86 23.85 -11.76
N THR C 53 -47.46 22.66 -11.83
CA THR C 53 -46.69 21.41 -11.89
C THR C 53 -45.95 21.31 -13.22
N PRO C 54 -44.84 20.56 -13.24
CA PRO C 54 -44.08 20.33 -14.47
C PRO C 54 -44.97 19.82 -15.60
N ASN C 55 -45.87 18.90 -15.29
CA ASN C 55 -46.79 18.37 -16.29
C ASN C 55 -47.70 19.45 -16.85
N THR C 56 -48.14 20.35 -15.98
CA THR C 56 -48.94 21.49 -16.40
C THR C 56 -48.14 22.36 -17.38
N VAL C 57 -46.90 22.69 -16.99
CA VAL C 57 -46.04 23.49 -17.84
C VAL C 57 -45.75 22.75 -19.15
N HIS C 58 -45.57 21.44 -19.06
CA HIS C 58 -45.31 20.61 -20.22
C HIS C 58 -46.46 20.67 -21.21
N TYR C 59 -47.69 20.56 -20.71
CA TYR C 59 -48.88 20.61 -21.55
C TYR C 59 -48.92 21.92 -22.33
N ILE C 60 -48.60 23.02 -21.66
CA ILE C 60 -48.66 24.34 -22.28
C ILE C 60 -47.63 24.46 -23.38
N LEU C 61 -46.46 23.86 -23.16
CA LEU C 61 -45.38 23.93 -24.14
C LEU C 61 -45.60 23.02 -25.33
N THR C 62 -46.47 22.01 -25.19
CA THR C 62 -46.71 21.04 -26.26
C THR C 62 -48.09 21.21 -26.91
N HIS C 63 -48.83 22.22 -26.45
CA HIS C 63 -50.09 22.56 -27.09
C HIS C 63 -50.08 24.02 -27.46
N PHE C 64 -51.22 24.48 -27.97
CA PHE C 64 -51.36 25.86 -28.38
C PHE C 64 -50.28 26.18 -29.43
N LYS C 65 -50.15 25.31 -30.42
CA LYS C 65 -49.09 25.49 -31.42
C LYS C 65 -49.25 26.79 -32.20
N GLY C 66 -50.49 27.21 -32.41
CA GLY C 66 -50.78 28.46 -33.08
C GLY C 66 -50.30 29.67 -32.31
N VAL C 67 -50.49 29.68 -31.00
CA VAL C 67 -49.98 30.80 -30.19
C VAL C 67 -48.46 30.82 -30.15
N TRP C 68 -47.85 29.64 -30.02
CA TRP C 68 -46.41 29.55 -29.97
C TRP C 68 -45.78 30.04 -31.26
N ASN C 69 -46.51 29.88 -32.37
CA ASN C 69 -46.00 30.35 -33.65
C ASN C 69 -45.95 31.88 -33.73
N ILE C 70 -46.90 32.54 -33.09
CA ILE C 70 -46.91 34.00 -33.05
C ILE C 70 -45.76 34.47 -32.19
N VAL C 71 -45.61 33.82 -31.04
CA VAL C 71 -44.54 34.14 -30.12
C VAL C 71 -43.16 33.87 -30.74
N ASN C 72 -43.04 32.76 -31.45
CA ASN C 72 -41.78 32.39 -32.10
C ASN C 72 -41.30 33.42 -33.11
N ASN C 73 -42.23 34.21 -33.64
CA ASN C 73 -41.92 35.18 -34.69
C ASN C 73 -41.77 36.61 -34.19
N ILE C 74 -41.99 36.81 -32.90
CA ILE C 74 -41.74 38.10 -32.30
C ILE C 74 -40.47 38.01 -31.46
N PRO C 75 -39.35 38.45 -32.04
CA PRO C 75 -38.01 38.30 -31.45
C PRO C 75 -37.94 38.76 -30.00
N PHE C 76 -38.53 39.90 -29.65
CA PHE C 76 -38.48 40.31 -28.25
C PHE C 76 -39.32 39.41 -27.35
N LEU C 77 -40.44 38.91 -27.86
CA LEU C 77 -41.27 38.00 -27.08
C LEU C 77 -40.50 36.71 -26.84
N ARG C 78 -39.90 36.18 -27.91
CA ARG C 78 -39.17 34.92 -27.85
C ARG C 78 -38.00 34.99 -26.88
N SER C 79 -37.22 36.06 -26.96
CA SER C 79 -36.08 36.26 -26.08
C SER C 79 -36.54 36.37 -24.63
N LEU C 80 -37.66 37.06 -24.45
CA LEU C 80 -38.23 37.25 -23.12
C LEU C 80 -38.58 35.91 -22.50
N ILE C 81 -39.25 35.06 -23.27
CA ILE C 81 -39.63 33.76 -22.76
C ILE C 81 -38.41 32.91 -22.45
N MET C 82 -37.45 32.88 -23.37
CA MET C 82 -36.24 32.10 -23.19
C MET C 82 -35.48 32.54 -21.94
N LYS C 83 -35.52 33.84 -21.67
CA LYS C 83 -34.90 34.42 -20.47
C LYS C 83 -35.54 33.82 -19.22
N TYR C 84 -36.87 33.69 -19.25
CA TYR C 84 -37.60 33.12 -18.12
C TYR C 84 -37.28 31.64 -17.91
N VAL C 85 -37.30 30.85 -18.97
CA VAL C 85 -37.07 29.41 -18.83
C VAL C 85 -35.64 29.17 -18.35
N LEU C 86 -34.76 30.11 -18.67
CA LEU C 86 -33.35 29.98 -18.38
C LEU C 86 -33.11 30.12 -16.89
N THR C 87 -33.75 31.11 -16.28
CA THR C 87 -33.58 31.37 -14.86
C THR C 87 -34.34 30.34 -14.01
N SER C 88 -35.53 29.96 -14.46
CA SER C 88 -36.39 29.04 -13.71
C SER C 88 -35.80 27.65 -13.59
N ARG C 89 -34.84 27.34 -14.43
CA ARG C 89 -34.22 26.07 -14.37
C ARG C 89 -32.79 26.21 -13.89
N SER C 90 -32.60 26.93 -12.80
CA SER C 90 -31.26 27.24 -12.32
C SER C 90 -31.11 27.13 -10.81
N TYR C 91 -32.22 27.24 -10.09
CA TYR C 91 -32.20 27.18 -8.63
C TYR C 91 -32.02 25.76 -8.08
N LEU C 92 -31.90 24.79 -8.97
CA LEU C 92 -31.96 23.38 -8.54
C LEU C 92 -30.60 22.67 -8.50
N ILE C 93 -29.59 23.26 -9.11
CA ILE C 93 -28.27 22.64 -9.15
C ILE C 93 -27.30 23.34 -8.18
N ASP C 94 -26.65 22.55 -7.33
CA ASP C 94 -25.63 23.10 -6.45
C ASP C 94 -24.43 23.53 -7.29
N SER C 95 -24.10 24.81 -7.22
CA SER C 95 -23.00 25.35 -8.01
C SER C 95 -22.37 26.56 -7.30
N PRO C 96 -21.12 26.41 -6.80
CA PRO C 96 -20.21 25.27 -6.81
C PRO C 96 -20.77 24.00 -6.17
N PRO C 97 -20.35 22.83 -6.66
CA PRO C 97 -20.92 21.53 -6.28
C PRO C 97 -20.65 21.16 -4.82
N THR C 98 -21.30 20.10 -4.37
CA THR C 98 -21.24 19.66 -3.00
C THR C 98 -20.77 18.20 -2.89
N TYR C 99 -21.72 17.28 -2.75
CA TYR C 99 -21.42 15.91 -2.39
C TYR C 99 -20.87 15.07 -3.54
N ASN C 100 -20.26 13.95 -3.19
CA ASN C 100 -19.90 12.94 -4.18
C ASN C 100 -20.05 11.54 -3.58
N VAL C 101 -19.56 10.51 -4.27
CA VAL C 101 -19.80 9.15 -3.79
C VAL C 101 -19.23 8.87 -2.40
N HIS C 102 -18.12 9.52 -2.07
CA HIS C 102 -17.44 9.29 -0.80
C HIS C 102 -17.78 10.30 0.29
N TYR C 103 -18.58 11.31 -0.05
CA TYR C 103 -18.90 12.35 0.93
C TYR C 103 -20.38 12.72 1.02
N GLY C 104 -21.01 12.29 2.10
CA GLY C 104 -22.39 12.64 2.40
C GLY C 104 -22.51 13.95 3.15
N TYR C 105 -21.38 14.64 3.28
CA TYR C 105 -21.32 15.98 3.86
C TYR C 105 -20.37 16.80 3.02
N LYS C 106 -20.54 18.11 3.02
CA LYS C 106 -19.64 18.99 2.29
C LYS C 106 -18.23 18.93 2.87
N SER C 107 -17.24 18.78 2.00
CA SER C 107 -15.85 18.78 2.43
C SER C 107 -14.97 19.39 1.34
N TRP C 108 -13.79 19.84 1.71
CA TRP C 108 -12.90 20.44 0.71
C TRP C 108 -12.43 19.39 -0.29
N GLU C 109 -12.29 18.15 0.18
CA GLU C 109 -11.92 17.04 -0.68
C GLU C 109 -12.98 16.85 -1.76
N ALA C 110 -14.25 16.91 -1.36
CA ALA C 110 -15.35 16.75 -2.31
C ALA C 110 -15.44 17.96 -3.23
N PHE C 111 -15.15 19.14 -2.72
CA PHE C 111 -15.19 20.29 -3.60
C PHE C 111 -14.04 20.28 -4.62
N SER C 112 -12.84 19.93 -4.16
CA SER C 112 -11.64 20.18 -4.96
C SER C 112 -11.24 19.06 -5.92
N ASN C 113 -11.67 17.83 -5.61
CA ASN C 113 -11.23 16.69 -6.39
C ASN C 113 -12.04 16.54 -7.69
N LEU C 114 -11.47 17.02 -8.79
CA LEU C 114 -12.16 17.01 -10.07
C LEU C 114 -12.33 15.60 -10.64
N SER C 115 -11.64 14.63 -10.05
CA SER C 115 -11.73 13.24 -10.52
C SER C 115 -13.08 12.57 -10.21
N TYR C 116 -13.84 13.16 -9.30
CA TYR C 116 -15.14 12.60 -8.93
C TYR C 116 -16.24 13.17 -9.80
N TYR C 117 -17.27 12.37 -10.05
CA TYR C 117 -18.54 12.92 -10.46
C TYR C 117 -19.11 13.60 -9.22
N THR C 118 -19.78 14.72 -9.38
CA THR C 118 -20.45 15.31 -8.23
C THR C 118 -21.77 14.58 -7.99
N ARG C 119 -22.53 15.02 -6.99
CA ARG C 119 -23.74 14.31 -6.65
C ARG C 119 -24.89 15.23 -6.23
N ALA C 120 -26.03 15.10 -6.91
CA ALA C 120 -27.20 15.93 -6.60
C ALA C 120 -27.81 15.59 -5.23
N LEU C 121 -27.79 14.31 -4.86
CA LEU C 121 -28.18 13.88 -3.51
C LEU C 121 -27.05 13.09 -2.88
N PRO C 122 -26.72 13.38 -1.62
CA PRO C 122 -25.60 12.67 -0.98
C PRO C 122 -25.85 11.16 -0.94
N PRO C 123 -24.78 10.36 -0.82
CA PRO C 123 -24.93 8.90 -0.75
C PRO C 123 -25.54 8.45 0.58
N VAL C 124 -26.30 7.36 0.55
CA VAL C 124 -26.81 6.74 1.76
C VAL C 124 -25.65 6.18 2.58
N ALA C 125 -25.52 6.66 3.82
CA ALA C 125 -24.40 6.28 4.69
C ALA C 125 -24.20 4.76 4.74
N ASP C 126 -22.93 4.36 4.82
CA ASP C 126 -22.57 2.93 4.78
C ASP C 126 -23.13 2.14 5.96
N ASP C 127 -23.47 2.81 7.05
CA ASP C 127 -23.97 2.13 8.24
C ASP C 127 -25.50 2.16 8.38
N CYS C 128 -26.19 2.56 7.32
CA CYS C 128 -27.64 2.51 7.32
C CYS C 128 -28.10 1.05 7.26
N PRO C 129 -29.18 0.73 7.99
CA PRO C 129 -29.69 -0.65 8.06
C PRO C 129 -30.18 -1.19 6.71
N THR C 130 -30.67 -0.32 5.84
CA THR C 130 -31.13 -0.73 4.52
C THR C 130 -30.49 0.11 3.42
N PRO C 131 -30.40 -0.44 2.21
CA PRO C 131 -29.77 0.28 1.08
C PRO C 131 -30.36 1.67 0.83
N MET C 132 -31.64 1.87 1.12
CA MET C 132 -32.28 3.16 0.88
C MET C 132 -32.28 4.02 2.13
N GLY C 133 -31.67 3.51 3.20
CA GLY C 133 -31.63 4.21 4.46
C GLY C 133 -32.27 3.39 5.57
N VAL C 134 -33.58 3.56 5.73
CA VAL C 134 -34.35 2.82 6.75
C VAL C 134 -35.38 1.88 6.13
N LYS C 135 -36.01 2.33 5.04
CA LYS C 135 -37.10 1.59 4.42
C LYS C 135 -36.65 0.39 3.60
N GLY C 136 -37.57 -0.56 3.38
CA GLY C 136 -37.27 -1.73 2.58
C GLY C 136 -36.60 -2.85 3.33
N ASN C 137 -36.15 -3.87 2.59
CA ASN C 137 -35.45 -5.00 3.17
C ASN C 137 -33.95 -4.76 3.24
N LYS C 138 -33.23 -5.71 3.84
CA LYS C 138 -31.77 -5.60 3.98
C LYS C 138 -31.09 -5.60 2.61
N GLU C 139 -31.71 -6.27 1.66
CA GLU C 139 -31.16 -6.44 0.33
C GLU C 139 -32.20 -5.96 -0.69
N LEU C 140 -31.74 -5.28 -1.72
CA LEU C 140 -32.60 -4.86 -2.83
C LEU C 140 -32.89 -6.06 -3.72
N PRO C 141 -34.03 -6.03 -4.45
CA PRO C 141 -34.37 -7.15 -5.34
C PRO C 141 -33.27 -7.45 -6.35
N ASP C 142 -33.14 -8.72 -6.72
CA ASP C 142 -32.18 -9.17 -7.72
C ASP C 142 -32.24 -8.27 -8.94
N SER C 143 -31.13 -7.63 -9.27
CA SER C 143 -31.08 -6.71 -10.40
C SER C 143 -31.38 -7.43 -11.71
N LYS C 144 -30.96 -8.69 -11.81
CA LYS C 144 -31.26 -9.51 -12.97
C LYS C 144 -32.76 -9.71 -13.10
N GLU C 145 -33.45 -9.86 -11.97
CA GLU C 145 -34.90 -10.01 -11.96
C GLU C 145 -35.59 -8.73 -12.46
N VAL C 146 -35.21 -7.59 -11.90
CA VAL C 146 -35.72 -6.29 -12.36
C VAL C 146 -35.48 -6.09 -13.86
N LEU C 147 -34.26 -6.41 -14.28
CA LEU C 147 -33.83 -6.29 -15.67
C LEU C 147 -34.71 -7.11 -16.62
N GLU C 148 -34.83 -8.40 -16.35
CA GLU C 148 -35.55 -9.31 -17.24
C GLU C 148 -37.05 -9.08 -17.26
N LYS C 149 -37.58 -8.53 -16.16
CA LYS C 149 -39.02 -8.39 -16.03
C LYS C 149 -39.61 -7.10 -16.57
N VAL C 150 -38.92 -5.98 -16.37
CA VAL C 150 -39.49 -4.71 -16.80
C VAL C 150 -38.59 -3.87 -17.73
N LEU C 151 -37.37 -4.32 -17.98
CA LEU C 151 -36.47 -3.53 -18.83
C LEU C 151 -36.21 -4.13 -20.21
N LEU C 152 -35.97 -5.43 -20.26
CA LEU C 152 -35.59 -6.09 -21.52
C LEU C 152 -36.68 -5.97 -22.59
N ARG C 153 -36.28 -5.82 -23.82
CA ARG C 153 -37.18 -5.71 -24.92
C ARG C 153 -37.73 -7.08 -25.44
N ARG C 154 -39.03 -7.18 -25.57
CA ARG C 154 -39.62 -8.27 -26.32
C ARG C 154 -39.59 -7.77 -27.73
N GLU C 155 -40.55 -7.02 -28.13
CA GLU C 155 -40.43 -6.46 -29.46
C GLU C 155 -40.21 -4.96 -29.44
N PHE C 156 -39.54 -4.49 -30.48
CA PHE C 156 -39.15 -3.09 -30.62
C PHE C 156 -40.34 -2.15 -30.44
N ILE C 157 -40.17 -1.16 -29.57
CA ILE C 157 -41.17 -0.12 -29.41
C ILE C 157 -40.60 1.19 -29.93
N PRO C 158 -41.14 1.66 -31.06
CA PRO C 158 -40.61 2.88 -31.68
C PRO C 158 -40.96 4.10 -30.85
N ASP C 159 -40.08 5.10 -30.84
CA ASP C 159 -40.36 6.36 -30.19
C ASP C 159 -41.50 7.05 -30.93
N PRO C 160 -42.55 7.44 -30.20
CA PRO C 160 -43.65 8.17 -30.81
C PRO C 160 -43.27 9.60 -31.20
N GLN C 161 -42.15 10.10 -30.71
CA GLN C 161 -41.71 11.44 -31.10
C GLN C 161 -40.88 11.43 -32.39
N GLY C 162 -40.65 10.24 -32.93
CA GLY C 162 -40.00 10.09 -34.21
C GLY C 162 -38.49 10.23 -34.24
N SER C 163 -37.85 10.13 -33.08
CA SER C 163 -36.39 10.23 -33.00
C SER C 163 -35.73 9.20 -33.90
N ASN C 164 -34.73 9.64 -34.66
CA ASN C 164 -34.00 8.74 -35.55
C ASN C 164 -32.62 8.38 -35.03
N MET C 165 -31.86 7.65 -35.84
CA MET C 165 -30.52 7.22 -35.45
C MET C 165 -29.52 8.38 -35.48
N MET C 166 -29.84 9.43 -36.22
CA MET C 166 -29.03 10.64 -36.16
C MET C 166 -29.09 11.21 -34.75
N PHE C 167 -30.29 11.19 -34.16
CA PHE C 167 -30.48 11.66 -32.80
C PHE C 167 -29.74 10.78 -31.79
N ALA C 168 -29.92 9.47 -31.90
CA ALA C 168 -29.36 8.53 -30.93
C ALA C 168 -27.83 8.59 -30.90
N PHE C 169 -27.22 8.61 -32.07
CA PHE C 169 -25.76 8.63 -32.16
C PHE C 169 -25.20 10.00 -31.81
N PHE C 170 -25.97 11.05 -32.05
CA PHE C 170 -25.58 12.39 -31.64
C PHE C 170 -25.55 12.45 -30.12
N ALA C 171 -26.60 11.92 -29.49
CA ALA C 171 -26.70 11.86 -28.05
C ALA C 171 -25.50 11.12 -27.46
N GLN C 172 -25.21 9.96 -28.02
CA GLN C 172 -24.09 9.16 -27.55
C GLN C 172 -22.76 9.88 -27.75
N HIS C 173 -22.60 10.53 -28.91
CA HIS C 173 -21.34 11.19 -29.26
C HIS C 173 -21.12 12.46 -28.44
N PHE C 174 -22.16 13.29 -28.34
CA PHE C 174 -22.08 14.53 -27.59
C PHE C 174 -21.85 14.32 -26.09
N THR C 175 -22.61 13.41 -25.47
CA THR C 175 -22.52 13.19 -24.03
C THR C 175 -21.26 12.42 -23.63
N HIS C 176 -20.62 11.76 -24.57
CA HIS C 176 -19.43 10.97 -24.23
C HIS C 176 -18.14 11.78 -24.12
N GLN C 177 -18.27 13.10 -24.16
CA GLN C 177 -17.15 13.95 -23.85
C GLN C 177 -17.14 14.27 -22.36
N PHE C 178 -18.30 14.12 -21.71
CA PHE C 178 -18.37 14.40 -20.26
C PHE C 178 -18.88 13.22 -19.42
N PHE C 179 -19.36 12.18 -20.07
CA PHE C 179 -19.63 10.92 -19.40
C PHE C 179 -18.51 9.97 -19.80
N LYS C 180 -17.49 9.89 -18.95
CA LYS C 180 -16.28 9.14 -19.28
C LYS C 180 -15.76 8.49 -18.02
N THR C 181 -16.41 7.40 -17.62
CA THR C 181 -16.15 6.80 -16.32
C THR C 181 -14.80 6.12 -16.24
N ASP C 182 -14.02 6.51 -15.23
CA ASP C 182 -12.71 5.92 -14.97
C ASP C 182 -12.90 4.62 -14.22
N HIS C 183 -12.98 3.52 -14.96
CA HIS C 183 -13.28 2.22 -14.37
C HIS C 183 -12.13 1.68 -13.52
N LYS C 184 -10.93 2.25 -13.69
CA LYS C 184 -9.83 1.91 -12.80
C LYS C 184 -10.16 2.34 -11.37
N ARG C 185 -10.74 3.54 -11.23
CA ARG C 185 -11.04 4.09 -9.92
C ARG C 185 -12.39 3.62 -9.36
N GLY C 186 -13.39 3.51 -10.23
CA GLY C 186 -14.73 3.11 -9.83
C GLY C 186 -15.80 3.96 -10.49
N PRO C 187 -17.06 3.52 -10.39
CA PRO C 187 -18.20 4.16 -11.08
C PRO C 187 -18.44 5.61 -10.68
N GLY C 188 -17.94 6.03 -9.53
CA GLY C 188 -18.14 7.40 -9.09
C GLY C 188 -17.10 8.38 -9.61
N PHE C 189 -16.18 7.90 -10.45
CA PHE C 189 -15.08 8.72 -10.94
C PHE C 189 -15.12 8.96 -12.44
N THR C 190 -14.61 10.11 -12.86
CA THR C 190 -14.63 10.48 -14.28
C THR C 190 -13.23 10.79 -14.81
N ARG C 191 -13.08 10.65 -16.12
CA ARG C 191 -11.86 11.06 -16.79
C ARG C 191 -12.01 12.43 -17.41
N GLY C 192 -13.24 12.95 -17.42
CA GLY C 192 -13.53 14.24 -18.04
C GLY C 192 -13.32 15.39 -17.08
N LEU C 193 -12.07 15.77 -16.85
CA LEU C 193 -11.76 16.77 -15.85
C LEU C 193 -12.28 18.17 -16.23
N GLY C 194 -12.68 18.34 -17.47
CA GLY C 194 -13.31 19.56 -17.93
C GLY C 194 -14.75 19.69 -17.44
N HIS C 195 -15.37 18.55 -17.14
CA HIS C 195 -16.71 18.54 -16.56
C HIS C 195 -17.74 19.33 -17.37
N GLY C 196 -17.68 19.21 -18.68
CA GLY C 196 -18.61 19.93 -19.54
C GLY C 196 -18.29 19.77 -21.02
N VAL C 197 -18.73 20.74 -21.81
CA VAL C 197 -18.55 20.70 -23.26
C VAL C 197 -17.24 21.37 -23.67
N ASP C 198 -16.15 20.61 -23.59
CA ASP C 198 -14.85 21.13 -23.98
C ASP C 198 -14.37 20.52 -25.30
N LEU C 199 -15.21 19.66 -25.88
CA LEU C 199 -14.89 18.92 -27.11
C LEU C 199 -13.61 18.08 -27.02
N ASN C 200 -13.31 17.58 -25.83
CA ASN C 200 -12.18 16.67 -25.66
C ASN C 200 -12.37 15.38 -26.48
N HIS C 201 -13.61 15.07 -26.82
CA HIS C 201 -13.90 13.91 -27.65
C HIS C 201 -13.50 14.10 -29.10
N ILE C 202 -13.09 15.32 -29.44
CA ILE C 202 -12.54 15.61 -30.75
C ILE C 202 -11.04 15.93 -30.62
N TYR C 203 -10.70 16.70 -29.60
CA TYR C 203 -9.35 17.22 -29.46
C TYR C 203 -8.49 16.44 -28.48
N GLY C 204 -9.09 15.51 -27.73
CA GLY C 204 -8.33 14.75 -26.77
C GLY C 204 -8.34 15.43 -25.41
N GLU C 205 -8.34 14.63 -24.36
CA GLU C 205 -8.38 15.14 -22.98
C GLU C 205 -7.07 15.80 -22.55
N THR C 206 -5.95 15.29 -23.03
CA THR C 206 -4.65 15.80 -22.63
C THR C 206 -3.94 16.52 -23.78
N LEU C 207 -3.03 17.42 -23.41
CA LEU C 207 -2.22 18.17 -24.37
C LEU C 207 -1.42 17.26 -25.29
N ASP C 208 -0.91 16.19 -24.76
CA ASP C 208 -0.10 15.26 -25.50
C ASP C 208 -0.90 14.57 -26.58
N ARG C 209 -2.11 14.25 -26.24
CA ARG C 209 -3.01 13.58 -27.18
C ARG C 209 -3.44 14.55 -28.27
N GLN C 210 -3.77 15.78 -27.87
CA GLN C 210 -4.16 16.81 -28.82
C GLN C 210 -3.09 17.06 -29.86
N HIS C 211 -1.84 17.14 -29.42
CA HIS C 211 -0.73 17.42 -30.31
C HIS C 211 -0.47 16.30 -31.32
N LYS C 212 -0.66 15.05 -30.89
CA LYS C 212 -0.54 13.92 -31.80
C LYS C 212 -1.63 13.95 -32.86
N LEU C 213 -2.77 14.54 -32.51
CA LEU C 213 -3.90 14.63 -33.43
C LEU C 213 -3.81 15.87 -34.33
N ARG C 214 -2.95 16.81 -33.98
CA ARG C 214 -2.84 18.04 -34.73
C ARG C 214 -1.92 17.91 -35.95
N LEU C 215 -2.21 18.71 -36.97
CA LEU C 215 -1.38 18.74 -38.16
C LEU C 215 -0.25 19.76 -38.00
N PHE C 216 -0.44 20.71 -37.08
CA PHE C 216 0.49 21.82 -36.85
C PHE C 216 0.78 22.66 -38.09
N LYS C 217 -0.20 22.69 -39.00
CA LYS C 217 -0.24 23.62 -40.10
C LYS C 217 -1.66 24.14 -40.23
N ASP C 218 -1.80 25.45 -40.36
CA ASP C 218 -3.08 26.08 -40.61
C ASP C 218 -4.13 25.80 -39.54
N GLY C 219 -3.67 25.46 -38.34
CA GLY C 219 -4.56 25.17 -37.23
C GLY C 219 -5.30 23.84 -37.32
N LYS C 220 -5.02 23.07 -38.37
CA LYS C 220 -5.83 21.88 -38.69
C LYS C 220 -5.54 20.62 -37.86
N LEU C 221 -6.51 19.71 -37.88
CA LEU C 221 -6.36 18.39 -37.30
C LEU C 221 -5.88 17.46 -38.40
N LYS C 222 -5.00 16.53 -38.04
CA LYS C 222 -4.54 15.50 -38.98
C LYS C 222 -5.70 14.73 -39.57
N TYR C 223 -5.55 14.30 -40.82
CA TYR C 223 -6.59 13.54 -41.49
C TYR C 223 -6.02 12.71 -42.63
N GLN C 224 -6.86 11.93 -43.27
CA GLN C 224 -6.45 11.20 -44.47
C GLN C 224 -7.53 11.21 -45.54
N VAL C 225 -7.13 10.93 -46.78
CA VAL C 225 -8.06 10.92 -47.89
C VAL C 225 -8.22 9.51 -48.46
N ILE C 226 -9.39 8.92 -48.22
CA ILE C 226 -9.71 7.59 -48.69
C ILE C 226 -10.83 7.65 -49.73
N GLY C 227 -10.50 7.36 -50.98
CA GLY C 227 -11.49 7.37 -52.04
C GLY C 227 -12.13 8.73 -52.23
N GLY C 228 -11.31 9.77 -52.10
CA GLY C 228 -11.78 11.14 -52.27
C GLY C 228 -12.42 11.75 -51.04
N GLU C 229 -12.54 10.97 -49.97
CA GLU C 229 -13.25 11.45 -48.78
C GLU C 229 -12.32 11.62 -47.59
N VAL C 230 -12.58 12.65 -46.78
CA VAL C 230 -11.76 12.93 -45.61
C VAL C 230 -12.16 12.07 -44.43
N TYR C 231 -11.19 11.35 -43.88
CA TYR C 231 -11.40 10.51 -42.72
C TYR C 231 -10.34 10.77 -41.65
N PRO C 232 -10.59 10.36 -40.41
CA PRO C 232 -9.59 10.55 -39.36
C PRO C 232 -8.31 9.77 -39.64
N PRO C 233 -7.20 10.19 -39.03
CA PRO C 233 -5.94 9.44 -39.19
C PRO C 233 -6.02 8.12 -38.43
N THR C 234 -4.99 7.29 -38.57
CA THR C 234 -4.97 5.99 -37.90
C THR C 234 -4.13 5.99 -36.64
N VAL C 235 -4.25 4.91 -35.86
CA VAL C 235 -3.45 4.70 -34.66
C VAL C 235 -1.95 4.67 -34.98
N LYS C 236 -1.59 3.94 -36.03
CA LYS C 236 -0.19 3.81 -36.43
C LYS C 236 0.40 5.13 -36.89
N ASP C 237 -0.43 5.98 -37.49
CA ASP C 237 0.06 7.24 -38.03
C ASP C 237 0.30 8.31 -36.97
N THR C 238 -0.42 8.22 -35.85
CA THR C 238 -0.43 9.29 -34.87
C THR C 238 0.06 8.86 -33.49
N GLN C 239 0.10 7.56 -33.26
CA GLN C 239 0.45 6.99 -31.95
C GLN C 239 -0.50 7.41 -30.81
N VAL C 240 -1.72 7.82 -31.14
CA VAL C 240 -2.71 8.03 -30.09
C VAL C 240 -3.49 6.74 -29.84
N GLU C 241 -3.67 6.41 -28.56
CA GLU C 241 -4.29 5.16 -28.17
C GLU C 241 -5.80 5.15 -28.40
N MET C 242 -6.26 4.11 -29.06
CA MET C 242 -7.68 3.88 -29.28
C MET C 242 -8.03 2.48 -28.79
N ILE C 243 -9.26 2.31 -28.32
CA ILE C 243 -9.73 1.01 -27.90
C ILE C 243 -10.23 0.23 -29.11
N TYR C 244 -9.55 -0.87 -29.44
CA TYR C 244 -9.93 -1.69 -30.57
C TYR C 244 -9.58 -3.14 -30.27
N PRO C 245 -10.47 -4.07 -30.64
CA PRO C 245 -10.14 -5.49 -30.50
C PRO C 245 -9.02 -5.85 -31.48
N PRO C 246 -8.22 -6.87 -31.18
CA PRO C 246 -7.00 -7.14 -31.93
C PRO C 246 -7.22 -7.64 -33.36
N HIS C 247 -8.45 -7.96 -33.73
CA HIS C 247 -8.73 -8.45 -35.08
C HIS C 247 -9.02 -7.30 -36.05
N ILE C 248 -8.87 -6.07 -35.57
CA ILE C 248 -9.10 -4.90 -36.41
C ILE C 248 -7.83 -4.48 -37.15
N PRO C 249 -7.88 -4.51 -38.49
CA PRO C 249 -6.72 -4.13 -39.31
C PRO C 249 -6.30 -2.69 -39.03
N GLU C 250 -5.00 -2.41 -39.14
CA GLU C 250 -4.44 -1.10 -38.79
C GLU C 250 -5.03 0.06 -39.57
N ASN C 251 -5.43 -0.21 -40.80
CA ASN C 251 -5.94 0.84 -41.67
C ASN C 251 -7.39 1.20 -41.35
N LEU C 252 -7.96 0.53 -40.36
CA LEU C 252 -9.31 0.84 -39.90
C LEU C 252 -9.30 1.33 -38.46
N GLN C 253 -8.14 1.28 -37.81
CA GLN C 253 -8.02 1.79 -36.45
C GLN C 253 -7.92 3.31 -36.45
N PHE C 254 -9.04 3.98 -36.73
CA PHE C 254 -9.06 5.44 -36.79
C PHE C 254 -8.78 6.06 -35.43
N ALA C 255 -8.02 7.14 -35.43
CA ALA C 255 -7.66 7.81 -34.19
C ALA C 255 -8.43 9.12 -34.05
N VAL C 256 -9.24 9.22 -33.00
CA VAL C 256 -10.00 10.44 -32.75
C VAL C 256 -9.86 10.83 -31.28
N GLY C 257 -10.52 11.92 -30.90
CA GLY C 257 -10.39 12.47 -29.56
C GLY C 257 -10.71 11.49 -28.45
N GLN C 258 -11.89 10.89 -28.53
CA GLN C 258 -12.36 9.95 -27.52
C GLN C 258 -11.92 8.54 -27.90
N GLU C 259 -11.17 7.90 -27.01
CA GLU C 259 -10.54 6.60 -27.29
C GLU C 259 -11.51 5.44 -27.52
N VAL C 260 -12.79 5.70 -27.29
CA VAL C 260 -13.79 4.65 -27.33
C VAL C 260 -14.73 4.81 -28.54
N PHE C 261 -14.47 5.82 -29.36
CA PHE C 261 -15.33 6.14 -30.51
C PHE C 261 -15.18 5.18 -31.70
N GLY C 262 -14.27 4.23 -31.60
CA GLY C 262 -14.16 3.18 -32.61
C GLY C 262 -15.19 2.09 -32.36
N LEU C 263 -15.84 2.16 -31.19
CA LEU C 263 -16.84 1.18 -30.78
C LEU C 263 -17.97 1.05 -31.80
N VAL C 264 -18.47 2.19 -32.26
CA VAL C 264 -19.64 2.23 -33.16
C VAL C 264 -19.37 3.15 -34.33
N PRO C 265 -19.64 2.67 -35.56
CA PRO C 265 -19.49 3.52 -36.74
C PRO C 265 -20.39 4.75 -36.66
N GLY C 266 -21.46 4.66 -35.88
CA GLY C 266 -22.33 5.80 -35.63
C GLY C 266 -21.59 6.88 -34.88
N LEU C 267 -20.66 6.47 -34.03
CA LEU C 267 -19.80 7.40 -33.32
C LEU C 267 -18.76 7.93 -34.30
N MET C 268 -18.12 7.02 -35.02
CA MET C 268 -17.05 7.39 -35.95
C MET C 268 -17.56 8.34 -37.02
N MET C 269 -18.84 8.19 -37.39
CA MET C 269 -19.47 9.10 -38.33
C MET C 269 -19.41 10.54 -37.82
N TYR C 270 -19.88 10.77 -36.59
CA TYR C 270 -19.88 12.12 -36.04
C TYR C 270 -18.47 12.62 -35.77
N ALA C 271 -17.59 11.70 -35.38
CA ALA C 271 -16.19 12.02 -35.17
C ALA C 271 -15.62 12.57 -36.46
N THR C 272 -16.02 11.96 -37.57
CA THR C 272 -15.55 12.36 -38.88
C THR C 272 -16.15 13.70 -39.32
N ILE C 273 -17.46 13.85 -39.12
CA ILE C 273 -18.12 15.11 -39.44
C ILE C 273 -17.46 16.28 -38.72
N TRP C 274 -17.28 16.15 -37.41
CA TRP C 274 -16.70 17.22 -36.61
C TRP C 274 -15.22 17.49 -36.93
N LEU C 275 -14.50 16.47 -37.38
CA LEU C 275 -13.14 16.66 -37.87
C LEU C 275 -13.14 17.59 -39.08
N ARG C 276 -14.02 17.30 -40.03
CA ARG C 276 -14.09 18.11 -41.24
C ARG C 276 -14.51 19.55 -40.94
N GLU C 277 -15.37 19.69 -39.94
CA GLU C 277 -15.86 21.00 -39.54
C GLU C 277 -14.73 21.86 -38.98
N HIS C 278 -13.91 21.26 -38.13
CA HIS C 278 -12.75 21.95 -37.58
C HIS C 278 -11.84 22.51 -38.67
N ASN C 279 -11.44 21.66 -39.61
CA ASN C 279 -10.52 22.07 -40.67
C ASN C 279 -11.16 23.07 -41.63
N ARG C 280 -12.48 22.99 -41.74
CA ARG C 280 -13.23 23.91 -42.57
C ARG C 280 -13.19 25.30 -41.96
N VAL C 281 -13.40 25.37 -40.64
CA VAL C 281 -13.35 26.62 -39.92
C VAL C 281 -11.93 27.20 -39.99
N CYS C 282 -10.94 26.32 -39.91
CA CYS C 282 -9.55 26.73 -40.12
C CYS C 282 -9.42 27.49 -41.44
N ASP C 283 -9.98 26.93 -42.51
CA ASP C 283 -9.89 27.56 -43.82
C ASP C 283 -10.50 28.96 -43.82
N ILE C 284 -11.69 29.07 -43.22
CA ILE C 284 -12.39 30.34 -43.13
C ILE C 284 -11.55 31.35 -42.33
N LEU C 285 -11.08 30.91 -41.17
CA LEU C 285 -10.26 31.75 -40.29
C LEU C 285 -8.95 32.15 -40.97
N LYS C 286 -8.37 31.23 -41.74
CA LYS C 286 -7.13 31.54 -42.45
C LYS C 286 -7.36 32.57 -43.55
N GLN C 287 -8.53 32.49 -44.17
CA GLN C 287 -8.90 33.43 -45.21
C GLN C 287 -9.07 34.83 -44.63
N GLU C 288 -9.59 34.90 -43.40
CA GLU C 288 -9.76 36.18 -42.73
C GLU C 288 -8.47 36.67 -42.07
N HIS C 289 -7.63 35.73 -41.65
CA HIS C 289 -6.40 36.08 -40.95
C HIS C 289 -5.19 35.38 -41.54
N PRO C 290 -4.68 35.87 -42.67
CA PRO C 290 -3.47 35.27 -43.24
C PRO C 290 -2.26 35.49 -42.33
N GLU C 291 -2.37 36.44 -41.41
CA GLU C 291 -1.28 36.76 -40.49
C GLU C 291 -1.23 35.86 -39.26
N TRP C 292 -2.27 35.07 -39.04
CA TRP C 292 -2.32 34.20 -37.88
C TRP C 292 -1.46 32.97 -38.07
N GLY C 293 -0.93 32.45 -36.96
CA GLY C 293 -0.19 31.20 -36.99
C GLY C 293 -1.08 29.99 -36.78
N ASP C 294 -0.48 28.82 -36.91
CA ASP C 294 -1.17 27.55 -36.69
C ASP C 294 -1.86 27.47 -35.32
N GLU C 295 -1.14 27.82 -34.26
CA GLU C 295 -1.67 27.70 -32.90
C GLU C 295 -2.94 28.51 -32.70
N GLN C 296 -2.95 29.75 -33.17
CA GLN C 296 -4.12 30.61 -32.99
C GLN C 296 -5.30 30.15 -33.84
N LEU C 297 -5.01 29.67 -35.05
CA LEU C 297 -6.05 29.15 -35.93
C LEU C 297 -6.71 27.93 -35.29
N PHE C 298 -5.90 27.10 -34.62
CA PHE C 298 -6.43 25.90 -33.98
C PHE C 298 -7.33 26.27 -32.81
N GLN C 299 -6.80 27.09 -31.90
CA GLN C 299 -7.53 27.46 -30.69
C GLN C 299 -8.85 28.15 -31.02
N THR C 300 -8.81 29.10 -31.94
CA THR C 300 -9.98 29.87 -32.28
C THR C 300 -11.04 28.99 -32.92
N SER C 301 -10.60 28.04 -33.74
CA SER C 301 -11.52 27.08 -34.35
C SER C 301 -12.20 26.23 -33.28
N ARG C 302 -11.41 25.80 -32.31
CA ARG C 302 -11.91 25.01 -31.17
C ARG C 302 -12.98 25.77 -30.40
N LEU C 303 -12.73 27.04 -30.11
CA LEU C 303 -13.71 27.87 -29.43
C LEU C 303 -14.97 28.00 -30.29
N ILE C 304 -14.79 28.05 -31.60
CA ILE C 304 -15.90 28.15 -32.53
C ILE C 304 -16.76 26.89 -32.52
N LEU C 305 -16.12 25.72 -32.59
CA LEU C 305 -16.86 24.46 -32.59
C LEU C 305 -17.58 24.19 -31.27
N ILE C 306 -16.96 24.63 -30.16
CA ILE C 306 -17.61 24.56 -28.87
C ILE C 306 -18.91 25.37 -28.93
N GLY C 307 -18.84 26.52 -29.58
CA GLY C 307 -19.99 27.37 -29.79
C GLY C 307 -21.05 26.71 -30.65
N GLU C 308 -20.62 26.10 -31.76
CA GLU C 308 -21.53 25.39 -32.65
C GLU C 308 -22.21 24.25 -31.91
N THR C 309 -21.42 23.54 -31.12
CA THR C 309 -21.92 22.41 -30.36
C THR C 309 -23.06 22.85 -29.46
N ILE C 310 -22.81 23.86 -28.64
CA ILE C 310 -23.82 24.36 -27.72
C ILE C 310 -25.06 24.87 -28.47
N LYS C 311 -24.84 25.58 -29.56
CA LYS C 311 -25.91 26.05 -30.42
C LYS C 311 -26.78 24.89 -30.93
N ILE C 312 -26.14 23.88 -31.52
CA ILE C 312 -26.86 22.74 -32.10
C ILE C 312 -27.54 21.89 -31.03
N VAL C 313 -26.87 21.73 -29.89
CA VAL C 313 -27.43 20.97 -28.79
C VAL C 313 -28.74 21.61 -28.32
N ILE C 314 -28.76 22.94 -28.22
CA ILE C 314 -29.95 23.62 -27.73
C ILE C 314 -31.07 23.73 -28.76
N GLU C 315 -30.76 24.20 -29.97
CA GLU C 315 -31.82 24.56 -30.91
C GLU C 315 -32.23 23.46 -31.88
N ASP C 316 -31.52 22.34 -31.84
CA ASP C 316 -31.90 21.18 -32.64
C ASP C 316 -32.14 19.95 -31.77
N TYR C 317 -31.10 19.53 -31.06
CA TYR C 317 -31.13 18.32 -30.26
C TYR C 317 -32.13 18.42 -29.12
N VAL C 318 -31.90 19.36 -28.21
CA VAL C 318 -32.81 19.55 -27.09
C VAL C 318 -34.18 20.02 -27.58
N GLN C 319 -34.21 20.79 -28.65
CA GLN C 319 -35.47 21.24 -29.24
C GLN C 319 -36.35 20.06 -29.62
N HIS C 320 -35.73 19.03 -30.18
CA HIS C 320 -36.45 17.86 -30.62
C HIS C 320 -36.96 17.02 -29.46
N LEU C 321 -36.07 16.66 -28.53
CA LEU C 321 -36.45 15.74 -27.46
C LEU C 321 -37.47 16.35 -26.50
N SER C 322 -37.45 17.68 -26.39
CA SER C 322 -38.37 18.38 -25.49
C SER C 322 -39.79 18.31 -26.00
N GLY C 323 -39.93 18.23 -27.33
CA GLY C 323 -41.24 18.23 -27.97
C GLY C 323 -41.94 19.57 -27.85
N TYR C 324 -41.20 20.61 -27.47
CA TYR C 324 -41.79 21.94 -27.27
C TYR C 324 -42.12 22.61 -28.59
N HIS C 325 -43.21 23.38 -28.60
CA HIS C 325 -43.55 24.21 -29.75
C HIS C 325 -42.82 25.54 -29.69
N PHE C 326 -42.48 25.97 -28.48
CA PHE C 326 -41.65 27.15 -28.31
C PHE C 326 -40.25 26.86 -28.88
N LYS C 327 -39.68 27.84 -29.57
CA LYS C 327 -38.40 27.67 -30.24
C LYS C 327 -37.26 28.10 -29.31
N LEU C 328 -36.61 27.12 -28.70
CA LEU C 328 -35.51 27.39 -27.78
C LEU C 328 -34.41 28.21 -28.45
N LYS C 329 -33.72 29.01 -27.66
CA LYS C 329 -32.75 29.95 -28.21
C LYS C 329 -31.43 29.94 -27.42
N PHE C 330 -30.33 29.78 -28.13
CA PHE C 330 -29.02 29.89 -27.51
C PHE C 330 -28.60 31.34 -27.52
N ASP C 331 -28.84 32.03 -26.42
CA ASP C 331 -28.44 33.43 -26.30
C ASP C 331 -27.86 33.72 -24.92
N PRO C 332 -26.52 33.65 -24.82
CA PRO C 332 -25.78 33.90 -23.57
C PRO C 332 -26.14 35.25 -22.97
N GLU C 333 -26.39 36.23 -23.83
CA GLU C 333 -26.71 37.60 -23.40
C GLU C 333 -27.89 37.63 -22.43
N LEU C 334 -28.80 36.67 -22.56
CA LEU C 334 -30.01 36.63 -21.72
C LEU C 334 -29.70 36.45 -20.23
N LEU C 335 -28.50 35.96 -19.92
CA LEU C 335 -28.13 35.73 -18.52
C LEU C 335 -27.31 36.88 -17.93
N PHE C 336 -26.84 37.78 -18.79
CA PHE C 336 -25.88 38.82 -18.38
C PHE C 336 -26.32 39.68 -17.20
N ASN C 337 -27.63 39.93 -17.09
CA ASN C 337 -28.15 40.72 -15.97
C ASN C 337 -28.80 39.86 -14.90
N GLN C 338 -28.47 38.57 -14.91
CA GLN C 338 -29.06 37.61 -13.99
C GLN C 338 -27.99 36.93 -13.15
N GLN C 339 -28.35 36.51 -11.95
CA GLN C 339 -27.43 35.72 -11.13
C GLN C 339 -27.25 34.34 -11.75
N PHE C 340 -26.03 34.03 -12.15
CA PHE C 340 -25.74 32.74 -12.75
C PHE C 340 -24.25 32.39 -12.63
N GLN C 341 -23.96 31.16 -12.21
CA GLN C 341 -22.57 30.72 -12.07
C GLN C 341 -22.02 30.09 -13.35
N TYR C 342 -21.03 30.74 -13.95
CA TYR C 342 -20.36 30.19 -15.13
C TYR C 342 -19.38 29.09 -14.75
N GLN C 343 -19.94 27.99 -14.27
CA GLN C 343 -19.15 26.82 -13.95
C GLN C 343 -20.04 25.59 -13.92
N ASN C 344 -19.44 24.42 -14.06
CA ASN C 344 -20.21 23.20 -14.01
C ASN C 344 -19.41 22.02 -13.47
N ARG C 345 -20.13 21.07 -12.92
CA ARG C 345 -19.53 19.86 -12.41
C ARG C 345 -20.49 18.73 -12.75
N ILE C 346 -20.02 17.73 -13.49
CA ILE C 346 -20.89 16.65 -13.95
C ILE C 346 -21.39 15.78 -12.80
N ALA C 347 -22.71 15.77 -12.61
CA ALA C 347 -23.36 14.89 -11.63
C ALA C 347 -23.41 13.43 -12.08
N SER C 348 -23.19 12.55 -11.12
CA SER C 348 -23.32 11.11 -11.33
C SER C 348 -24.72 10.75 -11.81
N GLU C 349 -25.74 11.35 -11.20
CA GLU C 349 -27.12 11.06 -11.56
C GLU C 349 -27.43 11.47 -13.00
N PHE C 350 -26.72 12.48 -13.49
CA PHE C 350 -26.90 12.90 -14.87
C PHE C 350 -26.32 11.84 -15.81
N ASN C 351 -25.19 11.25 -15.41
CA ASN C 351 -24.63 10.11 -16.13
C ASN C 351 -25.62 8.94 -16.12
N THR C 352 -26.22 8.68 -14.96
CA THR C 352 -27.13 7.56 -14.82
C THR C 352 -28.37 7.70 -15.70
N LEU C 353 -29.03 8.84 -15.61
CA LEU C 353 -30.27 9.07 -16.33
C LEU C 353 -30.08 9.08 -17.85
N TYR C 354 -28.85 9.26 -18.31
CA TYR C 354 -28.60 9.44 -19.72
C TYR C 354 -28.28 8.13 -20.42
N HIS C 355 -28.46 7.02 -19.70
CA HIS C 355 -28.28 5.70 -20.31
C HIS C 355 -29.51 5.41 -21.18
N TRP C 356 -29.54 5.99 -22.37
CA TRP C 356 -30.69 5.90 -23.27
C TRP C 356 -30.58 4.77 -24.28
N HIS C 357 -30.08 3.62 -23.83
CA HIS C 357 -29.95 2.44 -24.69
C HIS C 357 -31.23 1.92 -25.36
N PRO C 358 -32.42 2.18 -24.78
CA PRO C 358 -33.59 1.79 -25.57
C PRO C 358 -33.72 2.51 -26.92
N LEU C 359 -32.92 3.56 -27.15
CA LEU C 359 -32.94 4.26 -28.43
C LEU C 359 -32.53 3.30 -29.53
N LEU C 360 -31.64 2.37 -29.19
CA LEU C 360 -31.02 1.48 -30.17
C LEU C 360 -31.99 0.47 -30.74
N PRO C 361 -31.95 0.29 -32.07
CA PRO C 361 -32.79 -0.69 -32.77
C PRO C 361 -32.18 -2.08 -32.63
N ASP C 362 -32.88 -3.10 -33.09
CA ASP C 362 -32.36 -4.45 -33.04
C ASP C 362 -31.30 -4.69 -34.13
N THR C 363 -31.45 -3.96 -35.23
CA THR C 363 -30.48 -3.99 -36.32
C THR C 363 -30.29 -2.57 -36.84
N PHE C 364 -29.15 -2.32 -37.46
CA PHE C 364 -28.87 -1.01 -38.00
C PHE C 364 -29.01 -1.07 -39.50
N ASN C 365 -29.89 -0.24 -40.06
CA ASN C 365 -30.18 -0.30 -41.48
C ASN C 365 -29.50 0.82 -42.24
N ILE C 366 -28.49 0.44 -43.01
CA ILE C 366 -27.73 1.37 -43.83
C ILE C 366 -27.94 0.98 -45.27
N GLU C 367 -28.54 1.90 -46.03
CA GLU C 367 -29.15 1.60 -47.32
C GLU C 367 -29.84 0.24 -47.41
N ASP C 368 -29.24 -0.69 -48.14
CA ASP C 368 -29.84 -2.01 -48.31
C ASP C 368 -29.60 -2.95 -47.15
N GLN C 369 -28.43 -2.85 -46.54
CA GLN C 369 -28.00 -3.80 -45.53
C GLN C 369 -28.68 -3.59 -44.17
N GLU C 370 -28.83 -4.68 -43.43
CA GLU C 370 -29.27 -4.62 -42.04
C GLU C 370 -28.25 -5.33 -41.18
N TYR C 371 -27.49 -4.58 -40.39
CA TYR C 371 -26.43 -5.18 -39.60
C TYR C 371 -26.88 -5.47 -38.18
N SER C 372 -26.45 -6.62 -37.67
CA SER C 372 -26.67 -6.97 -36.28
C SER C 372 -25.64 -6.23 -35.42
N PHE C 373 -25.79 -6.33 -34.11
CA PHE C 373 -24.86 -5.67 -33.20
C PHE C 373 -23.42 -6.14 -33.38
N LYS C 374 -23.25 -7.43 -33.58
CA LYS C 374 -21.93 -8.02 -33.70
C LYS C 374 -21.26 -7.57 -34.99
N GLN C 375 -22.07 -7.38 -36.02
CA GLN C 375 -21.57 -6.91 -37.31
C GLN C 375 -21.27 -5.42 -37.26
N PHE C 376 -21.97 -4.72 -36.37
CA PHE C 376 -21.89 -3.27 -36.32
C PHE C 376 -20.81 -2.76 -35.37
N LEU C 377 -20.61 -3.45 -34.25
CA LEU C 377 -19.64 -3.01 -33.25
C LEU C 377 -18.18 -3.11 -33.72
N TYR C 378 -17.42 -2.04 -33.50
CA TYR C 378 -16.02 -1.97 -33.89
C TYR C 378 -15.77 -2.27 -35.34
N ASN C 379 -16.68 -1.81 -36.19
CA ASN C 379 -16.57 -2.13 -37.60
C ASN C 379 -16.62 -0.89 -38.48
N ASN C 380 -15.47 -0.25 -38.65
CA ASN C 380 -15.38 0.96 -39.47
C ASN C 380 -15.48 0.66 -40.97
N SER C 381 -15.34 -0.61 -41.32
CA SER C 381 -15.49 -1.04 -42.71
C SER C 381 -16.82 -0.58 -43.26
N ILE C 382 -17.84 -0.65 -42.40
CA ILE C 382 -19.19 -0.26 -42.79
C ILE C 382 -19.21 1.21 -43.18
N LEU C 383 -18.51 2.03 -42.42
CA LEU C 383 -18.47 3.46 -42.68
C LEU C 383 -17.78 3.75 -44.01
N LEU C 384 -16.67 3.05 -44.26
CA LEU C 384 -15.95 3.20 -45.52
C LEU C 384 -16.74 2.63 -46.68
N GLU C 385 -17.50 1.57 -46.40
CA GLU C 385 -18.31 0.89 -47.40
C GLU C 385 -19.32 1.85 -48.03
N HIS C 386 -20.22 2.37 -47.20
CA HIS C 386 -21.34 3.16 -47.68
C HIS C 386 -21.00 4.65 -47.80
N GLY C 387 -20.06 5.11 -46.98
CA GLY C 387 -19.68 6.52 -46.98
C GLY C 387 -20.58 7.34 -46.06
N LEU C 388 -20.12 8.56 -45.77
CA LEU C 388 -20.81 9.47 -44.87
C LEU C 388 -22.20 9.88 -45.34
N THR C 389 -22.33 10.06 -46.65
CA THR C 389 -23.59 10.53 -47.22
C THR C 389 -24.70 9.50 -47.02
N GLN C 390 -24.40 8.24 -47.35
CA GLN C 390 -25.35 7.15 -47.14
C GLN C 390 -25.68 7.00 -45.66
N PHE C 391 -24.66 7.09 -44.81
CA PHE C 391 -24.86 6.99 -43.37
C PHE C 391 -25.89 7.99 -42.87
N VAL C 392 -25.71 9.25 -43.26
CA VAL C 392 -26.64 10.32 -42.87
C VAL C 392 -28.05 10.07 -43.41
N GLU C 393 -28.13 9.66 -44.67
CA GLU C 393 -29.43 9.42 -45.28
C GLU C 393 -30.17 8.26 -44.60
N SER C 394 -29.44 7.19 -44.29
CA SER C 394 -30.04 6.02 -43.66
C SER C 394 -30.43 6.28 -42.21
N PHE C 395 -29.50 6.84 -41.44
CA PHE C 395 -29.75 7.17 -40.03
C PHE C 395 -30.92 8.14 -39.85
N THR C 396 -31.10 9.02 -40.83
CA THR C 396 -32.19 9.99 -40.80
C THR C 396 -33.52 9.29 -40.98
N ARG C 397 -33.51 8.19 -41.73
CA ARG C 397 -34.72 7.44 -42.05
C ARG C 397 -35.11 6.43 -40.96
N GLN C 398 -34.14 5.93 -40.20
CA GLN C 398 -34.43 4.84 -39.27
C GLN C 398 -34.92 5.33 -37.91
N ILE C 399 -36.06 4.79 -37.47
CA ILE C 399 -36.68 5.17 -36.21
C ILE C 399 -35.94 4.61 -35.00
N ALA C 400 -35.84 5.40 -33.94
CA ALA C 400 -35.25 4.95 -32.68
C ALA C 400 -36.31 4.47 -31.69
N GLY C 401 -35.88 3.74 -30.67
CA GLY C 401 -36.80 3.17 -29.69
C GLY C 401 -37.23 4.17 -28.63
N ARG C 402 -38.40 3.94 -28.05
CA ARG C 402 -38.91 4.74 -26.94
C ARG C 402 -38.12 4.39 -25.69
N VAL C 403 -37.76 5.41 -24.91
CA VAL C 403 -36.89 5.18 -23.76
C VAL C 403 -37.70 4.89 -22.50
N ALA C 404 -38.70 5.72 -22.24
CA ALA C 404 -39.60 5.47 -21.12
C ALA C 404 -40.71 4.51 -21.57
N GLY C 405 -41.48 4.00 -20.62
CA GLY C 405 -42.59 3.13 -20.97
C GLY C 405 -42.30 1.66 -20.73
N GLY C 406 -41.03 1.37 -20.43
CA GLY C 406 -40.64 0.04 -20.00
C GLY C 406 -40.33 -0.92 -21.14
N ARG C 407 -39.63 -1.99 -20.78
CA ARG C 407 -39.40 -3.13 -21.66
C ARG C 407 -38.95 -2.77 -23.07
N ASN C 408 -37.99 -1.85 -23.18
CA ASN C 408 -37.44 -1.53 -24.50
C ASN C 408 -35.92 -1.48 -24.53
N VAL C 409 -35.28 -2.12 -23.56
CA VAL C 409 -33.83 -2.23 -23.56
C VAL C 409 -33.40 -3.41 -24.44
N PRO C 410 -32.65 -3.13 -25.51
CA PRO C 410 -32.20 -4.17 -26.43
C PRO C 410 -31.34 -5.23 -25.75
N ILE C 411 -31.72 -6.49 -25.93
CA ILE C 411 -31.07 -7.64 -25.31
C ILE C 411 -29.54 -7.64 -25.49
N ALA C 412 -29.09 -7.14 -26.64
CA ALA C 412 -27.67 -7.08 -26.96
C ALA C 412 -26.85 -6.38 -25.88
N VAL C 413 -27.45 -5.39 -25.24
CA VAL C 413 -26.75 -4.63 -24.20
C VAL C 413 -27.37 -4.80 -22.82
N GLN C 414 -27.87 -5.99 -22.53
CA GLN C 414 -28.49 -6.25 -21.23
C GLN C 414 -27.47 -6.13 -20.09
N ALA C 415 -26.23 -6.50 -20.35
CA ALA C 415 -25.18 -6.41 -19.35
C ALA C 415 -24.94 -4.96 -18.94
N VAL C 416 -25.13 -4.04 -19.88
CA VAL C 416 -24.99 -2.62 -19.59
C VAL C 416 -26.15 -2.14 -18.73
N ALA C 417 -27.36 -2.58 -19.07
CA ALA C 417 -28.53 -2.18 -18.30
C ALA C 417 -28.45 -2.70 -16.86
N LYS C 418 -28.01 -3.94 -16.70
CA LYS C 418 -27.83 -4.50 -15.36
C LYS C 418 -26.74 -3.76 -14.58
N ALA C 419 -25.68 -3.36 -15.28
CA ALA C 419 -24.56 -2.65 -14.66
C ALA C 419 -25.03 -1.31 -14.10
N SER C 420 -25.88 -0.62 -14.84
CA SER C 420 -26.43 0.65 -14.39
C SER C 420 -27.14 0.46 -13.05
N ILE C 421 -27.90 -0.62 -12.94
CA ILE C 421 -28.58 -0.93 -11.69
C ILE C 421 -27.56 -1.18 -10.57
N ASP C 422 -26.68 -2.15 -10.81
CA ASP C 422 -25.69 -2.58 -9.81
C ASP C 422 -24.75 -1.45 -9.39
N GLN C 423 -24.32 -0.65 -10.36
CA GLN C 423 -23.41 0.45 -10.07
C GLN C 423 -24.09 1.57 -9.27
N SER C 424 -25.37 1.78 -9.52
CA SER C 424 -26.12 2.77 -8.76
C SER C 424 -26.21 2.36 -7.30
N ARG C 425 -26.39 1.06 -7.07
CA ARG C 425 -26.44 0.52 -5.71
C ARG C 425 -25.06 0.61 -5.09
N GLU C 426 -24.05 0.33 -5.89
CA GLU C 426 -22.66 0.45 -5.47
C GLU C 426 -22.36 1.87 -4.99
N MET C 427 -22.86 2.86 -5.73
CA MET C 427 -22.65 4.26 -5.40
C MET C 427 -23.63 4.75 -4.35
N LYS C 428 -24.41 3.83 -3.79
CA LYS C 428 -25.36 4.14 -2.72
C LYS C 428 -26.40 5.22 -3.06
N TYR C 429 -26.97 5.15 -4.26
CA TYR C 429 -28.02 6.09 -4.66
C TYR C 429 -29.22 6.03 -3.73
N GLN C 430 -29.79 7.19 -3.43
CA GLN C 430 -31.06 7.22 -2.71
C GLN C 430 -32.19 6.78 -3.64
N SER C 431 -33.39 6.69 -3.08
CA SER C 431 -34.53 6.14 -3.80
C SER C 431 -35.06 7.08 -4.88
N LEU C 432 -35.88 6.54 -5.78
CA LEU C 432 -36.57 7.33 -6.80
C LEU C 432 -37.32 8.51 -6.19
N ASN C 433 -38.16 8.22 -5.21
CA ASN C 433 -38.94 9.26 -4.54
C ASN C 433 -38.07 10.33 -3.87
N GLU C 434 -36.87 9.96 -3.43
CA GLU C 434 -35.98 10.97 -2.85
C GLU C 434 -35.51 11.97 -3.91
N TYR C 435 -35.20 11.47 -5.10
CA TYR C 435 -34.80 12.33 -6.20
C TYR C 435 -35.94 13.19 -6.75
N ARG C 436 -37.15 12.64 -6.76
CA ARG C 436 -38.32 13.41 -7.16
C ARG C 436 -38.52 14.60 -6.22
N LYS C 437 -38.40 14.37 -4.92
CA LYS C 437 -38.50 15.46 -3.95
C LYS C 437 -37.33 16.42 -4.13
N ARG C 438 -36.15 15.87 -4.38
CA ARG C 438 -34.95 16.66 -4.62
C ARG C 438 -35.14 17.63 -5.80
N PHE C 439 -36.00 17.27 -6.74
CA PHE C 439 -36.24 18.11 -7.92
C PHE C 439 -37.67 18.68 -7.97
N SER C 440 -38.27 18.84 -6.79
CA SER C 440 -39.60 19.45 -6.64
C SER C 440 -40.73 18.70 -7.35
N LEU C 441 -40.65 17.37 -7.35
CA LEU C 441 -41.71 16.55 -7.92
C LEU C 441 -42.37 15.77 -6.80
N LYS C 442 -43.68 15.55 -6.93
CA LYS C 442 -44.40 14.78 -5.93
C LYS C 442 -43.95 13.33 -5.98
N PRO C 443 -43.76 12.71 -4.81
CA PRO C 443 -43.44 11.29 -4.74
C PRO C 443 -44.56 10.42 -5.32
N TYR C 444 -44.20 9.33 -6.00
CA TYR C 444 -45.20 8.38 -6.46
C TYR C 444 -45.74 7.61 -5.27
N THR C 445 -47.06 7.42 -5.23
CA THR C 445 -47.70 6.73 -4.12
C THR C 445 -48.00 5.27 -4.43
N SER C 446 -47.58 4.82 -5.61
CA SER C 446 -47.77 3.43 -6.01
C SER C 446 -46.98 3.16 -7.28
N PHE C 447 -46.73 1.88 -7.55
CA PHE C 447 -46.06 1.47 -8.78
C PHE C 447 -46.94 1.69 -10.01
N GLU C 448 -48.26 1.66 -9.80
CA GLU C 448 -49.19 1.91 -10.89
C GLU C 448 -49.21 3.39 -11.29
N GLU C 449 -48.95 4.27 -10.32
CA GLU C 449 -48.84 5.70 -10.61
C GLU C 449 -47.59 5.97 -11.44
N LEU C 450 -46.51 5.27 -11.12
CA LEU C 450 -45.23 5.43 -11.80
C LEU C 450 -45.29 4.94 -13.25
N THR C 451 -45.84 3.74 -13.46
CA THR C 451 -45.84 3.13 -14.78
C THR C 451 -47.02 3.56 -15.62
N GLY C 452 -48.12 3.93 -14.96
CA GLY C 452 -49.34 4.26 -15.67
C GLY C 452 -50.08 3.03 -16.18
N GLU C 453 -49.58 1.85 -15.83
CA GLU C 453 -50.23 0.61 -16.22
C GLU C 453 -50.34 -0.36 -15.05
N LYS C 454 -50.57 -1.64 -15.36
CA LYS C 454 -50.85 -2.62 -14.32
C LYS C 454 -49.86 -3.76 -14.26
N GLU C 455 -49.50 -4.29 -15.43
CA GLU C 455 -48.68 -5.50 -15.49
C GLU C 455 -47.28 -5.29 -14.96
N MET C 456 -46.58 -4.27 -15.49
CA MET C 456 -45.23 -3.98 -15.04
C MET C 456 -45.24 -3.53 -13.59
N ALA C 457 -46.29 -2.82 -13.20
CA ALA C 457 -46.39 -2.29 -11.84
C ALA C 457 -46.49 -3.41 -10.81
N ALA C 458 -47.30 -4.43 -11.11
CA ALA C 458 -47.48 -5.56 -10.22
C ALA C 458 -46.18 -6.36 -10.11
N GLU C 459 -45.41 -6.35 -11.20
CA GLU C 459 -44.13 -7.01 -11.26
C GLU C 459 -43.16 -6.33 -10.30
N LEU C 460 -43.09 -5.00 -10.38
CA LEU C 460 -42.24 -4.21 -9.50
C LEU C 460 -42.73 -4.28 -8.05
N LYS C 461 -44.05 -4.23 -7.87
CA LYS C 461 -44.66 -4.31 -6.55
C LYS C 461 -44.23 -5.57 -5.80
N ALA C 462 -44.05 -6.67 -6.54
CA ALA C 462 -43.65 -7.93 -5.94
C ALA C 462 -42.18 -7.92 -5.56
N LEU C 463 -41.41 -7.10 -6.27
CA LEU C 463 -39.96 -7.04 -6.07
C LEU C 463 -39.55 -6.06 -4.97
N TYR C 464 -40.14 -4.87 -4.99
CA TYR C 464 -39.74 -3.78 -4.09
C TYR C 464 -40.68 -3.59 -2.91
N SER C 465 -41.88 -4.15 -3.00
CA SER C 465 -42.90 -4.03 -1.96
C SER C 465 -43.37 -2.59 -1.73
N ASP C 466 -42.44 -1.73 -1.31
CA ASP C 466 -42.73 -0.33 -1.04
C ASP C 466 -42.28 0.53 -2.22
N ILE C 467 -43.12 1.49 -2.61
CA ILE C 467 -42.78 2.41 -3.69
C ILE C 467 -41.61 3.30 -3.28
N ASP C 468 -41.46 3.53 -1.98
CA ASP C 468 -40.39 4.39 -1.47
C ASP C 468 -39.02 3.72 -1.55
N VAL C 469 -38.98 2.49 -2.07
CA VAL C 469 -37.75 1.73 -2.19
C VAL C 469 -37.37 1.60 -3.67
N MET C 470 -38.24 2.07 -4.54
CA MET C 470 -38.01 2.02 -5.99
C MET C 470 -36.76 2.81 -6.39
N GLU C 471 -35.88 2.17 -7.16
CA GLU C 471 -34.61 2.77 -7.57
C GLU C 471 -34.77 3.72 -8.75
N LEU C 472 -33.89 4.71 -8.83
CA LEU C 472 -33.99 5.77 -9.84
C LEU C 472 -33.87 5.24 -11.26
N TYR C 473 -32.77 4.57 -11.55
CA TYR C 473 -32.52 4.09 -12.92
C TYR C 473 -33.65 3.26 -13.55
N PRO C 474 -34.07 2.15 -12.89
CA PRO C 474 -35.15 1.35 -13.48
C PRO C 474 -36.44 2.16 -13.64
N ALA C 475 -36.71 3.02 -12.67
CA ALA C 475 -37.88 3.89 -12.69
C ALA C 475 -37.93 4.78 -13.93
N LEU C 476 -36.77 5.28 -14.34
CA LEU C 476 -36.70 6.17 -15.50
C LEU C 476 -37.09 5.43 -16.79
N LEU C 477 -36.65 4.19 -16.90
CA LEU C 477 -36.88 3.42 -18.12
C LEU C 477 -38.24 2.75 -18.12
N VAL C 478 -38.95 2.81 -17.01
CA VAL C 478 -40.23 2.13 -16.91
C VAL C 478 -41.35 3.13 -16.67
N GLU C 479 -40.96 4.38 -16.43
CA GLU C 479 -41.90 5.45 -16.10
C GLU C 479 -42.91 5.71 -17.20
N LYS C 480 -44.13 6.04 -16.81
CA LYS C 480 -45.17 6.42 -17.75
C LYS C 480 -44.71 7.60 -18.62
N PRO C 481 -44.71 7.41 -19.94
CA PRO C 481 -44.30 8.49 -20.84
C PRO C 481 -45.29 9.65 -20.78
N ARG C 482 -44.84 10.85 -21.14
CA ARG C 482 -45.77 11.94 -21.42
C ARG C 482 -46.52 11.54 -22.69
N PRO C 483 -47.69 12.14 -22.94
CA PRO C 483 -48.50 11.79 -24.12
C PRO C 483 -47.69 11.78 -25.43
N ASP C 484 -47.58 10.60 -26.03
CA ASP C 484 -46.83 10.41 -27.27
C ASP C 484 -45.38 10.92 -27.19
N ALA C 485 -44.79 10.83 -26.00
CA ALA C 485 -43.43 11.32 -25.79
C ALA C 485 -42.43 10.20 -25.52
N ILE C 486 -41.15 10.52 -25.69
CA ILE C 486 -40.10 9.55 -25.47
C ILE C 486 -39.71 9.42 -23.99
N PHE C 487 -40.04 10.42 -23.18
CA PHE C 487 -39.58 10.46 -21.80
C PHE C 487 -40.72 10.69 -20.83
N GLY C 488 -40.53 10.25 -19.59
CA GLY C 488 -41.47 10.54 -18.52
C GLY C 488 -41.02 11.77 -17.75
N GLU C 489 -41.84 12.16 -16.78
CA GLU C 489 -41.62 13.39 -16.02
C GLU C 489 -40.26 13.43 -15.31
N THR C 490 -39.90 12.34 -14.65
CA THR C 490 -38.68 12.32 -13.86
C THR C 490 -37.46 12.54 -14.74
N MET C 491 -37.44 11.88 -15.90
CA MET C 491 -36.34 12.01 -16.85
C MET C 491 -36.11 13.46 -17.26
N VAL C 492 -37.18 14.16 -17.61
CA VAL C 492 -37.07 15.55 -18.04
C VAL C 492 -36.66 16.49 -16.92
N GLU C 493 -37.36 16.42 -15.79
CA GLU C 493 -37.13 17.36 -14.70
C GLU C 493 -35.75 17.22 -14.05
N LEU C 494 -35.11 16.08 -14.27
CA LEU C 494 -33.75 15.85 -13.75
C LEU C 494 -32.74 16.26 -14.80
N GLY C 495 -32.94 15.81 -16.03
CA GLY C 495 -31.98 16.03 -17.09
C GLY C 495 -31.87 17.48 -17.53
N ALA C 496 -32.98 18.20 -17.47
CA ALA C 496 -33.02 19.59 -17.91
C ALA C 496 -32.07 20.54 -17.15
N PRO C 497 -32.15 20.58 -15.80
CA PRO C 497 -31.24 21.51 -15.10
C PRO C 497 -29.78 21.09 -15.19
N PHE C 498 -29.50 19.79 -15.15
CA PHE C 498 -28.13 19.31 -15.35
C PHE C 498 -27.62 19.77 -16.71
N SER C 499 -28.44 19.57 -17.73
CA SER C 499 -28.05 19.87 -19.10
C SER C 499 -27.79 21.37 -19.27
N LEU C 500 -28.69 22.19 -18.74
CA LEU C 500 -28.56 23.64 -18.81
C LEU C 500 -27.23 24.11 -18.22
N LYS C 501 -26.87 23.58 -17.05
CA LYS C 501 -25.62 23.95 -16.41
C LYS C 501 -24.40 23.58 -17.26
N GLY C 502 -24.52 22.49 -18.01
CA GLY C 502 -23.43 22.04 -18.86
C GLY C 502 -23.21 22.95 -20.06
N LEU C 503 -24.30 23.44 -20.64
CA LEU C 503 -24.25 24.28 -21.83
C LEU C 503 -23.99 25.75 -21.48
N MET C 504 -24.81 26.26 -20.57
CA MET C 504 -24.79 27.66 -20.22
C MET C 504 -23.62 27.99 -19.27
N GLY C 505 -23.21 27.01 -18.49
CA GLY C 505 -22.10 27.20 -17.56
C GLY C 505 -20.74 27.30 -18.23
N ASN C 506 -20.69 27.01 -19.53
CA ASN C 506 -19.44 27.11 -20.29
C ASN C 506 -18.91 28.55 -20.34
N PRO C 507 -17.57 28.71 -20.19
CA PRO C 507 -16.95 30.04 -20.14
C PRO C 507 -17.17 30.90 -21.37
N ILE C 508 -17.33 30.31 -22.55
CA ILE C 508 -17.58 31.12 -23.74
C ILE C 508 -18.90 31.86 -23.65
N CYS C 509 -19.77 31.41 -22.75
CA CYS C 509 -21.05 32.07 -22.50
C CYS C 509 -20.91 33.30 -21.59
N SER C 510 -19.80 33.40 -20.86
CA SER C 510 -19.62 34.52 -19.95
C SER C 510 -19.40 35.81 -20.74
N PRO C 511 -19.80 36.96 -20.17
CA PRO C 511 -19.74 38.24 -20.88
C PRO C 511 -18.34 38.61 -21.41
N GLN C 512 -17.28 38.16 -20.76
CA GLN C 512 -15.97 38.56 -21.24
C GLN C 512 -15.51 37.68 -22.41
N TYR C 513 -16.11 36.51 -22.56
CA TYR C 513 -15.81 35.64 -23.70
C TYR C 513 -16.79 35.86 -24.85
N TRP C 514 -18.04 36.17 -24.55
CA TRP C 514 -19.08 36.19 -25.57
C TRP C 514 -19.04 37.47 -26.39
N LYS C 515 -18.02 37.56 -27.25
CA LYS C 515 -17.85 38.69 -28.14
C LYS C 515 -17.14 38.21 -29.40
N PRO C 516 -17.33 38.91 -30.52
CA PRO C 516 -16.77 38.52 -31.82
C PRO C 516 -15.28 38.26 -31.81
N SER C 517 -14.50 39.06 -31.09
CA SER C 517 -13.04 38.94 -31.15
C SER C 517 -12.53 37.64 -30.55
N THR C 518 -13.32 37.06 -29.63
CA THR C 518 -13.00 35.76 -29.07
C THR C 518 -12.90 34.73 -30.20
N PHE C 519 -13.74 34.90 -31.22
CA PHE C 519 -13.91 33.88 -32.24
C PHE C 519 -13.34 34.28 -33.61
N GLY C 520 -12.35 35.18 -33.59
CA GLY C 520 -11.69 35.60 -34.81
C GLY C 520 -12.43 36.70 -35.56
N GLY C 521 -13.44 37.28 -34.92
CA GLY C 521 -14.21 38.33 -35.55
C GLY C 521 -15.66 37.96 -35.89
N GLU C 522 -16.29 38.84 -36.65
CA GLU C 522 -17.71 38.74 -36.94
C GLU C 522 -18.05 37.45 -37.67
N VAL C 523 -17.18 37.06 -38.59
CA VAL C 523 -17.41 35.87 -39.41
C VAL C 523 -17.37 34.59 -38.56
N GLY C 524 -16.40 34.51 -37.66
CA GLY C 524 -16.31 33.38 -36.75
C GLY C 524 -17.48 33.33 -35.80
N PHE C 525 -17.84 34.50 -35.27
CA PHE C 525 -19.01 34.63 -34.40
C PHE C 525 -20.26 34.13 -35.11
N LYS C 526 -20.36 34.49 -36.37
CA LYS C 526 -21.48 34.15 -37.23
C LYS C 526 -21.63 32.64 -37.41
N ILE C 527 -20.50 31.94 -37.52
CA ILE C 527 -20.51 30.48 -37.62
C ILE C 527 -21.24 29.86 -36.44
N ILE C 528 -20.97 30.39 -35.24
CA ILE C 528 -21.64 29.88 -34.05
C ILE C 528 -23.14 30.18 -34.09
N ASN C 529 -23.49 31.43 -34.35
CA ASN C 529 -24.88 31.88 -34.24
C ASN C 529 -25.80 31.46 -35.39
N THR C 530 -25.26 30.76 -36.39
CA THR C 530 -26.08 30.22 -37.46
C THR C 530 -25.95 28.71 -37.58
N ALA C 531 -25.28 28.09 -36.60
CA ALA C 531 -25.07 26.65 -36.63
C ALA C 531 -26.37 25.87 -36.53
N SER C 532 -26.38 24.68 -37.13
CA SER C 532 -27.52 23.78 -37.03
C SER C 532 -27.04 22.40 -37.42
N ILE C 533 -27.78 21.37 -37.01
CA ILE C 533 -27.43 20.01 -37.41
C ILE C 533 -27.44 19.90 -38.94
N GLN C 534 -28.33 20.63 -39.60
CA GLN C 534 -28.40 20.56 -41.05
C GLN C 534 -27.20 21.21 -41.72
N SER C 535 -26.80 22.39 -41.25
CA SER C 535 -25.69 23.08 -41.88
C SER C 535 -24.37 22.37 -41.60
N LEU C 536 -24.27 21.79 -40.41
CA LEU C 536 -23.14 20.94 -40.06
C LEU C 536 -22.96 19.81 -41.08
N ILE C 537 -24.05 19.11 -41.36
CA ILE C 537 -24.05 18.03 -42.35
C ILE C 537 -23.83 18.59 -43.77
N CYS C 538 -24.50 19.69 -44.06
CA CYS C 538 -24.45 20.29 -45.38
C CYS C 538 -23.05 20.80 -45.77
N ASN C 539 -22.31 21.32 -44.79
CA ASN C 539 -20.99 21.87 -45.06
C ASN C 539 -19.87 20.82 -45.15
N ASN C 540 -20.14 19.61 -44.68
CA ASN C 540 -19.09 18.62 -44.52
C ASN C 540 -19.39 17.25 -45.10
N VAL C 541 -20.65 17.02 -45.47
CA VAL C 541 -21.03 15.76 -46.09
C VAL C 541 -21.35 15.96 -47.57
N LYS C 542 -20.68 15.20 -48.42
CA LYS C 542 -20.84 15.28 -49.87
C LYS C 542 -22.32 15.24 -50.28
N GLY C 543 -22.71 16.21 -51.10
CA GLY C 543 -24.08 16.27 -51.61
C GLY C 543 -25.10 16.97 -50.72
N CYS C 544 -24.66 17.44 -49.55
CA CYS C 544 -25.55 18.13 -48.61
C CYS C 544 -26.86 17.39 -48.38
N PRO C 545 -26.79 16.14 -47.90
CA PRO C 545 -28.04 15.37 -47.76
C PRO C 545 -28.91 15.96 -46.66
N PHE C 546 -30.23 15.91 -46.85
CA PHE C 546 -31.16 16.35 -45.82
C PHE C 546 -30.94 15.59 -44.52
N THR C 547 -31.06 16.28 -43.40
CA THR C 547 -30.99 15.61 -42.10
C THR C 547 -31.89 16.26 -41.07
N SER C 548 -32.25 15.49 -40.06
CA SER C 548 -32.94 15.99 -38.87
C SER C 548 -32.76 14.95 -37.78
N PHE C 549 -33.24 15.25 -36.58
CA PHE C 549 -33.18 14.27 -35.51
C PHE C 549 -34.48 13.48 -35.48
N ASN C 550 -35.16 13.52 -36.62
CA ASN C 550 -36.58 13.27 -36.66
C ASN C 550 -36.92 12.52 -37.93
N VAL C 551 -37.62 11.40 -37.78
CA VAL C 551 -38.05 10.63 -38.94
C VAL C 551 -39.05 11.40 -39.81
N GLN C 552 -38.77 11.47 -41.10
CA GLN C 552 -39.64 12.14 -42.05
C GLN C 552 -40.75 11.22 -42.54
N ALA D 1 5.78 43.68 -35.60
CA ALA D 1 5.00 43.35 -36.78
C ALA D 1 3.51 43.27 -36.47
N ASN D 2 3.19 42.70 -35.31
CA ASN D 2 1.79 42.61 -34.88
C ASN D 2 1.17 43.99 -34.72
N PRO D 3 0.12 44.27 -35.52
CA PRO D 3 -0.56 45.58 -35.51
C PRO D 3 -1.20 45.91 -34.16
N CYS D 4 -1.23 44.96 -33.24
CA CYS D 4 -1.76 45.23 -31.91
C CYS D 4 -0.66 45.58 -30.89
N CYS D 5 0.58 45.58 -31.35
CA CYS D 5 1.73 45.81 -30.47
C CYS D 5 1.69 47.11 -29.69
N SER D 6 1.06 48.14 -30.24
CA SER D 6 1.04 49.45 -29.59
C SER D 6 -0.11 49.57 -28.60
N ASN D 7 -0.85 48.47 -28.45
CA ASN D 7 -2.05 48.44 -27.61
C ASN D 7 -3.01 49.57 -27.94
N PRO D 8 -3.47 49.64 -29.20
CA PRO D 8 -4.27 50.80 -29.61
C PRO D 8 -5.64 50.87 -28.95
N CYS D 9 -6.23 49.72 -28.62
CA CYS D 9 -7.57 49.67 -28.05
C CYS D 9 -7.64 50.14 -26.60
N GLN D 10 -8.52 51.09 -26.34
CA GLN D 10 -8.64 51.68 -25.02
C GLN D 10 -9.91 51.22 -24.31
N ASN D 11 -10.00 51.54 -23.02
CA ASN D 11 -11.18 51.22 -22.21
C ASN D 11 -11.61 49.76 -22.29
N ARG D 12 -10.61 48.87 -22.25
CA ARG D 12 -10.81 47.42 -22.20
C ARG D 12 -11.41 46.81 -23.47
N GLY D 13 -11.42 47.58 -24.55
CA GLY D 13 -11.69 47.04 -25.85
C GLY D 13 -10.58 46.05 -26.18
N GLU D 14 -10.90 45.05 -26.99
CA GLU D 14 -9.95 44.00 -27.29
C GLU D 14 -9.42 44.15 -28.71
N CYS D 15 -8.11 44.00 -28.86
CA CYS D 15 -7.46 44.17 -30.17
C CYS D 15 -7.33 42.85 -30.91
N MET D 16 -7.38 42.92 -32.24
CA MET D 16 -7.30 41.73 -33.08
C MET D 16 -6.76 42.12 -34.44
N SER D 17 -5.77 41.38 -34.94
CA SER D 17 -5.22 41.66 -36.26
C SER D 17 -6.23 41.24 -37.34
N THR D 18 -6.44 42.10 -38.32
CA THR D 18 -7.30 41.80 -39.45
C THR D 18 -6.46 41.79 -40.73
N GLY D 19 -5.19 41.43 -40.57
CA GLY D 19 -4.24 41.44 -41.65
C GLY D 19 -2.85 41.64 -41.09
N PHE D 20 -1.85 41.66 -41.95
CA PHE D 20 -0.48 41.83 -41.51
C PHE D 20 -0.24 43.20 -40.89
N ASP D 21 -0.97 44.19 -41.39
CA ASP D 21 -0.70 45.58 -41.06
C ASP D 21 -1.95 46.35 -40.61
N GLN D 22 -2.99 45.64 -40.25
CA GLN D 22 -4.22 46.30 -39.86
C GLN D 22 -4.82 45.64 -38.65
N TYR D 23 -5.55 46.41 -37.84
CA TYR D 23 -6.15 45.86 -36.63
C TYR D 23 -7.61 46.26 -36.48
N LYS D 24 -8.24 45.70 -35.45
CA LYS D 24 -9.63 45.99 -35.17
C LYS D 24 -9.85 45.97 -33.66
N CYS D 25 -10.67 46.89 -33.16
CA CYS D 25 -10.99 46.91 -31.74
C CYS D 25 -12.42 46.42 -31.49
N ASP D 26 -12.56 45.40 -30.64
CA ASP D 26 -13.86 44.91 -30.24
C ASP D 26 -14.30 45.71 -29.01
N CYS D 27 -15.21 46.66 -29.22
CA CYS D 27 -15.61 47.58 -28.17
C CYS D 27 -16.80 47.09 -27.38
N THR D 28 -17.18 45.83 -27.59
CA THR D 28 -18.37 45.23 -26.99
C THR D 28 -18.47 45.45 -25.49
N ARG D 29 -19.58 46.07 -25.07
CA ARG D 29 -19.88 46.29 -23.65
C ARG D 29 -18.81 47.10 -22.88
N THR D 30 -18.06 47.94 -23.58
CA THR D 30 -17.06 48.76 -22.92
C THR D 30 -17.61 50.13 -22.50
N GLY D 31 -18.73 50.51 -23.10
CA GLY D 31 -19.31 51.83 -22.88
C GLY D 31 -18.75 52.85 -23.84
N PHE D 32 -17.88 52.37 -24.73
CA PHE D 32 -17.22 53.24 -25.71
C PHE D 32 -17.32 52.62 -27.10
N TYR D 33 -17.14 53.45 -28.13
CA TYR D 33 -17.07 52.95 -29.49
C TYR D 33 -16.01 53.72 -30.27
N GLY D 34 -15.96 53.53 -31.58
CA GLY D 34 -14.95 54.16 -32.40
C GLY D 34 -13.79 53.22 -32.68
N GLU D 35 -12.84 53.66 -33.49
CA GLU D 35 -11.73 52.81 -33.94
C GLU D 35 -10.92 52.24 -32.78
N ASN D 36 -10.69 53.06 -31.76
CA ASN D 36 -9.89 52.64 -30.61
C ASN D 36 -10.70 52.57 -29.31
N CYS D 37 -12.02 52.55 -29.44
CA CYS D 37 -12.94 52.51 -28.28
C CYS D 37 -12.70 53.67 -27.32
N THR D 38 -12.71 54.90 -27.85
CA THR D 38 -12.42 56.07 -27.03
C THR D 38 -13.57 57.06 -26.95
N THR D 39 -14.39 57.13 -28.00
CA THR D 39 -15.57 58.00 -27.96
C THR D 39 -16.68 57.32 -27.15
N PRO D 40 -17.06 57.95 -26.02
CA PRO D 40 -17.98 57.35 -25.06
C PRO D 40 -19.45 57.45 -25.48
N GLU D 41 -20.23 56.46 -25.06
CA GLU D 41 -21.68 56.51 -25.23
C GLU D 41 -22.22 57.53 -24.26
N PHE D 42 -23.51 57.86 -24.38
CA PHE D 42 -24.08 58.94 -23.58
C PHE D 42 -24.05 58.64 -22.07
N LEU D 43 -24.39 57.41 -21.70
CA LEU D 43 -24.43 57.04 -20.29
C LEU D 43 -23.04 56.97 -19.71
N THR D 44 -22.07 56.70 -20.57
CA THR D 44 -20.70 56.59 -20.13
C THR D 44 -20.21 57.93 -19.60
N ARG D 45 -20.52 59.01 -20.31
CA ARG D 45 -20.12 60.36 -19.88
C ARG D 45 -20.71 60.70 -18.52
N ILE D 46 -21.94 60.24 -18.28
CA ILE D 46 -22.59 60.43 -16.98
C ILE D 46 -21.79 59.75 -15.89
N LYS D 47 -21.50 58.47 -16.09
CA LYS D 47 -20.75 57.68 -15.11
C LYS D 47 -19.39 58.31 -14.80
N LEU D 48 -18.67 58.71 -15.85
CA LEU D 48 -17.34 59.28 -15.69
C LEU D 48 -17.35 60.65 -15.02
N LEU D 49 -18.53 61.27 -14.98
CA LEU D 49 -18.69 62.57 -14.33
C LEU D 49 -19.04 62.38 -12.86
N LEU D 50 -19.55 61.20 -12.53
CA LEU D 50 -20.14 60.99 -11.22
C LEU D 50 -19.30 60.12 -10.30
N LYS D 51 -18.20 59.58 -10.82
CA LYS D 51 -17.33 58.74 -9.98
C LYS D 51 -16.08 59.51 -9.54
N PRO D 52 -15.70 59.35 -8.27
CA PRO D 52 -14.52 60.00 -7.72
C PRO D 52 -13.25 59.18 -7.93
N THR D 53 -12.11 59.84 -7.92
CA THR D 53 -10.82 59.17 -8.05
C THR D 53 -10.58 58.23 -6.86
N PRO D 54 -9.75 57.20 -7.06
CA PRO D 54 -9.37 56.32 -5.96
C PRO D 54 -8.76 57.08 -4.78
N ASN D 55 -8.01 58.14 -5.06
CA ASN D 55 -7.44 58.95 -4.00
C ASN D 55 -8.49 59.74 -3.24
N THR D 56 -9.58 60.09 -3.93
CA THR D 56 -10.71 60.75 -3.29
C THR D 56 -11.43 59.79 -2.34
N VAL D 57 -11.65 58.57 -2.78
CA VAL D 57 -12.29 57.55 -1.94
C VAL D 57 -11.39 57.18 -0.77
N HIS D 58 -10.09 57.02 -1.04
CA HIS D 58 -9.12 56.67 -0.02
C HIS D 58 -9.05 57.76 1.04
N TYR D 59 -9.22 58.99 0.59
CA TYR D 59 -9.24 60.11 1.51
C TYR D 59 -10.40 59.97 2.49
N ILE D 60 -11.59 59.76 1.94
CA ILE D 60 -12.81 59.68 2.72
C ILE D 60 -12.74 58.52 3.71
N LEU D 61 -12.17 57.42 3.26
CA LEU D 61 -12.04 56.22 4.09
C LEU D 61 -10.99 56.38 5.21
N THR D 62 -10.05 57.30 5.01
CA THR D 62 -8.95 57.49 5.96
C THR D 62 -9.07 58.81 6.70
N HIS D 63 -10.24 59.43 6.64
CA HIS D 63 -10.52 60.65 7.37
C HIS D 63 -11.94 60.56 7.93
N PHE D 64 -12.35 61.61 8.65
CA PHE D 64 -13.67 61.64 9.27
C PHE D 64 -13.86 60.45 10.21
N LYS D 65 -12.86 60.21 11.05
CA LYS D 65 -12.88 59.08 11.97
C LYS D 65 -14.09 59.09 12.88
N GLY D 66 -14.53 60.29 13.25
CA GLY D 66 -15.69 60.45 14.12
C GLY D 66 -16.95 59.92 13.49
N VAL D 67 -17.10 60.19 12.19
CA VAL D 67 -18.24 59.70 11.43
C VAL D 67 -18.19 58.18 11.29
N TRP D 68 -17.03 57.66 10.89
CA TRP D 68 -16.85 56.23 10.71
C TRP D 68 -17.15 55.45 11.98
N ASN D 69 -16.82 56.06 13.11
CA ASN D 69 -17.06 55.45 14.40
C ASN D 69 -18.55 55.23 14.65
N ILE D 70 -19.36 56.14 14.12
CA ILE D 70 -20.79 56.02 14.25
C ILE D 70 -21.29 54.89 13.37
N VAL D 71 -20.83 54.87 12.12
CA VAL D 71 -21.22 53.84 11.17
C VAL D 71 -20.86 52.45 11.66
N ASN D 72 -19.65 52.31 12.19
CA ASN D 72 -19.14 51.02 12.67
C ASN D 72 -19.98 50.40 13.79
N ASN D 73 -20.75 51.21 14.49
CA ASN D 73 -21.56 50.73 15.62
C ASN D 73 -23.04 50.66 15.28
N ILE D 74 -23.35 50.87 14.01
CA ILE D 74 -24.70 50.69 13.50
C ILE D 74 -24.66 49.56 12.50
N PRO D 75 -24.94 48.33 12.95
CA PRO D 75 -24.85 47.12 12.13
C PRO D 75 -25.48 47.28 10.75
N PHE D 76 -26.68 47.87 10.70
CA PHE D 76 -27.38 48.08 9.45
C PHE D 76 -26.56 48.89 8.45
N LEU D 77 -26.00 50.01 8.92
CA LEU D 77 -25.21 50.88 8.06
C LEU D 77 -23.91 50.21 7.60
N ARG D 78 -23.19 49.62 8.55
CA ARG D 78 -21.94 48.93 8.26
C ARG D 78 -22.13 47.86 7.18
N SER D 79 -23.14 47.02 7.36
CA SER D 79 -23.49 46.01 6.36
C SER D 79 -23.76 46.65 5.01
N LEU D 80 -24.47 47.78 5.03
CA LEU D 80 -24.84 48.48 3.81
C LEU D 80 -23.59 49.03 3.12
N ILE D 81 -22.63 49.52 3.90
CA ILE D 81 -21.41 50.08 3.32
C ILE D 81 -20.54 48.96 2.73
N MET D 82 -20.35 47.89 3.51
CA MET D 82 -19.53 46.77 3.08
C MET D 82 -20.06 46.14 1.79
N LYS D 83 -21.39 46.03 1.72
CA LYS D 83 -22.07 45.49 0.55
C LYS D 83 -21.74 46.33 -0.67
N TYR D 84 -21.53 47.62 -0.44
CA TYR D 84 -21.25 48.56 -1.50
C TYR D 84 -19.79 48.53 -1.95
N VAL D 85 -18.86 48.35 -1.01
CA VAL D 85 -17.45 48.24 -1.38
C VAL D 85 -17.22 46.89 -2.04
N LEU D 86 -18.05 45.92 -1.66
CA LEU D 86 -17.96 44.58 -2.19
C LEU D 86 -18.22 44.60 -3.69
N THR D 87 -19.29 45.31 -4.07
CA THR D 87 -19.75 45.33 -5.46
C THR D 87 -18.97 46.31 -6.33
N SER D 88 -18.42 47.36 -5.74
CA SER D 88 -17.64 48.33 -6.50
C SER D 88 -16.25 47.81 -6.84
N ARG D 89 -15.73 46.91 -6.00
CA ARG D 89 -14.42 46.32 -6.22
C ARG D 89 -14.48 45.08 -7.11
N SER D 90 -15.66 44.82 -7.70
CA SER D 90 -15.89 43.57 -8.41
C SER D 90 -15.53 43.59 -9.90
N TYR D 91 -16.09 44.55 -10.62
CA TYR D 91 -16.09 44.57 -12.07
C TYR D 91 -14.74 44.47 -12.80
N LEU D 92 -13.63 44.62 -12.08
CA LEU D 92 -12.32 44.67 -12.72
C LEU D 92 -11.74 43.32 -13.16
N ILE D 93 -12.01 42.27 -12.38
CA ILE D 93 -11.39 40.96 -12.64
C ILE D 93 -12.21 40.07 -13.58
N ASP D 94 -11.54 39.53 -14.60
CA ASP D 94 -12.14 38.58 -15.52
C ASP D 94 -12.41 37.24 -14.86
N SER D 95 -13.68 36.89 -14.72
CA SER D 95 -14.07 35.67 -14.05
C SER D 95 -15.29 35.08 -14.76
N PRO D 96 -15.12 33.94 -15.46
CA PRO D 96 -13.92 33.10 -15.66
C PRO D 96 -12.74 33.82 -16.31
N PRO D 97 -11.51 33.36 -16.02
CA PRO D 97 -10.29 34.06 -16.43
C PRO D 97 -10.01 33.89 -17.91
N THR D 98 -9.09 34.69 -18.42
CA THR D 98 -8.81 34.75 -19.85
C THR D 98 -7.35 34.47 -20.21
N TYR D 99 -6.54 35.51 -20.33
CA TYR D 99 -5.17 35.37 -20.83
C TYR D 99 -4.18 34.75 -19.85
N ASN D 100 -3.09 34.21 -20.39
CA ASN D 100 -1.93 33.84 -19.57
C ASN D 100 -0.63 34.17 -20.30
N VAL D 101 0.50 33.77 -19.73
CA VAL D 101 1.81 34.09 -20.30
C VAL D 101 1.95 33.68 -21.76
N HIS D 102 1.31 32.57 -22.14
CA HIS D 102 1.44 32.05 -23.49
C HIS D 102 0.30 32.39 -24.44
N TYR D 103 -0.74 33.06 -23.94
CA TYR D 103 -1.88 33.38 -24.80
C TYR D 103 -2.34 34.82 -24.67
N GLY D 104 -2.07 35.62 -25.70
CA GLY D 104 -2.50 37.00 -25.74
C GLY D 104 -3.92 37.13 -26.28
N TYR D 105 -4.49 35.99 -26.64
CA TYR D 105 -5.87 35.91 -27.09
C TYR D 105 -6.57 34.83 -26.28
N LYS D 106 -7.91 34.90 -26.17
CA LYS D 106 -8.66 33.88 -25.45
C LYS D 106 -8.59 32.53 -26.16
N SER D 107 -8.38 31.47 -25.40
CA SER D 107 -8.32 30.13 -25.95
C SER D 107 -8.71 29.10 -24.91
N TRP D 108 -9.08 27.90 -25.34
CA TRP D 108 -9.48 26.88 -24.38
C TRP D 108 -8.31 26.40 -23.53
N GLU D 109 -7.11 26.47 -24.10
CA GLU D 109 -5.92 26.04 -23.39
C GLU D 109 -5.67 26.99 -22.23
N ALA D 110 -5.82 28.28 -22.50
CA ALA D 110 -5.65 29.29 -21.47
C ALA D 110 -6.72 29.16 -20.40
N PHE D 111 -7.95 28.86 -20.81
CA PHE D 111 -9.00 28.69 -19.80
C PHE D 111 -8.87 27.41 -18.97
N SER D 112 -8.49 26.29 -19.61
CA SER D 112 -8.60 24.99 -18.93
C SER D 112 -7.34 24.56 -18.18
N ASN D 113 -6.18 25.08 -18.58
CA ASN D 113 -4.92 24.64 -17.97
C ASN D 113 -4.66 25.37 -16.65
N LEU D 114 -4.83 24.63 -15.55
CA LEU D 114 -4.77 25.21 -14.22
C LEU D 114 -3.35 25.45 -13.72
N SER D 115 -2.37 24.99 -14.51
CA SER D 115 -0.97 25.13 -14.13
C SER D 115 -0.43 26.54 -14.38
N TYR D 116 -1.15 27.32 -15.18
CA TYR D 116 -0.78 28.70 -15.46
C TYR D 116 -1.32 29.66 -14.40
N TYR D 117 -0.60 30.74 -14.09
CA TYR D 117 -1.18 31.84 -13.42
C TYR D 117 -1.96 32.54 -14.48
N THR D 118 -3.13 33.06 -14.20
CA THR D 118 -3.87 33.82 -15.21
C THR D 118 -3.25 35.22 -15.34
N ARG D 119 -3.85 36.06 -16.17
CA ARG D 119 -3.21 37.34 -16.47
C ARG D 119 -4.20 38.48 -16.70
N ALA D 120 -4.04 39.56 -15.95
CA ALA D 120 -4.94 40.70 -16.05
C ALA D 120 -4.82 41.40 -17.40
N LEU D 121 -3.59 41.45 -17.92
CA LEU D 121 -3.34 41.99 -19.26
C LEU D 121 -2.56 40.99 -20.10
N PRO D 122 -2.95 40.82 -21.37
CA PRO D 122 -2.21 39.88 -22.21
C PRO D 122 -0.75 40.27 -22.35
N PRO D 123 0.12 39.28 -22.56
CA PRO D 123 1.54 39.55 -22.81
C PRO D 123 1.74 40.35 -24.10
N VAL D 124 2.85 41.08 -24.15
CA VAL D 124 3.27 41.76 -25.37
C VAL D 124 3.69 40.65 -26.31
N ALA D 125 3.21 40.70 -27.55
CA ALA D 125 3.51 39.65 -28.53
C ALA D 125 5.02 39.53 -28.78
N ASP D 126 5.45 38.31 -29.10
CA ASP D 126 6.87 38.02 -29.28
C ASP D 126 7.52 38.85 -30.37
N ASP D 127 6.79 39.09 -31.46
CA ASP D 127 7.37 39.79 -32.61
C ASP D 127 7.23 41.31 -32.52
N CYS D 128 6.95 41.83 -31.33
CA CYS D 128 6.83 43.26 -31.14
C CYS D 128 8.21 43.91 -31.13
N PRO D 129 8.34 45.09 -31.75
CA PRO D 129 9.63 45.76 -31.93
C PRO D 129 10.32 46.17 -30.63
N THR D 130 9.54 46.44 -29.58
CA THR D 130 10.11 46.80 -28.28
C THR D 130 9.45 45.97 -27.18
N PRO D 131 10.16 45.76 -26.07
CA PRO D 131 9.65 44.94 -24.96
C PRO D 131 8.25 45.36 -24.47
N MET D 132 7.99 46.67 -24.45
CA MET D 132 6.69 47.17 -24.02
C MET D 132 5.71 47.32 -25.18
N GLY D 133 6.16 46.94 -26.37
CA GLY D 133 5.31 46.99 -27.55
C GLY D 133 5.94 47.78 -28.68
N VAL D 134 5.76 49.10 -28.64
CA VAL D 134 6.26 50.00 -29.69
C VAL D 134 7.19 51.07 -29.13
N LYS D 135 6.87 51.57 -27.94
CA LYS D 135 7.60 52.68 -27.33
C LYS D 135 8.90 52.25 -26.65
N GLY D 136 9.81 53.19 -26.49
CA GLY D 136 11.04 52.93 -25.79
C GLY D 136 12.09 52.32 -26.69
N ASN D 137 13.16 51.82 -26.09
CA ASN D 137 14.27 51.25 -26.83
C ASN D 137 14.11 49.76 -27.06
N LYS D 138 14.98 49.22 -27.90
CA LYS D 138 14.97 47.82 -28.25
C LYS D 138 15.20 46.95 -27.01
N GLU D 139 15.87 47.53 -26.01
CA GLU D 139 16.16 46.83 -24.76
C GLU D 139 15.76 47.68 -23.57
N LEU D 140 15.26 47.02 -22.52
CA LEU D 140 14.91 47.71 -21.28
C LEU D 140 16.18 48.01 -20.48
N PRO D 141 16.13 49.03 -19.61
CA PRO D 141 17.29 49.36 -18.78
C PRO D 141 17.76 48.19 -17.93
N ASP D 142 19.07 48.08 -17.77
CA ASP D 142 19.71 47.02 -16.97
C ASP D 142 19.01 46.84 -15.63
N SER D 143 18.53 45.63 -15.37
CA SER D 143 17.77 45.35 -14.16
C SER D 143 18.61 45.62 -12.91
N LYS D 144 19.89 45.30 -12.98
CA LYS D 144 20.77 45.48 -11.84
C LYS D 144 20.87 46.98 -11.53
N GLU D 145 20.79 47.77 -12.58
CA GLU D 145 20.90 49.21 -12.48
C GLU D 145 19.67 49.79 -11.80
N VAL D 146 18.50 49.37 -12.27
CA VAL D 146 17.24 49.81 -11.68
C VAL D 146 17.21 49.37 -10.21
N LEU D 147 17.62 48.12 -9.98
CA LEU D 147 17.69 47.55 -8.65
C LEU D 147 18.49 48.43 -7.70
N GLU D 148 19.73 48.71 -8.08
CA GLU D 148 20.64 49.45 -7.22
C GLU D 148 20.30 50.92 -7.02
N LYS D 149 19.85 51.59 -8.07
CA LYS D 149 19.62 53.03 -7.99
C LYS D 149 18.35 53.47 -7.26
N VAL D 150 17.29 52.66 -7.32
CA VAL D 150 16.02 53.08 -6.70
C VAL D 150 15.34 52.05 -5.78
N LEU D 151 15.85 50.82 -5.74
CA LEU D 151 15.17 49.78 -4.96
C LEU D 151 15.91 49.36 -3.68
N LEU D 152 17.23 49.19 -3.77
CA LEU D 152 18.01 48.75 -2.62
C LEU D 152 17.88 49.71 -1.44
N ARG D 153 17.83 49.15 -0.23
CA ARG D 153 17.73 49.93 0.99
C ARG D 153 19.03 50.67 1.30
N ARG D 154 18.97 51.98 1.49
CA ARG D 154 20.14 52.71 1.97
C ARG D 154 20.16 52.53 3.49
N GLU D 155 19.28 53.26 4.17
CA GLU D 155 19.03 52.98 5.57
C GLU D 155 17.58 52.58 5.73
N PHE D 156 17.29 51.84 6.80
CA PHE D 156 15.96 51.32 7.04
C PHE D 156 14.90 52.41 7.08
N ILE D 157 13.87 52.24 6.25
CA ILE D 157 12.73 53.14 6.27
C ILE D 157 11.54 52.42 6.90
N PRO D 158 11.16 52.84 8.12
CA PRO D 158 10.06 52.18 8.81
C PRO D 158 8.72 52.53 8.18
N ASP D 159 7.72 51.69 8.41
CA ASP D 159 6.37 51.94 7.93
C ASP D 159 5.64 52.90 8.85
N PRO D 160 5.18 54.04 8.31
CA PRO D 160 4.42 55.02 9.10
C PRO D 160 3.07 54.48 9.57
N GLN D 161 2.56 53.43 8.91
CA GLN D 161 1.32 52.79 9.35
C GLN D 161 1.53 51.89 10.55
N GLY D 162 2.78 51.57 10.83
CA GLY D 162 3.12 50.80 12.02
C GLY D 162 3.02 49.29 11.88
N SER D 163 2.95 48.79 10.65
CA SER D 163 2.96 47.35 10.39
C SER D 163 4.11 46.67 11.11
N ASN D 164 3.81 45.59 11.83
CA ASN D 164 4.83 44.89 12.60
C ASN D 164 5.30 43.63 11.89
N MET D 165 6.05 42.82 12.61
CA MET D 165 6.56 41.58 12.02
C MET D 165 5.51 40.46 12.04
N MET D 166 4.53 40.56 12.93
CA MET D 166 3.38 39.66 12.87
C MET D 166 2.66 39.83 11.55
N PHE D 167 2.58 41.08 11.09
CA PHE D 167 1.96 41.39 9.79
C PHE D 167 2.77 40.85 8.63
N ALA D 168 4.08 41.08 8.66
CA ALA D 168 4.96 40.70 7.56
C ALA D 168 4.94 39.18 7.37
N PHE D 169 5.06 38.45 8.47
CA PHE D 169 5.09 37.00 8.39
C PHE D 169 3.71 36.38 8.09
N PHE D 170 2.65 37.05 8.53
CA PHE D 170 1.30 36.62 8.18
C PHE D 170 1.10 36.79 6.69
N ALA D 171 1.56 37.93 6.18
CA ALA D 171 1.50 38.20 4.75
C ALA D 171 2.20 37.10 3.97
N GLN D 172 3.41 36.76 4.41
CA GLN D 172 4.20 35.74 3.72
C GLN D 172 3.57 34.36 3.86
N HIS D 173 3.15 34.04 5.09
CA HIS D 173 2.57 32.74 5.36
C HIS D 173 1.27 32.53 4.59
N PHE D 174 0.38 33.52 4.70
CA PHE D 174 -0.93 33.43 4.05
C PHE D 174 -0.86 33.36 2.53
N THR D 175 -0.15 34.29 1.89
CA THR D 175 -0.13 34.35 0.43
C THR D 175 0.66 33.22 -0.20
N HIS D 176 1.49 32.54 0.60
CA HIS D 176 2.28 31.46 0.04
C HIS D 176 1.53 30.13 -0.16
N GLN D 177 0.23 30.14 0.12
CA GLN D 177 -0.58 28.98 -0.22
C GLN D 177 -1.05 29.09 -1.67
N PHE D 178 -1.07 30.31 -2.20
CA PHE D 178 -1.47 30.49 -3.60
C PHE D 178 -0.42 31.14 -4.51
N PHE D 179 0.66 31.65 -3.92
CA PHE D 179 1.84 32.04 -4.70
C PHE D 179 2.88 30.94 -4.56
N LYS D 180 2.86 30.02 -5.51
CA LYS D 180 3.73 28.84 -5.47
C LYS D 180 4.25 28.54 -6.87
N THR D 181 5.19 29.36 -7.31
CA THR D 181 5.69 29.27 -8.68
C THR D 181 6.43 27.97 -8.95
N ASP D 182 5.98 27.27 -10.00
CA ASP D 182 6.61 26.05 -10.47
C ASP D 182 7.83 26.39 -11.33
N HIS D 183 8.98 26.52 -10.69
CA HIS D 183 10.19 26.96 -11.38
C HIS D 183 10.74 25.97 -12.41
N LYS D 184 10.25 24.73 -12.38
CA LYS D 184 10.64 23.76 -13.39
C LYS D 184 10.05 24.14 -14.74
N ARG D 185 8.85 24.72 -14.72
CA ARG D 185 8.15 25.09 -15.93
C ARG D 185 8.49 26.51 -16.38
N GLY D 186 8.46 27.44 -15.44
CA GLY D 186 8.67 28.83 -15.75
C GLY D 186 7.88 29.73 -14.84
N PRO D 187 8.23 31.03 -14.82
CA PRO D 187 7.63 32.03 -13.92
C PRO D 187 6.12 32.19 -14.09
N GLY D 188 5.59 31.85 -15.25
CA GLY D 188 4.17 31.98 -15.50
C GLY D 188 3.34 30.79 -15.04
N PHE D 189 3.94 29.88 -14.28
CA PHE D 189 3.25 28.67 -13.84
C PHE D 189 3.14 28.55 -12.32
N THR D 190 2.13 27.83 -11.86
CA THR D 190 1.88 27.69 -10.43
C THR D 190 1.67 26.23 -10.06
N ARG D 191 1.98 25.91 -8.81
CA ARG D 191 1.73 24.57 -8.28
C ARG D 191 0.52 24.59 -7.38
N GLY D 192 0.00 25.78 -7.11
CA GLY D 192 -1.20 25.93 -6.30
C GLY D 192 -2.42 25.81 -7.16
N LEU D 193 -2.82 24.57 -7.45
CA LEU D 193 -3.90 24.30 -8.39
C LEU D 193 -5.26 24.67 -7.81
N GLY D 194 -5.31 24.97 -6.52
CA GLY D 194 -6.54 25.40 -5.89
C GLY D 194 -6.86 26.86 -6.19
N HIS D 195 -5.84 27.60 -6.59
CA HIS D 195 -5.96 29.01 -6.96
C HIS D 195 -6.68 29.88 -5.93
N GLY D 196 -6.34 29.69 -4.66
CA GLY D 196 -6.92 30.50 -3.61
C GLY D 196 -6.61 30.04 -2.20
N VAL D 197 -7.54 30.33 -1.31
CA VAL D 197 -7.40 29.99 0.10
C VAL D 197 -7.94 28.58 0.37
N ASP D 198 -7.13 27.56 0.07
CA ASP D 198 -7.53 26.19 0.36
C ASP D 198 -6.77 25.62 1.55
N LEU D 199 -5.85 26.44 2.07
CA LEU D 199 -4.99 26.05 3.18
C LEU D 199 -4.13 24.84 2.86
N ASN D 200 -3.70 24.72 1.62
CA ASN D 200 -2.78 23.66 1.24
C ASN D 200 -1.42 23.85 1.93
N HIS D 201 -1.14 25.06 2.37
CA HIS D 201 0.12 25.34 3.07
C HIS D 201 0.14 24.76 4.48
N ILE D 202 -1.01 24.26 4.91
CA ILE D 202 -1.13 23.54 6.17
C ILE D 202 -1.37 22.05 5.89
N TYR D 203 -2.28 21.77 4.96
CA TYR D 203 -2.76 20.41 4.79
C TYR D 203 -2.06 19.65 3.67
N GLY D 204 -1.38 20.37 2.80
CA GLY D 204 -0.72 19.74 1.67
C GLY D 204 -1.50 19.92 0.38
N GLU D 205 -0.77 20.14 -0.71
CA GLU D 205 -1.36 20.33 -2.02
C GLU D 205 -2.05 19.06 -2.51
N THR D 206 -1.41 17.90 -2.31
CA THR D 206 -1.99 16.63 -2.73
C THR D 206 -2.53 15.78 -1.58
N LEU D 207 -3.34 14.78 -1.93
CA LEU D 207 -3.92 13.85 -0.97
C LEU D 207 -2.87 13.01 -0.26
N ASP D 208 -1.92 12.52 -1.05
CA ASP D 208 -0.82 11.71 -0.55
C ASP D 208 -0.06 12.44 0.56
N ARG D 209 0.19 13.73 0.33
CA ARG D 209 0.92 14.55 1.30
C ARG D 209 0.06 14.81 2.53
N GLN D 210 -1.21 15.10 2.31
CA GLN D 210 -2.15 15.32 3.41
C GLN D 210 -2.17 14.12 4.36
N HIS D 211 -2.27 12.93 3.79
CA HIS D 211 -2.38 11.72 4.60
C HIS D 211 -1.13 11.44 5.43
N LYS D 212 0.03 11.83 4.91
CA LYS D 212 1.27 11.71 5.66
C LYS D 212 1.32 12.69 6.84
N LEU D 213 0.62 13.81 6.70
CA LEU D 213 0.59 14.84 7.74
C LEU D 213 -0.50 14.57 8.77
N ARG D 214 -1.46 13.71 8.41
CA ARG D 214 -2.59 13.41 9.28
C ARG D 214 -2.28 12.38 10.36
N LEU D 215 -2.95 12.48 11.49
CA LEU D 215 -2.78 11.53 12.57
C LEU D 215 -3.79 10.38 12.45
N PHE D 216 -4.88 10.65 11.74
CA PHE D 216 -5.95 9.69 11.50
C PHE D 216 -6.68 9.25 12.78
N LYS D 217 -6.58 10.08 13.81
CA LYS D 217 -7.38 9.93 15.01
C LYS D 217 -7.92 11.29 15.39
N ASP D 218 -9.24 11.37 15.58
CA ASP D 218 -9.90 12.61 15.99
C ASP D 218 -9.76 13.75 15.00
N GLY D 219 -9.47 13.41 13.75
CA GLY D 219 -9.40 14.40 12.69
C GLY D 219 -8.14 15.24 12.75
N LYS D 220 -7.23 14.86 13.63
CA LYS D 220 -6.08 15.70 13.97
C LYS D 220 -4.86 15.61 13.03
N LEU D 221 -4.05 16.66 13.04
CA LEU D 221 -2.77 16.64 12.35
C LEU D 221 -1.71 16.03 13.28
N LYS D 222 -0.73 15.31 12.71
CA LYS D 222 0.38 14.80 13.50
C LYS D 222 1.15 15.95 14.13
N TYR D 223 1.74 15.69 15.30
CA TYR D 223 2.55 16.68 15.98
C TYR D 223 3.55 16.02 16.94
N GLN D 224 4.44 16.82 17.49
CA GLN D 224 5.37 16.34 18.51
C GLN D 224 5.43 17.33 19.66
N VAL D 225 5.78 16.84 20.83
CA VAL D 225 5.91 17.70 22.00
C VAL D 225 7.38 17.90 22.34
N ILE D 226 7.84 19.13 22.21
CA ILE D 226 9.20 19.48 22.60
C ILE D 226 9.15 20.46 23.75
N GLY D 227 9.73 20.08 24.89
CA GLY D 227 9.79 20.92 26.06
C GLY D 227 8.42 21.39 26.52
N GLY D 228 7.42 20.51 26.45
CA GLY D 228 6.08 20.82 26.90
C GLY D 228 5.20 21.49 25.85
N GLU D 229 5.79 21.86 24.72
CA GLU D 229 5.09 22.60 23.68
C GLU D 229 4.83 21.75 22.45
N VAL D 230 3.70 22.02 21.79
CA VAL D 230 3.33 21.33 20.56
C VAL D 230 3.95 21.99 19.33
N TYR D 231 4.69 21.19 18.56
CA TYR D 231 5.29 21.64 17.31
C TYR D 231 4.92 20.66 16.21
N PRO D 232 5.05 21.08 14.93
CA PRO D 232 4.78 20.17 13.82
C PRO D 232 5.67 18.94 13.87
N PRO D 233 5.27 17.86 13.18
CA PRO D 233 6.08 16.64 13.18
C PRO D 233 7.35 16.80 12.34
N THR D 234 8.19 15.76 12.32
CA THR D 234 9.42 15.79 11.53
C THR D 234 9.24 15.13 10.17
N VAL D 235 10.27 15.27 9.34
CA VAL D 235 10.27 14.67 8.02
C VAL D 235 10.46 13.16 8.12
N LYS D 236 11.23 12.71 9.09
CA LYS D 236 11.48 11.29 9.24
C LYS D 236 10.28 10.56 9.84
N ASP D 237 9.42 11.31 10.50
CA ASP D 237 8.23 10.74 11.11
C ASP D 237 7.10 10.62 10.07
N THR D 238 7.05 11.58 9.15
CA THR D 238 5.93 11.67 8.21
C THR D 238 6.29 11.30 6.78
N GLN D 239 7.56 11.43 6.44
CA GLN D 239 8.07 11.16 5.09
C GLN D 239 7.64 12.19 4.06
N VAL D 240 7.08 13.32 4.49
CA VAL D 240 6.75 14.37 3.53
C VAL D 240 8.00 15.13 3.13
N GLU D 241 8.03 15.60 1.89
CA GLU D 241 9.19 16.30 1.37
C GLU D 241 9.20 17.76 1.80
N MET D 242 10.28 18.17 2.44
CA MET D 242 10.47 19.56 2.81
C MET D 242 11.75 20.07 2.18
N ILE D 243 11.86 21.39 2.05
CA ILE D 243 13.08 21.98 1.55
C ILE D 243 13.96 22.43 2.71
N TYR D 244 15.13 21.80 2.82
CA TYR D 244 16.09 22.12 3.87
C TYR D 244 17.51 21.99 3.34
N PRO D 245 18.39 22.93 3.71
CA PRO D 245 19.80 22.78 3.37
C PRO D 245 20.37 21.56 4.09
N PRO D 246 21.32 20.86 3.45
CA PRO D 246 21.82 19.57 3.93
C PRO D 246 22.34 19.57 5.37
N HIS D 247 22.70 20.73 5.91
CA HIS D 247 23.28 20.78 7.24
C HIS D 247 22.25 20.75 8.37
N ILE D 248 20.97 20.81 8.02
CA ILE D 248 19.91 20.81 9.03
C ILE D 248 19.69 19.42 9.63
N PRO D 249 19.87 19.29 10.96
CA PRO D 249 19.70 18.01 11.63
C PRO D 249 18.27 17.52 11.54
N GLU D 250 18.11 16.20 11.53
CA GLU D 250 16.81 15.57 11.31
C GLU D 250 15.72 15.96 12.30
N ASN D 251 16.10 16.28 13.52
CA ASN D 251 15.12 16.67 14.53
C ASN D 251 14.64 18.10 14.36
N LEU D 252 15.22 18.81 13.39
CA LEU D 252 14.82 20.19 13.12
C LEU D 252 14.18 20.34 11.74
N GLN D 253 14.04 19.21 11.03
CA GLN D 253 13.37 19.21 9.74
C GLN D 253 11.86 19.04 9.96
N PHE D 254 11.21 20.15 10.32
CA PHE D 254 9.78 20.15 10.56
C PHE D 254 9.03 19.94 9.25
N ALA D 255 7.97 19.14 9.30
CA ALA D 255 7.17 18.89 8.12
C ALA D 255 5.85 19.63 8.23
N VAL D 256 5.56 20.47 7.24
CA VAL D 256 4.27 21.16 7.17
C VAL D 256 3.71 21.09 5.75
N GLY D 257 2.50 21.62 5.55
CA GLY D 257 1.85 21.58 4.25
C GLY D 257 2.64 22.21 3.12
N GLN D 258 3.17 23.41 3.36
CA GLN D 258 4.00 24.09 2.38
C GLN D 258 5.45 23.64 2.52
N GLU D 259 5.98 23.01 1.48
CA GLU D 259 7.32 22.41 1.54
C GLU D 259 8.44 23.41 1.80
N VAL D 260 8.13 24.70 1.69
CA VAL D 260 9.17 25.71 1.80
C VAL D 260 9.16 26.44 3.15
N PHE D 261 8.13 26.23 3.95
CA PHE D 261 7.95 26.98 5.21
C PHE D 261 9.01 26.73 6.29
N GLY D 262 9.92 25.79 6.05
CA GLY D 262 10.93 25.47 7.03
C GLY D 262 12.16 26.37 6.91
N LEU D 263 12.16 27.24 5.92
CA LEU D 263 13.32 28.08 5.69
C LEU D 263 13.23 29.44 6.41
N VAL D 264 12.07 29.74 6.98
CA VAL D 264 11.91 30.97 7.76
C VAL D 264 11.20 30.69 9.08
N PRO D 265 11.88 30.94 10.21
CA PRO D 265 11.25 30.68 11.51
C PRO D 265 9.97 31.49 11.69
N GLY D 266 9.88 32.65 11.03
CA GLY D 266 8.65 33.42 11.02
C GLY D 266 7.51 32.63 10.41
N LEU D 267 7.80 31.94 9.31
CA LEU D 267 6.84 31.06 8.67
C LEU D 267 6.52 29.85 9.53
N MET D 268 7.55 29.29 10.16
CA MET D 268 7.37 28.12 11.01
C MET D 268 6.55 28.48 12.25
N MET D 269 6.58 29.74 12.65
CA MET D 269 5.77 30.23 13.75
C MET D 269 4.27 30.09 13.43
N TYR D 270 3.85 30.59 12.27
CA TYR D 270 2.45 30.53 11.90
C TYR D 270 1.98 29.10 11.59
N ALA D 271 2.86 28.31 10.98
CA ALA D 271 2.55 26.92 10.70
C ALA D 271 2.21 26.17 11.99
N THR D 272 3.00 26.44 13.03
CA THR D 272 2.78 25.84 14.33
C THR D 272 1.48 26.33 14.95
N ILE D 273 1.22 27.62 14.82
CA ILE D 273 -0.01 28.21 15.36
C ILE D 273 -1.24 27.62 14.68
N TRP D 274 -1.22 27.55 13.36
CA TRP D 274 -2.36 27.02 12.61
C TRP D 274 -2.53 25.52 12.80
N LEU D 275 -1.43 24.81 13.03
CA LEU D 275 -1.52 23.37 13.33
C LEU D 275 -2.24 23.20 14.66
N ARG D 276 -1.88 24.01 15.64
CA ARG D 276 -2.52 23.95 16.95
C ARG D 276 -4.01 24.25 16.87
N GLU D 277 -4.35 25.21 16.02
CA GLU D 277 -5.74 25.62 15.84
C GLU D 277 -6.60 24.49 15.27
N HIS D 278 -6.08 23.80 14.28
CA HIS D 278 -6.80 22.69 13.67
C HIS D 278 -7.08 21.59 14.69
N ASN D 279 -6.06 21.23 15.48
CA ASN D 279 -6.21 20.18 16.47
C ASN D 279 -7.13 20.62 17.60
N ARG D 280 -7.20 21.93 17.81
CA ARG D 280 -8.08 22.51 18.81
C ARG D 280 -9.53 22.46 18.36
N VAL D 281 -9.76 22.78 17.10
CA VAL D 281 -11.11 22.70 16.53
C VAL D 281 -11.56 21.24 16.46
N CYS D 282 -10.60 20.33 16.34
CA CYS D 282 -10.93 18.90 16.40
C CYS D 282 -11.52 18.50 17.75
N ASP D 283 -10.95 19.04 18.82
CA ASP D 283 -11.41 18.71 20.16
C ASP D 283 -12.82 19.21 20.36
N ILE D 284 -13.06 20.46 19.95
CA ILE D 284 -14.38 21.07 20.04
C ILE D 284 -15.41 20.30 19.21
N LEU D 285 -15.07 19.99 17.97
CA LEU D 285 -15.96 19.24 17.09
C LEU D 285 -16.29 17.86 17.66
N LYS D 286 -15.28 17.23 18.26
CA LYS D 286 -15.40 15.90 18.86
C LYS D 286 -16.37 15.92 20.03
N GLN D 287 -16.37 17.03 20.73
CA GLN D 287 -17.18 17.17 21.92
C GLN D 287 -18.61 17.45 21.50
N GLU D 288 -18.78 18.07 20.34
CA GLU D 288 -20.10 18.32 19.79
C GLU D 288 -20.60 17.10 19.04
N HIS D 289 -19.67 16.28 18.54
CA HIS D 289 -20.03 15.14 17.72
C HIS D 289 -19.25 13.87 18.09
N PRO D 290 -19.57 13.28 19.25
CA PRO D 290 -18.92 12.03 19.66
C PRO D 290 -19.22 10.89 18.69
N GLU D 291 -20.25 11.05 17.86
CA GLU D 291 -20.62 10.02 16.90
C GLU D 291 -19.82 10.14 15.60
N TRP D 292 -19.06 11.21 15.45
CA TRP D 292 -18.25 11.41 14.24
C TRP D 292 -16.96 10.61 14.25
N GLY D 293 -16.51 10.25 13.06
CA GLY D 293 -15.22 9.59 12.90
C GLY D 293 -14.10 10.55 12.51
N ASP D 294 -12.90 10.02 12.37
CA ASP D 294 -11.71 10.81 12.06
C ASP D 294 -11.83 11.64 10.79
N GLU D 295 -12.33 11.03 9.72
CA GLU D 295 -12.40 11.70 8.42
C GLU D 295 -13.25 12.97 8.46
N GLN D 296 -14.47 12.87 8.98
CA GLN D 296 -15.35 14.03 9.02
C GLN D 296 -14.84 15.11 9.98
N LEU D 297 -14.22 14.71 11.09
CA LEU D 297 -13.63 15.66 12.01
C LEU D 297 -12.54 16.45 11.31
N PHE D 298 -11.69 15.76 10.55
CA PHE D 298 -10.64 16.43 9.80
C PHE D 298 -11.22 17.38 8.76
N GLN D 299 -12.13 16.87 7.94
CA GLN D 299 -12.67 17.65 6.84
C GLN D 299 -13.40 18.89 7.34
N THR D 300 -14.18 18.75 8.41
CA THR D 300 -14.94 19.87 8.94
C THR D 300 -14.04 20.91 9.60
N SER D 301 -13.00 20.43 10.29
CA SER D 301 -12.01 21.32 10.89
C SER D 301 -11.34 22.17 9.82
N ARG D 302 -10.98 21.52 8.72
CA ARG D 302 -10.38 22.21 7.58
C ARG D 302 -11.30 23.30 7.03
N LEU D 303 -12.59 22.97 6.91
CA LEU D 303 -13.57 23.94 6.41
C LEU D 303 -13.67 25.14 7.35
N ILE D 304 -13.61 24.88 8.65
CA ILE D 304 -13.69 25.94 9.64
C ILE D 304 -12.44 26.83 9.60
N LEU D 305 -11.25 26.22 9.53
CA LEU D 305 -10.01 26.98 9.47
C LEU D 305 -9.89 27.83 8.21
N ILE D 306 -10.42 27.32 7.09
CA ILE D 306 -10.53 28.13 5.88
C ILE D 306 -11.34 29.40 6.18
N GLY D 307 -12.46 29.22 6.88
CA GLY D 307 -13.33 30.33 7.25
C GLY D 307 -12.66 31.32 8.18
N GLU D 308 -11.92 30.79 9.16
CA GLU D 308 -11.19 31.62 10.10
C GLU D 308 -10.16 32.47 9.37
N THR D 309 -9.51 31.86 8.39
CA THR D 309 -8.47 32.52 7.61
C THR D 309 -9.05 33.68 6.81
N ILE D 310 -10.20 33.45 6.20
CA ILE D 310 -10.85 34.48 5.41
C ILE D 310 -11.32 35.61 6.32
N LYS D 311 -11.87 35.24 7.47
CA LYS D 311 -12.35 36.19 8.47
C LYS D 311 -11.22 37.08 8.99
N ILE D 312 -10.11 36.45 9.36
CA ILE D 312 -8.95 37.17 9.87
C ILE D 312 -8.29 38.02 8.79
N VAL D 313 -8.15 37.44 7.60
CA VAL D 313 -7.53 38.17 6.47
C VAL D 313 -8.28 39.47 6.14
N ILE D 314 -9.60 39.44 6.17
CA ILE D 314 -10.39 40.62 5.86
C ILE D 314 -10.50 41.64 7.01
N GLU D 315 -10.85 41.16 8.20
CA GLU D 315 -11.16 42.03 9.32
C GLU D 315 -9.96 42.48 10.17
N ASP D 316 -8.83 41.80 10.05
CA ASP D 316 -7.63 42.19 10.80
C ASP D 316 -6.50 42.60 9.87
N TYR D 317 -6.06 41.68 9.03
CA TYR D 317 -4.96 41.89 8.09
C TYR D 317 -5.26 42.99 7.07
N VAL D 318 -6.19 42.74 6.15
CA VAL D 318 -6.56 43.74 5.15
C VAL D 318 -7.12 45.02 5.78
N GLN D 319 -7.80 44.88 6.92
CA GLN D 319 -8.24 46.03 7.67
C GLN D 319 -7.06 46.92 8.02
N HIS D 320 -5.95 46.30 8.44
CA HIS D 320 -4.78 47.06 8.87
C HIS D 320 -4.05 47.79 7.75
N LEU D 321 -3.72 47.07 6.67
CA LEU D 321 -2.96 47.66 5.57
C LEU D 321 -3.76 48.70 4.79
N SER D 322 -5.08 48.61 4.87
CA SER D 322 -5.94 49.53 4.11
C SER D 322 -5.85 50.94 4.69
N GLY D 323 -5.74 51.02 6.02
CA GLY D 323 -5.72 52.30 6.71
C GLY D 323 -7.12 52.85 6.94
N TYR D 324 -8.13 52.09 6.54
CA TYR D 324 -9.52 52.56 6.62
C TYR D 324 -10.00 52.66 8.05
N HIS D 325 -10.75 53.72 8.34
CA HIS D 325 -11.41 53.86 9.63
C HIS D 325 -12.65 52.97 9.65
N PHE D 326 -13.26 52.82 8.46
CA PHE D 326 -14.38 51.92 8.30
C PHE D 326 -13.96 50.49 8.61
N LYS D 327 -14.77 49.78 9.38
CA LYS D 327 -14.46 48.42 9.79
C LYS D 327 -14.97 47.39 8.78
N LEU D 328 -14.08 46.93 7.91
CA LEU D 328 -14.42 45.88 6.94
C LEU D 328 -15.07 44.68 7.63
N LYS D 329 -15.95 44.00 6.90
CA LYS D 329 -16.71 42.90 7.47
C LYS D 329 -16.72 41.68 6.57
N PHE D 330 -16.48 40.50 7.14
CA PHE D 330 -16.61 39.26 6.40
C PHE D 330 -18.03 38.70 6.55
N ASP D 331 -18.83 38.87 5.51
CA ASP D 331 -20.19 38.35 5.52
C ASP D 331 -20.61 37.99 4.10
N PRO D 332 -20.44 36.71 3.73
CA PRO D 332 -20.80 36.18 2.41
C PRO D 332 -22.25 36.52 2.04
N GLU D 333 -23.12 36.56 3.04
CA GLU D 333 -24.54 36.81 2.85
C GLU D 333 -24.81 38.12 2.12
N LEU D 334 -23.86 39.05 2.17
CA LEU D 334 -23.99 40.35 1.50
C LEU D 334 -23.92 40.24 -0.01
N LEU D 335 -23.44 39.09 -0.51
CA LEU D 335 -23.32 38.87 -1.95
C LEU D 335 -24.45 38.04 -2.54
N PHE D 336 -25.26 37.43 -1.68
CA PHE D 336 -26.30 36.48 -2.10
C PHE D 336 -27.35 37.04 -3.07
N ASN D 337 -27.54 38.36 -3.05
CA ASN D 337 -28.48 38.98 -3.98
C ASN D 337 -27.77 39.77 -5.07
N GLN D 338 -26.46 39.57 -5.18
CA GLN D 338 -25.65 40.28 -6.16
C GLN D 338 -25.10 39.31 -7.19
N GLN D 339 -24.74 39.85 -8.35
CA GLN D 339 -24.04 39.07 -9.37
C GLN D 339 -22.58 38.92 -8.95
N PHE D 340 -22.11 37.68 -8.89
CA PHE D 340 -20.76 37.40 -8.42
C PHE D 340 -20.40 35.97 -8.78
N GLN D 341 -19.18 35.76 -9.25
CA GLN D 341 -18.71 34.44 -9.62
C GLN D 341 -17.90 33.75 -8.52
N TYR D 342 -18.47 32.72 -7.92
CA TYR D 342 -17.75 31.96 -6.90
C TYR D 342 -16.70 31.06 -7.53
N GLN D 343 -15.64 31.69 -8.04
CA GLN D 343 -14.50 30.98 -8.59
C GLN D 343 -13.35 31.99 -8.65
N ASN D 344 -12.12 31.50 -8.77
CA ASN D 344 -10.97 32.40 -8.83
C ASN D 344 -9.79 31.76 -9.51
N ARG D 345 -9.08 32.56 -10.29
CA ARG D 345 -7.79 32.14 -10.82
C ARG D 345 -6.70 33.17 -10.46
N ILE D 346 -5.60 32.68 -9.87
CA ILE D 346 -4.52 33.55 -9.40
C ILE D 346 -3.81 34.26 -10.54
N ALA D 347 -3.82 35.59 -10.52
CA ALA D 347 -3.15 36.38 -11.55
C ALA D 347 -1.65 36.49 -11.31
N SER D 348 -0.89 36.48 -12.39
CA SER D 348 0.55 36.66 -12.31
C SER D 348 0.84 38.02 -11.69
N GLU D 349 0.11 39.03 -12.13
CA GLU D 349 0.32 40.39 -11.64
C GLU D 349 0.02 40.51 -10.15
N PHE D 350 -0.87 39.67 -9.65
CA PHE D 350 -1.18 39.65 -8.22
C PHE D 350 0.02 39.11 -7.46
N ASN D 351 0.67 38.09 -8.02
CA ASN D 351 1.91 37.56 -7.46
C ASN D 351 3.00 38.63 -7.47
N THR D 352 3.16 39.29 -8.61
CA THR D 352 4.21 40.29 -8.78
C THR D 352 4.08 41.42 -7.76
N LEU D 353 2.89 42.00 -7.67
CA LEU D 353 2.69 43.15 -6.81
C LEU D 353 2.83 42.79 -5.33
N TYR D 354 2.73 41.50 -5.01
CA TYR D 354 2.73 41.08 -3.62
C TYR D 354 4.14 40.79 -3.08
N HIS D 355 5.16 41.07 -3.88
CA HIS D 355 6.54 40.90 -3.41
C HIS D 355 6.91 42.05 -2.46
N TRP D 356 6.50 41.92 -1.21
CA TRP D 356 6.65 42.99 -0.23
C TRP D 356 7.91 42.84 0.62
N HIS D 357 9.02 42.48 -0.02
CA HIS D 357 10.28 42.32 0.69
C HIS D 357 10.81 43.55 1.46
N PRO D 358 10.46 44.79 1.02
CA PRO D 358 10.84 45.92 1.87
C PRO D 358 10.24 45.89 3.28
N LEU D 359 9.26 45.03 3.53
CA LEU D 359 8.69 44.87 4.87
C LEU D 359 9.78 44.40 5.82
N LEU D 360 10.70 43.59 5.29
CA LEU D 360 11.71 42.94 6.10
C LEU D 360 12.66 43.94 6.74
N PRO D 361 13.03 43.69 8.00
CA PRO D 361 13.97 44.55 8.74
C PRO D 361 15.41 44.14 8.45
N ASP D 362 16.37 44.91 8.94
CA ASP D 362 17.78 44.57 8.73
C ASP D 362 18.19 43.43 9.66
N THR D 363 17.53 43.37 10.81
CA THR D 363 17.74 42.30 11.77
C THR D 363 16.39 41.87 12.33
N PHE D 364 16.30 40.60 12.69
CA PHE D 364 15.09 40.08 13.32
C PHE D 364 15.33 40.05 14.81
N ASN D 365 14.55 40.83 15.55
CA ASN D 365 14.79 41.02 16.97
C ASN D 365 13.84 40.22 17.86
N ILE D 366 14.36 39.21 18.54
CA ILE D 366 13.62 38.29 19.38
C ILE D 366 14.16 38.27 20.81
N GLU D 367 13.41 38.87 21.69
CA GLU D 367 13.86 39.04 23.04
C GLU D 367 15.11 39.98 23.12
N ASP D 368 16.21 39.48 23.63
CA ASP D 368 17.51 40.11 23.63
C ASP D 368 18.16 40.09 22.29
N GLN D 369 18.00 38.99 21.56
CA GLN D 369 18.81 38.80 20.38
C GLN D 369 18.34 39.64 19.19
N GLU D 370 19.31 40.06 18.38
CA GLU D 370 19.03 40.68 17.10
C GLU D 370 19.65 39.82 16.01
N TYR D 371 18.86 38.94 15.41
CA TYR D 371 19.38 38.00 14.42
C TYR D 371 19.53 38.62 13.03
N SER D 372 20.59 38.23 12.34
CA SER D 372 20.80 38.66 10.97
C SER D 372 20.15 37.66 10.03
N PHE D 373 20.02 38.02 8.76
CA PHE D 373 19.44 37.15 7.75
C PHE D 373 20.10 35.77 7.72
N LYS D 374 21.43 35.75 7.72
CA LYS D 374 22.19 34.52 7.66
C LYS D 374 21.90 33.64 8.87
N GLN D 375 21.75 34.27 10.03
CA GLN D 375 21.46 33.56 11.27
C GLN D 375 20.02 33.07 11.27
N PHE D 376 19.15 33.88 10.68
CA PHE D 376 17.72 33.67 10.79
C PHE D 376 17.23 32.57 9.87
N LEU D 377 17.67 32.62 8.62
CA LEU D 377 17.22 31.67 7.60
C LEU D 377 17.51 30.22 7.97
N TYR D 378 16.55 29.36 7.67
CA TYR D 378 16.67 27.92 7.90
C TYR D 378 16.94 27.54 9.34
N ASN D 379 16.74 28.47 10.26
CA ASN D 379 17.11 28.25 11.65
C ASN D 379 15.90 28.07 12.56
N ASN D 380 15.43 26.83 12.68
CA ASN D 380 14.32 26.54 13.58
C ASN D 380 14.75 26.46 15.05
N SER D 381 16.06 26.37 15.28
CA SER D 381 16.60 26.37 16.64
C SER D 381 16.13 27.61 17.38
N ILE D 382 15.97 28.70 16.64
CA ILE D 382 15.53 29.96 17.21
C ILE D 382 14.11 29.83 17.78
N LEU D 383 13.22 29.21 17.02
CA LEU D 383 11.85 29.01 17.48
C LEU D 383 11.78 28.14 18.75
N LEU D 384 12.54 27.06 18.77
CA LEU D 384 12.60 26.20 19.96
C LEU D 384 13.29 26.92 21.12
N GLU D 385 14.28 27.75 20.80
CA GLU D 385 15.03 28.48 21.81
C GLU D 385 14.14 29.43 22.59
N HIS D 386 13.42 30.29 21.87
CA HIS D 386 12.62 31.33 22.51
C HIS D 386 11.18 30.90 22.80
N GLY D 387 10.61 30.11 21.91
CA GLY D 387 9.23 29.66 22.07
C GLY D 387 8.24 30.59 21.40
N LEU D 388 7.05 30.08 21.14
CA LEU D 388 6.00 30.83 20.44
C LEU D 388 5.65 32.15 21.13
N THR D 389 5.53 32.10 22.45
CA THR D 389 5.12 33.26 23.23
C THR D 389 6.08 34.44 23.01
N GLN D 390 7.37 34.17 23.14
CA GLN D 390 8.40 35.18 22.91
C GLN D 390 8.39 35.70 21.48
N PHE D 391 8.23 34.78 20.52
CA PHE D 391 8.15 35.15 19.11
C PHE D 391 7.02 36.15 18.86
N VAL D 392 5.84 35.83 19.38
CA VAL D 392 4.69 36.70 19.24
C VAL D 392 4.93 38.05 19.90
N GLU D 393 5.47 38.04 21.12
CA GLU D 393 5.71 39.29 21.84
C GLU D 393 6.76 40.18 21.15
N SER D 394 7.79 39.54 20.60
CA SER D 394 8.85 40.25 19.89
C SER D 394 8.37 40.78 18.54
N PHE D 395 7.74 39.91 17.75
CA PHE D 395 7.28 40.29 16.42
C PHE D 395 6.17 41.34 16.47
N THR D 396 5.39 41.34 17.55
CA THR D 396 4.37 42.37 17.73
C THR D 396 5.01 43.73 17.97
N ARG D 397 6.18 43.74 18.61
CA ARG D 397 6.88 44.98 18.96
C ARG D 397 7.77 45.53 17.85
N GLN D 398 8.15 44.71 16.89
CA GLN D 398 9.13 45.13 15.89
C GLN D 398 8.50 45.72 14.63
N ILE D 399 8.94 46.92 14.27
CA ILE D 399 8.42 47.63 13.10
C ILE D 399 8.86 46.97 11.80
N ALA D 400 7.97 46.96 10.82
CA ALA D 400 8.33 46.47 9.50
C ALA D 400 8.66 47.65 8.58
N GLY D 401 9.26 47.36 7.43
CA GLY D 401 9.67 48.41 6.52
C GLY D 401 8.58 48.86 5.59
N ARG D 402 8.67 50.12 5.16
CA ARG D 402 7.75 50.67 4.18
C ARG D 402 7.92 49.97 2.85
N VAL D 403 6.84 49.82 2.09
CA VAL D 403 6.92 49.11 0.82
C VAL D 403 7.08 50.04 -0.38
N ALA D 404 6.16 50.99 -0.52
CA ALA D 404 6.30 52.04 -1.52
C ALA D 404 7.25 53.12 -0.99
N GLY D 405 7.61 54.07 -1.84
CA GLY D 405 8.47 55.16 -1.42
C GLY D 405 9.90 54.99 -1.88
N GLY D 406 10.22 53.80 -2.40
CA GLY D 406 11.50 53.55 -3.01
C GLY D 406 12.58 53.16 -2.02
N ARG D 407 13.62 52.50 -2.52
CA ARG D 407 14.86 52.28 -1.79
C ARG D 407 14.67 51.70 -0.40
N ASN D 408 13.93 50.60 -0.30
CA ASN D 408 13.79 49.94 1.00
C ASN D 408 13.83 48.43 0.92
N VAL D 409 14.36 47.89 -0.18
CA VAL D 409 14.56 46.44 -0.26
C VAL D 409 15.87 46.10 0.43
N PRO D 410 15.81 45.23 1.45
CA PRO D 410 17.02 44.81 2.14
C PRO D 410 17.94 44.12 1.14
N ILE D 411 19.24 44.37 1.28
CA ILE D 411 20.21 43.91 0.30
C ILE D 411 20.42 42.39 0.40
N ALA D 412 20.00 41.81 1.53
CA ALA D 412 20.03 40.37 1.69
C ALA D 412 19.18 39.64 0.65
N VAL D 413 18.10 40.28 0.19
CA VAL D 413 17.23 39.66 -0.82
C VAL D 413 17.22 40.44 -2.12
N GLN D 414 18.36 41.03 -2.49
CA GLN D 414 18.45 41.83 -3.71
C GLN D 414 18.25 40.97 -4.95
N ALA D 415 18.68 39.71 -4.88
CA ALA D 415 18.53 38.79 -6.01
C ALA D 415 17.06 38.51 -6.27
N VAL D 416 16.26 38.56 -5.21
CA VAL D 416 14.81 38.35 -5.33
C VAL D 416 14.16 39.51 -6.06
N ALA D 417 14.60 40.72 -5.76
CA ALA D 417 14.04 41.90 -6.41
C ALA D 417 14.46 41.96 -7.87
N LYS D 418 15.71 41.63 -8.16
CA LYS D 418 16.19 41.60 -9.54
C LYS D 418 15.44 40.54 -10.34
N ALA D 419 15.29 39.34 -9.76
CA ALA D 419 14.53 38.28 -10.40
C ALA D 419 13.09 38.72 -10.68
N SER D 420 12.52 39.51 -9.77
CA SER D 420 11.15 40.00 -9.98
C SER D 420 11.11 40.90 -11.20
N ILE D 421 12.19 41.67 -11.40
CA ILE D 421 12.28 42.54 -12.55
C ILE D 421 12.48 41.71 -13.80
N ASP D 422 13.44 40.79 -13.73
CA ASP D 422 13.81 39.98 -14.88
C ASP D 422 12.67 39.09 -15.35
N GLN D 423 11.92 38.54 -14.40
CA GLN D 423 10.85 37.63 -14.73
C GLN D 423 9.59 38.33 -15.25
N SER D 424 9.37 39.56 -14.80
CA SER D 424 8.29 40.36 -15.36
C SER D 424 8.52 40.51 -16.85
N ARG D 425 9.75 40.86 -17.21
CA ARG D 425 10.13 41.06 -18.60
C ARG D 425 10.01 39.76 -19.38
N GLU D 426 10.49 38.68 -18.79
CA GLU D 426 10.47 37.36 -19.43
C GLU D 426 9.04 36.88 -19.69
N MET D 427 8.13 37.29 -18.82
CA MET D 427 6.71 37.00 -18.99
C MET D 427 6.02 38.07 -19.85
N LYS D 428 6.81 38.96 -20.42
CA LYS D 428 6.33 39.99 -21.35
C LYS D 428 5.24 40.91 -20.78
N TYR D 429 5.44 41.41 -19.56
CA TYR D 429 4.49 42.34 -18.94
C TYR D 429 4.37 43.64 -19.72
N GLN D 430 3.16 44.16 -19.81
CA GLN D 430 2.95 45.48 -20.38
C GLN D 430 3.38 46.53 -19.38
N SER D 431 3.50 47.78 -19.83
CA SER D 431 4.06 48.86 -19.02
C SER D 431 3.19 49.21 -17.82
N LEU D 432 3.75 50.03 -16.93
CA LEU D 432 3.04 50.50 -15.74
C LEU D 432 1.75 51.21 -16.13
N ASN D 433 1.86 52.14 -17.06
CA ASN D 433 0.69 52.94 -17.46
C ASN D 433 -0.44 52.12 -18.08
N GLU D 434 -0.09 51.05 -18.78
CA GLU D 434 -1.10 50.18 -19.35
C GLU D 434 -1.88 49.50 -18.22
N TYR D 435 -1.16 49.06 -17.20
CA TYR D 435 -1.80 48.42 -16.05
C TYR D 435 -2.66 49.40 -15.26
N ARG D 436 -2.26 50.66 -15.23
CA ARG D 436 -3.05 51.68 -14.57
C ARG D 436 -4.34 51.90 -15.35
N LYS D 437 -4.23 51.97 -16.68
CA LYS D 437 -5.41 52.11 -17.53
C LYS D 437 -6.32 50.89 -17.39
N ARG D 438 -5.71 49.72 -17.31
CA ARG D 438 -6.44 48.46 -17.13
C ARG D 438 -7.28 48.49 -15.86
N PHE D 439 -6.77 49.15 -14.83
CA PHE D 439 -7.49 49.26 -13.55
C PHE D 439 -8.09 50.64 -13.27
N SER D 440 -8.49 51.32 -14.34
CA SER D 440 -9.21 52.60 -14.23
C SER D 440 -8.44 53.69 -13.49
N LEU D 441 -7.12 53.68 -13.61
CA LEU D 441 -6.29 54.72 -13.02
C LEU D 441 -5.73 55.60 -14.12
N LYS D 442 -5.49 56.86 -13.80
CA LYS D 442 -4.91 57.80 -14.75
C LYS D 442 -3.42 57.48 -14.93
N PRO D 443 -2.96 57.45 -16.19
CA PRO D 443 -1.53 57.22 -16.43
C PRO D 443 -0.70 58.35 -15.83
N TYR D 444 0.45 58.01 -15.24
CA TYR D 444 1.39 59.01 -14.77
C TYR D 444 1.99 59.71 -15.99
N THR D 445 2.18 61.02 -15.90
CA THR D 445 2.67 61.80 -17.03
C THR D 445 4.16 62.10 -16.92
N SER D 446 4.75 61.75 -15.78
CA SER D 446 6.17 61.96 -15.53
C SER D 446 6.64 61.05 -14.41
N PHE D 447 7.95 60.87 -14.30
CA PHE D 447 8.53 60.00 -13.27
C PHE D 447 8.37 60.65 -11.92
N GLU D 448 8.33 61.96 -11.98
CA GLU D 448 8.23 62.83 -10.84
C GLU D 448 6.84 62.76 -10.26
N GLU D 449 5.86 62.64 -11.12
CA GLU D 449 4.48 62.43 -10.66
C GLU D 449 4.33 61.04 -10.05
N LEU D 450 5.04 60.08 -10.62
CA LEU D 450 5.03 58.70 -10.12
C LEU D 450 5.64 58.60 -8.72
N THR D 451 6.83 59.17 -8.53
CA THR D 451 7.56 59.03 -7.28
C THR D 451 7.19 60.06 -6.21
N GLY D 452 6.69 61.21 -6.65
CA GLY D 452 6.39 62.29 -5.73
C GLY D 452 7.62 63.04 -5.25
N GLU D 453 8.77 62.73 -5.83
CA GLU D 453 10.01 63.39 -5.46
C GLU D 453 10.88 63.63 -6.68
N LYS D 454 12.11 64.08 -6.44
CA LYS D 454 12.95 64.53 -7.53
C LYS D 454 14.13 63.66 -7.85
N GLU D 455 14.82 63.13 -6.85
CA GLU D 455 16.05 62.37 -7.06
C GLU D 455 15.84 61.03 -7.78
N MET D 456 15.03 60.14 -7.20
CA MET D 456 14.75 58.84 -7.81
C MET D 456 14.11 59.00 -9.17
N ALA D 457 13.32 60.06 -9.32
CA ALA D 457 12.65 60.33 -10.59
C ALA D 457 13.66 60.59 -11.69
N ALA D 458 14.63 61.45 -11.42
CA ALA D 458 15.67 61.76 -12.38
C ALA D 458 16.44 60.50 -12.75
N GLU D 459 16.72 59.68 -11.74
CA GLU D 459 17.41 58.43 -11.97
C GLU D 459 16.61 57.53 -12.92
N LEU D 460 15.31 57.39 -12.65
CA LEU D 460 14.43 56.59 -13.50
C LEU D 460 14.27 57.22 -14.89
N LYS D 461 14.25 58.54 -14.93
CA LYS D 461 14.17 59.26 -16.19
C LYS D 461 15.34 58.93 -17.12
N ALA D 462 16.54 58.87 -16.55
CA ALA D 462 17.74 58.63 -17.33
C ALA D 462 17.83 57.19 -17.79
N LEU D 463 17.04 56.33 -17.15
CA LEU D 463 17.03 54.90 -17.47
C LEU D 463 15.94 54.51 -18.46
N TYR D 464 14.74 55.04 -18.27
CA TYR D 464 13.60 54.66 -19.10
C TYR D 464 13.26 55.67 -20.19
N SER D 465 13.73 56.91 -20.02
CA SER D 465 13.44 58.01 -20.94
C SER D 465 11.96 58.40 -20.98
N ASP D 466 11.10 57.44 -21.35
CA ASP D 466 9.66 57.69 -21.43
C ASP D 466 8.95 57.06 -20.23
N ILE D 467 8.02 57.80 -19.64
CA ILE D 467 7.26 57.32 -18.50
C ILE D 467 6.37 56.15 -18.93
N ASP D 468 6.00 56.11 -20.21
CA ASP D 468 5.16 55.03 -20.74
C ASP D 468 5.92 53.72 -20.96
N VAL D 469 7.20 53.71 -20.58
CA VAL D 469 8.03 52.51 -20.70
C VAL D 469 8.36 51.99 -19.29
N MET D 470 7.99 52.78 -18.28
CA MET D 470 8.22 52.39 -16.89
C MET D 470 7.56 51.04 -16.58
N GLU D 471 8.30 50.18 -15.89
CA GLU D 471 7.82 48.83 -15.58
C GLU D 471 6.94 48.82 -14.33
N LEU D 472 6.04 47.85 -14.26
CA LEU D 472 5.08 47.75 -13.17
C LEU D 472 5.71 47.49 -11.81
N TYR D 473 6.54 46.46 -11.72
CA TYR D 473 7.13 46.06 -10.44
C TYR D 473 7.99 47.14 -9.74
N PRO D 474 9.02 47.69 -10.42
CA PRO D 474 9.79 48.73 -9.74
C PRO D 474 8.92 49.94 -9.41
N ALA D 475 7.94 50.24 -10.26
CA ALA D 475 7.08 51.38 -10.03
C ALA D 475 6.33 51.25 -8.70
N LEU D 476 5.87 50.04 -8.41
CA LEU D 476 5.14 49.78 -7.17
C LEU D 476 5.99 50.04 -5.92
N LEU D 477 7.27 49.67 -5.98
CA LEU D 477 8.14 49.80 -4.81
C LEU D 477 8.67 51.24 -4.71
N VAL D 478 8.50 52.00 -5.78
CA VAL D 478 9.08 53.33 -5.86
C VAL D 478 7.99 54.39 -5.83
N GLU D 479 6.74 53.97 -6.04
CA GLU D 479 5.62 54.88 -6.12
C GLU D 479 5.50 55.75 -4.90
N LYS D 480 4.98 56.95 -5.10
CA LYS D 480 4.67 57.85 -4.01
C LYS D 480 3.61 57.23 -3.13
N PRO D 481 3.90 57.10 -1.84
CA PRO D 481 2.92 56.53 -0.92
C PRO D 481 1.74 57.48 -0.70
N ARG D 482 0.59 56.94 -0.31
CA ARG D 482 -0.46 57.76 0.26
C ARG D 482 0.09 58.38 1.55
N PRO D 483 -0.44 59.54 1.98
CA PRO D 483 0.07 60.25 3.16
C PRO D 483 0.19 59.33 4.37
N ASP D 484 1.41 59.17 4.88
CA ASP D 484 1.70 58.24 5.98
C ASP D 484 1.22 56.81 5.74
N ALA D 485 1.16 56.39 4.48
CA ALA D 485 0.73 55.03 4.17
C ALA D 485 1.86 54.15 3.65
N ILE D 486 1.66 52.84 3.76
CA ILE D 486 2.67 51.88 3.37
C ILE D 486 2.72 51.69 1.85
N PHE D 487 1.62 51.99 1.17
CA PHE D 487 1.48 51.72 -0.26
C PHE D 487 1.07 52.96 -1.05
N GLY D 488 1.39 52.97 -2.34
CA GLY D 488 0.86 53.98 -3.23
C GLY D 488 -0.47 53.58 -3.87
N GLU D 489 -0.99 54.43 -4.76
CA GLU D 489 -2.28 54.19 -5.41
C GLU D 489 -2.33 52.89 -6.21
N THR D 490 -1.32 52.68 -7.05
CA THR D 490 -1.31 51.53 -7.94
C THR D 490 -1.41 50.21 -7.18
N MET D 491 -0.63 50.09 -6.11
CA MET D 491 -0.58 48.88 -5.30
C MET D 491 -1.95 48.49 -4.77
N VAL D 492 -2.64 49.45 -4.18
CA VAL D 492 -3.96 49.21 -3.60
C VAL D 492 -4.99 48.87 -4.67
N GLU D 493 -5.01 49.66 -5.75
CA GLU D 493 -6.02 49.52 -6.79
C GLU D 493 -5.88 48.23 -7.62
N LEU D 494 -4.68 47.65 -7.64
CA LEU D 494 -4.49 46.37 -8.32
C LEU D 494 -4.75 45.24 -7.34
N GLY D 495 -4.24 45.40 -6.12
CA GLY D 495 -4.33 44.38 -5.09
C GLY D 495 -5.74 44.05 -4.63
N ALA D 496 -6.54 45.09 -4.42
CA ALA D 496 -7.89 44.91 -3.88
C ALA D 496 -8.78 43.96 -4.69
N PRO D 497 -8.93 44.19 -6.00
CA PRO D 497 -9.85 43.31 -6.73
C PRO D 497 -9.36 41.86 -6.76
N PHE D 498 -8.06 41.68 -6.97
CA PHE D 498 -7.46 40.34 -6.95
C PHE D 498 -7.72 39.64 -5.62
N SER D 499 -7.43 40.35 -4.53
CA SER D 499 -7.58 39.80 -3.20
C SER D 499 -9.05 39.51 -2.86
N LEU D 500 -9.93 40.41 -3.27
CA LEU D 500 -11.37 40.23 -3.09
C LEU D 500 -11.84 38.92 -3.71
N LYS D 501 -11.48 38.71 -4.98
CA LYS D 501 -11.85 37.51 -5.71
C LYS D 501 -11.32 36.24 -5.07
N GLY D 502 -10.12 36.32 -4.49
CA GLY D 502 -9.52 35.19 -3.81
C GLY D 502 -10.26 34.80 -2.54
N LEU D 503 -10.69 35.80 -1.78
CA LEU D 503 -11.37 35.56 -0.51
C LEU D 503 -12.86 35.22 -0.67
N MET D 504 -13.61 36.12 -1.30
CA MET D 504 -15.05 35.94 -1.42
C MET D 504 -15.42 34.86 -2.45
N GLY D 505 -14.52 34.59 -3.39
CA GLY D 505 -14.78 33.62 -4.44
C GLY D 505 -14.63 32.18 -3.98
N ASN D 506 -14.14 31.99 -2.76
CA ASN D 506 -14.02 30.65 -2.17
C ASN D 506 -15.41 30.01 -2.05
N PRO D 507 -15.51 28.70 -2.36
CA PRO D 507 -16.81 28.02 -2.37
C PRO D 507 -17.56 28.06 -1.03
N ILE D 508 -16.86 28.17 0.09
CA ILE D 508 -17.52 28.25 1.38
C ILE D 508 -18.36 29.53 1.53
N CYS D 509 -18.14 30.49 0.64
CA CYS D 509 -18.88 31.75 0.66
C CYS D 509 -20.18 31.70 -0.14
N SER D 510 -20.35 30.64 -0.94
CA SER D 510 -21.55 30.51 -1.75
C SER D 510 -22.71 30.06 -0.85
N PRO D 511 -23.94 30.46 -1.21
CA PRO D 511 -25.11 30.20 -0.36
C PRO D 511 -25.29 28.73 0.05
N GLN D 512 -24.97 27.78 -0.81
CA GLN D 512 -25.11 26.36 -0.44
C GLN D 512 -24.09 25.91 0.61
N TYR D 513 -22.96 26.61 0.67
CA TYR D 513 -21.96 26.29 1.69
C TYR D 513 -22.11 27.11 2.97
N TRP D 514 -22.54 28.35 2.85
CA TRP D 514 -22.51 29.27 3.99
C TRP D 514 -23.69 29.04 4.93
N LYS D 515 -23.58 28.00 5.75
CA LYS D 515 -24.61 27.67 6.73
C LYS D 515 -24.02 26.80 7.85
N PRO D 516 -24.64 26.78 9.03
CA PRO D 516 -24.09 26.07 10.20
C PRO D 516 -23.69 24.63 9.95
N SER D 517 -24.55 23.85 9.30
CA SER D 517 -24.32 22.42 9.15
C SER D 517 -23.08 22.08 8.31
N THR D 518 -22.66 23.03 7.46
CA THR D 518 -21.42 22.86 6.72
C THR D 518 -20.25 22.78 7.69
N PHE D 519 -20.35 23.48 8.81
CA PHE D 519 -19.25 23.56 9.75
C PHE D 519 -19.52 22.83 11.07
N GLY D 520 -20.35 21.79 11.00
CA GLY D 520 -20.60 20.95 12.16
C GLY D 520 -21.64 21.52 13.09
N GLY D 521 -22.32 22.57 12.64
CA GLY D 521 -23.33 23.19 13.47
C GLY D 521 -22.98 24.61 13.91
N GLU D 522 -23.86 25.17 14.74
CA GLU D 522 -23.77 26.55 15.13
C GLU D 522 -22.48 26.85 15.90
N VAL D 523 -21.94 25.84 16.58
CA VAL D 523 -20.71 26.02 17.33
C VAL D 523 -19.49 26.20 16.41
N GLY D 524 -19.42 25.38 15.37
CA GLY D 524 -18.36 25.50 14.38
C GLY D 524 -18.49 26.78 13.56
N PHE D 525 -19.72 27.20 13.30
CA PHE D 525 -19.99 28.41 12.52
C PHE D 525 -19.52 29.62 13.30
N LYS D 526 -19.67 29.55 14.62
CA LYS D 526 -19.33 30.67 15.51
C LYS D 526 -17.82 30.90 15.54
N ILE D 527 -17.06 29.81 15.45
CA ILE D 527 -15.60 29.90 15.41
C ILE D 527 -15.15 30.75 14.23
N ILE D 528 -15.73 30.49 13.07
CA ILE D 528 -15.43 31.29 11.89
C ILE D 528 -15.84 32.74 12.11
N ASN D 529 -17.05 32.94 12.60
CA ASN D 529 -17.59 34.29 12.70
C ASN D 529 -17.03 35.17 13.82
N THR D 530 -16.31 34.56 14.78
CA THR D 530 -15.72 35.35 15.87
C THR D 530 -14.21 35.29 15.83
N ALA D 531 -13.64 34.73 14.76
CA ALA D 531 -12.20 34.59 14.65
C ALA D 531 -11.51 35.95 14.52
N SER D 532 -10.29 36.02 15.07
CA SER D 532 -9.46 37.21 14.94
C SER D 532 -7.99 36.79 15.10
N ILE D 533 -7.08 37.66 14.67
CA ILE D 533 -5.66 37.38 14.85
C ILE D 533 -5.32 37.29 16.35
N GLN D 534 -6.01 38.08 17.17
CA GLN D 534 -5.84 38.01 18.61
C GLN D 534 -6.37 36.71 19.21
N SER D 535 -7.57 36.31 18.82
CA SER D 535 -8.15 35.07 19.34
C SER D 535 -7.35 33.85 18.87
N LEU D 536 -6.90 33.88 17.62
CA LEU D 536 -6.04 32.84 17.08
C LEU D 536 -4.80 32.63 17.95
N ILE D 537 -4.17 33.74 18.32
CA ILE D 537 -2.97 33.69 19.15
C ILE D 537 -3.32 33.30 20.60
N CYS D 538 -4.36 33.93 21.14
CA CYS D 538 -4.76 33.67 22.53
C CYS D 538 -5.08 32.20 22.79
N ASN D 539 -5.74 31.55 21.83
CA ASN D 539 -6.12 30.15 21.97
C ASN D 539 -4.97 29.15 21.84
N ASN D 540 -3.97 29.49 21.03
CA ASN D 540 -2.94 28.52 20.66
C ASN D 540 -1.53 28.88 21.09
N VAL D 541 -1.36 30.01 21.76
CA VAL D 541 -0.06 30.38 22.25
C VAL D 541 -0.10 30.51 23.77
N LYS D 542 0.85 29.85 24.44
CA LYS D 542 0.92 29.83 25.90
C LYS D 542 0.93 31.24 26.50
N GLY D 543 0.09 31.45 27.50
CA GLY D 543 0.05 32.73 28.20
C GLY D 543 -0.90 33.74 27.60
N CYS D 544 -1.45 33.43 26.43
CA CYS D 544 -2.33 34.34 25.70
C CYS D 544 -1.73 35.75 25.58
N PRO D 545 -0.59 35.87 24.88
CA PRO D 545 0.02 37.19 24.77
C PRO D 545 -0.83 38.09 23.89
N PHE D 546 -0.71 39.40 24.07
CA PHE D 546 -1.41 40.34 23.21
C PHE D 546 -0.74 40.35 21.85
N THR D 547 -1.54 40.58 20.81
CA THR D 547 -1.01 40.71 19.46
C THR D 547 -1.86 41.63 18.59
N SER D 548 -1.25 42.09 17.50
CA SER D 548 -1.94 42.85 16.46
C SER D 548 -0.99 42.97 15.30
N PHE D 549 -1.44 43.62 14.23
CA PHE D 549 -0.57 43.84 13.07
C PHE D 549 0.04 45.24 13.14
N ASN D 550 -0.22 45.94 14.24
CA ASN D 550 0.28 47.29 14.42
C ASN D 550 1.13 47.40 15.68
N VAL D 551 2.22 48.14 15.57
CA VAL D 551 3.10 48.40 16.71
C VAL D 551 2.39 49.31 17.73
N GLN D 552 2.41 48.91 18.99
CA GLN D 552 1.80 49.67 20.07
C GLN D 552 2.85 50.34 20.96
C1 NAG E . 21.62 -31.85 24.62
C2 NAG E . 20.63 -32.77 25.34
C3 NAG E . 20.83 -32.69 26.87
C4 NAG E . 22.30 -32.87 27.22
C5 NAG E . 23.16 -31.92 26.41
C6 NAG E . 24.63 -32.14 26.64
C7 NAG E . 18.42 -33.21 24.38
C8 NAG E . 17.07 -32.63 24.05
N2 NAG E . 19.28 -32.39 24.98
O3 NAG E . 20.06 -33.72 27.47
O4 NAG E . 22.49 -32.62 28.61
O5 NAG E . 22.93 -32.18 25.01
O6 NAG E . 24.93 -33.53 26.65
O7 NAG E . 18.70 -34.38 24.14
C1 NAG E . 22.96 -33.90 29.27
C2 NAG E . 23.36 -33.24 30.58
C3 NAG E . 23.54 -34.28 31.69
C4 NAG E . 22.38 -35.27 31.74
C5 NAG E . 22.01 -35.78 30.36
C6 NAG E . 20.73 -36.60 30.36
C7 NAG E . 24.64 -31.14 30.37
C8 NAG E . 26.01 -30.55 30.19
N2 NAG E . 24.59 -32.48 30.41
O3 NAG E . 23.62 -33.60 32.93
O4 NAG E . 22.75 -36.39 32.54
O5 NAG E . 21.78 -34.68 29.48
O6 NAG E . 20.71 -37.56 29.32
O7 NAG E . 23.64 -30.45 30.45
C1 NAG F . 2.94 -27.52 22.63
C2 NAG F . 3.57 -26.94 23.92
C3 NAG F . 2.89 -27.53 25.16
C4 NAG F . 1.38 -27.50 25.06
C5 NAG F . 0.93 -28.12 23.76
C6 NAG F . -0.57 -28.03 23.57
C7 NAG F . 5.89 -26.28 24.28
C8 NAG F . 7.31 -26.73 24.35
N2 NAG F . 4.98 -27.21 23.97
O3 NAG F . 3.31 -26.77 26.30
O4 NAG F . 0.82 -28.23 26.15
O5 NAG F . 1.51 -27.37 22.67
O6 NAG F . -1.09 -26.83 24.10
O7 NAG F . 5.55 -25.12 24.49
C1 NAG F . 0.17 -27.66 27.35
C2 NAG F . -0.78 -28.72 27.90
C3 NAG F . -1.70 -28.11 28.95
C4 NAG F . -0.87 -27.41 30.02
C5 NAG F . 0.14 -26.44 29.40
C6 NAG F . 1.12 -25.91 30.40
C7 NAG F . -1.81 -30.62 26.69
C8 NAG F . -1.48 -31.49 27.87
N2 NAG F . -1.50 -29.31 26.79
O3 NAG F . -2.50 -29.12 29.57
O4 NAG F . -1.72 -26.71 30.94
O5 NAG F . 0.92 -27.11 28.41
O6 NAG F . 2.14 -25.16 29.76
O7 NAG F . -2.36 -31.07 25.70
C1 NAG G . -9.20 12.28 -5.63
C2 NAG G . -7.67 12.30 -5.67
C3 NAG G . -7.11 10.92 -6.05
C4 NAG G . -7.73 9.84 -5.20
C5 NAG G . -9.25 9.93 -5.30
C6 NAG G . -9.97 8.90 -4.47
C7 NAG G . -6.55 14.42 -6.21
C8 NAG G . -6.23 15.40 -7.29
N2 NAG G . -7.24 13.33 -6.60
O3 NAG G . -5.70 10.91 -5.86
O4 NAG G . -7.28 8.55 -5.60
O5 NAG G . -9.65 11.21 -4.80
O6 NAG G . -9.55 8.96 -3.11
O7 NAG G . -6.19 14.58 -5.04
C1 NAG G . -6.70 7.85 -4.39
C2 NAG G . -6.64 6.43 -4.94
C3 NAG G . -5.69 5.59 -4.10
C4 NAG G . -4.32 6.26 -4.01
C5 NAG G . -4.44 7.72 -3.58
C6 NAG G . -3.14 8.48 -3.72
C7 NAG G . -8.68 5.72 -6.10
C8 NAG G . -10.01 5.04 -5.96
N2 NAG G . -7.96 5.81 -4.98
O3 NAG G . -5.54 4.32 -4.72
O4 NAG G . -3.52 5.57 -3.05
O5 NAG G . -5.39 8.42 -4.41
O6 NAG G . -2.86 9.28 -2.58
O7 NAG G . -8.29 6.19 -7.17
C1 NAG H . -0.33 23.20 -19.13
C2 NAG H . -0.41 21.69 -19.44
C3 NAG H . 0.99 21.07 -19.52
C4 NAG H . 1.92 21.90 -20.40
C5 NAG H . 1.90 23.35 -19.96
C6 NAG H . 2.73 24.23 -20.85
C7 NAG H . -2.26 20.27 -18.70
C8 NAG H . -2.95 19.66 -17.51
N2 NAG H . -1.19 21.02 -18.43
O3 NAG H . 0.90 19.75 -20.06
O4 NAG H . 3.25 21.40 -20.31
O5 NAG H . 0.55 23.83 -20.05
O6 NAG H . 2.48 23.93 -22.21
O7 NAG H . -2.65 20.09 -19.84
C1 NAG H . 3.94 20.88 -21.51
C2 NAG H . 5.42 20.92 -21.19
C3 NAG H . 6.22 20.36 -22.37
C4 NAG H . 5.71 19.00 -22.80
C5 NAG H . 4.19 18.99 -22.96
C6 NAG H . 3.63 17.60 -23.14
C7 NAG H . 5.98 22.70 -19.60
C8 NAG H . 6.47 24.10 -19.45
N2 NAG H . 5.87 22.26 -20.86
O3 NAG H . 7.58 20.23 -21.95
O4 NAG H . 6.29 18.65 -24.05
O5 NAG H . 3.55 19.53 -21.79
O6 NAG H . 2.23 17.62 -23.37
O7 NAG H . 5.70 21.99 -18.65
C1 NAG I . 49.80 -29.35 4.05
C2 NAG I . 51.15 -29.01 3.35
C3 NAG I . 52.37 -29.42 4.21
C4 NAG I . 52.21 -29.02 5.67
C5 NAG I . 50.90 -29.60 6.18
C6 NAG I . 50.65 -29.39 7.65
C7 NAG I . 50.81 -29.16 0.91
C8 NAG I . 51.01 -30.00 -0.30
N2 NAG I . 51.24 -29.67 2.06
O3 NAG I . 53.53 -28.82 3.68
O4 NAG I . 53.29 -29.56 6.44
O5 NAG I . 49.85 -28.94 5.45
O6 NAG I . 50.37 -28.04 7.98
O7 NAG I . 50.29 -28.04 0.85
C1 NAG J . 18.06 3.67 42.52
C2 NAG J . 19.12 4.17 43.50
C3 NAG J . 18.61 5.37 44.31
C4 NAG J . 17.95 6.40 43.38
C5 NAG J . 16.93 5.71 42.49
C6 NAG J . 16.27 6.63 41.51
C7 NAG J . 20.71 2.55 44.46
C8 NAG J . 20.88 1.37 45.36
N2 NAG J . 19.48 3.06 44.37
O3 NAG J . 19.70 5.99 44.98
O4 NAG J . 17.32 7.44 44.13
O5 NAG J . 17.63 4.72 41.72
O6 NAG J . 15.16 7.30 42.11
O7 NAG J . 21.66 3.04 43.85
CHA HEM K . 26.44 -10.61 28.75
CHB HEM K . 26.28 -6.83 31.78
CHC HEM K . 25.07 -3.95 28.09
CHD HEM K . 25.82 -7.56 24.95
C1A HEM K . 26.47 -9.85 29.89
C2A HEM K . 26.71 -10.34 31.24
C3A HEM K . 26.67 -9.30 32.08
C4A HEM K . 26.40 -8.11 31.29
CMA HEM K . 26.86 -9.33 33.61
CAA HEM K . 26.96 -11.81 31.62
CBA HEM K . 25.70 -12.34 32.30
CGA HEM K . 25.65 -13.85 32.22
O1A HEM K . 24.84 -14.46 32.95
O2A HEM K . 26.44 -14.42 31.42
C1B HEM K . 25.84 -5.75 31.06
C2B HEM K . 25.39 -4.49 31.60
C3B HEM K . 25.05 -3.69 30.58
C4B HEM K . 25.29 -4.43 29.35
CMB HEM K . 25.33 -4.19 33.12
CAB HEM K . 24.50 -2.24 30.55
CBB HEM K . 24.29 -1.49 31.63
C1C HEM K . 25.19 -4.66 26.93
C2C HEM K . 25.02 -4.10 25.62
C3C HEM K . 25.22 -5.08 24.72
C4C HEM K . 25.53 -6.30 25.45
CMC HEM K . 24.67 -2.64 25.30
CAC HEM K . 25.11 -4.84 23.19
CBC HEM K . 25.19 -5.83 22.28
C1D HEM K . 25.93 -8.73 25.67
C2D HEM K . 25.83 -10.07 25.12
C3D HEM K . 26.03 -11.02 26.31
C4D HEM K . 26.22 -10.17 27.46
CMD HEM K . 25.57 -10.45 23.66
CAD HEM K . 25.99 -12.56 26.31
CBD HEM K . 24.61 -12.91 26.87
CGD HEM K . 24.29 -14.38 26.93
O1D HEM K . 24.84 -15.18 26.12
O2D HEM K . 23.48 -14.76 27.81
NA HEM K . 26.30 -8.48 29.97
NB HEM K . 25.77 -5.69 29.68
NC HEM K . 25.51 -6.00 26.80
ND HEM K . 26.16 -8.83 27.04
FE HEM K . 26.04 -7.26 28.37
CAW MXM L . 28.36 -6.10 13.65
CAW MXM L . 28.64 -5.67 12.94
CAV MXM L . 27.46 -6.27 12.44
CAV MXM L . 27.32 -6.15 12.34
SAT MXM L . 25.88 -6.84 12.40
SAT MXM L . 26.94 -6.02 10.81
CAU MXM L . 27.86 -5.95 11.22
CAU MXM L . 26.31 -6.71 13.02
NAS MXM L . 26.92 -6.16 10.30
NAS MXM L . 25.26 -7.04 12.24
CAR MXM L . 25.72 -6.58 10.74
CAR MXM L . 25.43 -6.73 10.95
NAP MXM L . 24.74 -6.96 9.89
NAP MXM L . 24.54 -7.01 9.98
CAN MXM L . 24.88 -6.59 8.58
CAN MXM L . 24.84 -6.69 8.70
OAQ MXM L . 25.89 -6.06 8.13
OAQ MXM L . 25.91 -6.21 8.33
CAG MXM L . 23.89 -6.95 7.66
CAG MXM L . 23.88 -7.01 7.73
CAC MXM L . 22.60 -7.46 8.04
CAC MXM L . 22.57 -7.49 8.10
OAH MXM L . 22.41 -7.83 9.33
OAH MXM L . 22.34 -7.77 9.41
CAA MXM L . 21.58 -7.82 7.13
CAA MXM L . 21.57 -7.82 7.17
CAD MXM L . 20.24 -7.93 7.49
CAD MXM L . 20.22 -7.92 7.51
CAI MXM L . 19.29 -8.16 6.49
CAI MXM L . 19.31 -8.12 6.46
CAM MXM L . 19.65 -8.19 5.15
CAM MXM L . 19.73 -8.14 5.13
CAF MXM L . 20.98 -7.99 4.78
CAF MXM L . 21.06 -7.95 4.82
CAB MXM L . 21.87 -7.67 5.79
CAB MXM L . 21.92 -7.64 5.86
SAE MXM L . 23.39 -7.59 5.61
SAE MXM L . 23.44 -7.61 5.71
OAK MXM L . 23.65 -7.30 4.13
OAK MXM L . 23.65 -7.19 4.24
OAL MXM L . 24.05 -8.95 5.93
OAL MXM L . 24.10 -8.98 5.88
NAJ MXM L . 24.03 -6.50 6.35
NAJ MXM L . 24.11 -6.59 6.42
CAO MXM L . 23.94 -5.02 6.34
CAO MXM L . 24.09 -5.11 6.45
C1 NAG M . -17.87 -17.45 -3.54
C2 NAG M . -19.05 -17.23 -4.52
C3 NAG M . -20.38 -17.10 -3.77
C4 NAG M . -20.56 -18.23 -2.77
C5 NAG M . -19.35 -18.28 -1.85
C6 NAG M . -19.42 -19.37 -0.79
C7 NAG M . -18.32 -16.08 -6.57
C8 NAG M . -18.16 -14.76 -7.25
N2 NAG M . -18.83 -16.04 -5.34
O3 NAG M . -21.46 -17.11 -4.69
O4 NAG M . -21.76 -18.05 -2.00
O5 NAG M . -18.19 -18.54 -2.63
O6 NAG M . -19.46 -20.67 -1.37
O7 NAG M . -18.01 -17.14 -7.12
C1 NAG N . 3.60 -67.60 22.08
C2 NAG N . 2.16 -68.08 22.01
C3 NAG N . 2.09 -69.62 21.96
C4 NAG N . 3.03 -70.17 20.90
C5 NAG N . 4.42 -69.58 21.09
C6 NAG N . 5.41 -70.02 20.03
C7 NAG N . 0.18 -67.08 23.09
C8 NAG N . -0.38 -66.50 24.36
N2 NAG N . 1.43 -67.54 23.15
O3 NAG N . 0.75 -70.02 21.66
O4 NAG N . 3.07 -71.58 20.92
O5 NAG N . 4.34 -68.15 20.99
O6 NAG N . 6.73 -69.59 20.36
O7 NAG N . -0.49 -67.14 22.05
CHA HEM O . -1.57 -47.43 14.76
CHB HEM O . -2.04 -52.20 15.55
CHC HEM O . 0.48 -53.12 11.53
CHD HEM O . 0.41 -48.38 10.38
C1A HEM O . -1.86 -48.64 15.34
C2A HEM O . -2.47 -48.82 16.65
C3A HEM O . -2.60 -50.14 16.86
C4A HEM O . -2.08 -50.84 15.71
CMA HEM O . -3.19 -50.80 18.13
CAA HEM O . -2.90 -47.70 17.61
CBA HEM O . -1.80 -47.51 18.65
CGA HEM O . -2.24 -46.47 19.64
O1A HEM O . -1.53 -46.28 20.67
O2A HEM O . -3.28 -45.82 19.38
C1B HEM O . -1.31 -52.86 14.59
C2B HEM O . -0.93 -54.27 14.61
C3B HEM O . -0.23 -54.52 13.49
C4B HEM O . -0.16 -53.29 12.74
CMB HEM O . -1.30 -55.23 15.76
CAB HEM O . 0.42 -55.84 12.99
CBB HEM O . 0.41 -57.00 13.65
C1C HEM O . 0.64 -51.92 10.84
C2C HEM O . 1.20 -51.80 9.52
C3C HEM O . 1.21 -50.50 9.19
C4C HEM O . 0.61 -49.75 10.30
CMC HEM O . 1.74 -52.96 8.67
CAC HEM O . 1.75 -49.98 7.84
CBC HEM O . 2.00 -48.69 7.62
C1D HEM O . 0.01 -47.67 11.50
C2D HEM O . 0.26 -46.27 11.74
C3D HEM O . -0.36 -45.96 13.11
C4D HEM O . -0.91 -47.21 13.57
CMD HEM O . 0.99 -45.29 10.81
CAD HEM O . -0.35 -44.60 13.86
CBD HEM O . 0.83 -44.63 14.82
CGD HEM O . 0.90 -43.45 15.78
O1D HEM O . 0.50 -42.31 15.44
O2D HEM O . 1.38 -43.66 16.93
NA HEM O . -1.65 -49.89 14.79
NB HEM O . -0.83 -52.30 13.43
NC HEM O . 0.28 -50.66 11.28
ND HEM O . -0.68 -48.19 12.60
FE HEM O . -0.76 -50.24 13.02
CAW MXM P . 1.46 -44.18 -0.39
CAW MXM P . 1.48 -44.19 -1.65
CAV MXM P . 2.63 -43.53 -1.11
CAV MXM P . 2.86 -43.55 -1.49
SAT MXM P . 4.09 -43.08 -0.45
SAT MXM P . 3.64 -42.92 -2.67
CAU MXM P . 2.60 -43.23 -2.40
CAU MXM P . 3.58 -43.47 -0.37
NAS MXM P . 3.74 -42.66 -2.81
NAS MXM P . 4.78 -42.84 -0.55
CAR MXM P . 4.72 -42.54 -1.92
CAR MXM P . 4.95 -42.44 -1.82
NAP MXM P . 5.88 -41.89 -2.17
NAP MXM P . 6.04 -41.81 -2.27
CAN MXM P . 6.15 -41.57 -3.46
CAN MXM P . 6.16 -41.47 -3.58
OAQ MXM P . 5.34 -41.74 -4.38
OAQ MXM P . 5.28 -41.63 -4.43
CAG MXM P . 7.34 -40.90 -3.77
CAG MXM P . 7.33 -40.81 -3.91
CAC MXM P . 8.42 -40.73 -2.83
CAC MXM P . 8.37 -40.70 -2.94
OAH MXM P . 8.17 -41.04 -1.53
OAH MXM P . 8.09 -41.10 -1.67
CAA MXM P . 9.64 -40.06 -3.10
CAA MXM P . 9.62 -40.08 -3.13
CAD MXM P . 10.79 -40.28 -2.34
CAD MXM P . 10.72 -40.35 -2.33
CAI MXM P . 11.99 -39.68 -2.78
CAI MXM P . 11.96 -39.82 -2.68
CAM MXM P . 12.04 -38.99 -3.98
CAM MXM P . 12.09 -39.09 -3.86
CAF MXM P . 10.91 -38.85 -4.77
CAF MXM P . 11.00 -38.88 -4.69
CAB MXM P . 9.77 -39.54 -4.35
CAB MXM P . 9.81 -39.53 -4.37
SAE MXM P . 8.41 -39.37 -4.99
SAE MXM P . 8.43 -39.28 -5.08
OAK MXM P . 8.65 -38.88 -6.43
OAK MXM P . 8.73 -38.83 -6.51
OAL MXM P . 7.60 -38.30 -4.26
OAL MXM P . 7.62 -38.16 -4.41
NAJ MXM P . 7.63 -40.65 -5.10
NAJ MXM P . 7.59 -40.52 -5.24
CAO MXM P . 7.82 -41.95 -5.80
CAO MXM P . 7.73 -41.83 -5.92
C1 BOG Q . -23.36 -55.67 4.93
O1 BOG Q . -23.02 -54.90 6.03
C2 BOG Q . -23.27 -54.71 3.78
O2 BOG Q . -24.10 -53.72 4.07
C3 BOG Q . -23.66 -55.44 2.53
O3 BOG Q . -23.58 -54.55 1.50
C4 BOG Q . -22.82 -56.67 2.32
O4 BOG Q . -23.29 -57.40 1.26
C5 BOG Q . -22.70 -57.49 3.58
O5 BOG Q . -22.55 -56.78 4.77
C6 BOG Q . -21.56 -58.45 3.63
O6 BOG Q . -20.66 -58.35 2.63
C1' BOG Q . -23.30 -55.31 7.31
C2' BOG Q . -22.23 -56.32 7.64
C3' BOG Q . -21.89 -56.16 9.08
C4' BOG Q . -20.94 -57.29 9.47
C5' BOG Q . -19.48 -56.98 9.00
C6' BOG Q . -19.00 -58.02 8.01
C7' BOG Q . -17.80 -58.67 8.64
C8' BOG Q . -16.90 -59.18 7.56
C1 NAG R . -39.49 14.43 11.78
C2 NAG R . -40.93 14.28 12.27
C3 NAG R . -41.11 12.98 13.10
C4 NAG R . -40.51 11.79 12.36
C5 NAG R . -39.08 12.09 11.97
C6 NAG R . -38.42 10.97 11.20
C7 NAG R . -42.12 16.40 12.67
C8 NAG R . -42.33 17.53 13.63
N2 NAG R . -41.29 15.43 13.08
O3 NAG R . -42.50 12.75 13.32
O4 NAG R . -40.57 10.62 13.19
O5 NAG R . -39.07 13.23 11.12
O6 NAG R . -38.97 10.85 9.90
O7 NAG R . -42.69 16.34 11.58
C1 NAG S . -17.95 -5.81 -40.34
C2 NAG S . -18.35 -7.30 -40.42
C3 NAG S . -18.24 -7.83 -41.86
C4 NAG S . -18.87 -6.86 -42.85
C5 NAG S . -18.31 -5.47 -42.61
C6 NAG S . -18.86 -4.42 -43.53
C7 NAG S . -17.87 -8.65 -38.42
C8 NAG S . -16.79 -9.25 -37.57
N2 NAG S . -17.46 -8.01 -39.52
O3 NAG S . -18.89 -9.09 -41.98
O4 NAG S . -18.62 -7.25 -44.21
O5 NAG S . -18.68 -5.09 -41.29
O6 NAG S . -18.16 -4.43 -44.78
O7 NAG S . -19.07 -8.75 -38.13
CHA HEM T . -22.24 3.21 -21.29
CHB HEM T . -22.76 0.17 -25.05
CHC HEM T . -25.33 3.58 -27.35
CHD HEM T . -25.37 6.35 -23.36
C1A HEM T . -22.12 2.12 -22.13
C2A HEM T . -21.26 0.98 -21.89
C3A HEM T . -21.40 0.14 -22.92
C4A HEM T . -22.35 0.72 -23.85
CMA HEM T . -20.67 -1.21 -23.12
CAA HEM T . -20.34 0.80 -20.67
CBA HEM T . -18.91 1.03 -21.17
CGA HEM T . -18.02 1.52 -20.07
O1A HEM T . -16.77 1.33 -20.17
O2A HEM T . -18.55 2.11 -19.07
C1B HEM T . -23.39 0.88 -26.04
C2B HEM T . -23.45 0.51 -27.45
C3B HEM T . -24.16 1.47 -28.09
C4B HEM T . -24.58 2.46 -27.10
CMB HEM T . -22.77 -0.75 -28.03
CAB HEM T . -24.55 1.61 -29.58
CBB HEM T . -24.34 0.65 -30.50
C1C HEM T . -25.62 4.59 -26.45
C2C HEM T . -26.52 5.70 -26.71
C3C HEM T . -26.54 6.48 -25.62
C4C HEM T . -25.66 5.88 -24.63
CMC HEM T . -27.31 5.95 -28.01
CAC HEM T . -27.40 7.78 -25.54
CBC HEM T . -27.29 8.66 -24.55
C1D HEM T . -24.44 5.84 -22.48
C2D HEM T . -23.90 6.52 -21.32
C3D HEM T . -22.93 5.54 -20.67
C4D HEM T . -22.96 4.36 -21.51
CMD HEM T . -24.22 7.96 -20.84
CAD HEM T . -22.05 5.78 -19.42
CBD HEM T . -20.65 6.06 -19.95
CGD HEM T . -19.63 6.35 -18.88
O1D HEM T . -19.99 6.55 -17.69
O2D HEM T . -18.43 6.39 -19.21
NA HEM T . -22.77 1.93 -23.33
NB HEM T . -24.09 2.06 -25.87
NC HEM T . -25.11 4.73 -25.18
ND HEM T . -23.86 4.58 -22.55
FE HEM T . -23.97 3.30 -24.23
CAW MXM U . -33.90 14.25 -20.83
CAW MXM U . -34.62 14.72 -20.71
CAV MXM U . -33.76 15.76 -20.95
CAV MXM U . -33.79 15.95 -21.01
SAT MXM U . -32.42 16.61 -21.49
SAT MXM U . -34.37 17.39 -21.06
CAU MXM U . -34.74 16.59 -20.60
CAU MXM U . -32.49 15.93 -21.36
NAS MXM U . -34.37 17.86 -20.79
NAS MXM U . -31.97 17.17 -21.59
CAR MXM U . -33.19 18.11 -21.40
CAR MXM U . -32.88 18.14 -21.46
NAP MXM U . -32.71 19.34 -21.44
NAP MXM U . -32.59 19.43 -21.51
CAN MXM U . -33.62 20.32 -21.34
CAN MXM U . -33.56 20.32 -21.25
OAQ MXM U . -34.82 20.14 -21.12
OAQ MXM U . -34.74 20.03 -21.06
CAG MXM U . -33.23 21.64 -21.38
CAG MXM U . -33.26 21.66 -21.30
CAC MXM U . -31.92 22.09 -21.74
CAC MXM U . -31.96 22.09 -21.70
OAH MXM U . -30.90 21.18 -21.88
OAH MXM U . -30.99 21.14 -21.91
CAA MXM U . -31.53 23.43 -21.80
CAA MXM U . -31.57 23.43 -21.83
CAD MXM U . -30.40 23.80 -22.55
CAD MXM U . -30.43 23.78 -22.54
CAI MXM U . -30.17 25.17 -22.68
CAI MXM U . -30.20 25.14 -22.69
CAM MXM U . -31.07 26.10 -22.17
CAM MXM U . -31.11 26.08 -22.20
CAF MXM U . -32.23 25.70 -21.51
CAF MXM U . -32.26 25.69 -21.54
CAB MXM U . -32.49 24.35 -21.49
CAB MXM U . -32.54 24.35 -21.54
SAE MXM U . -33.66 23.65 -20.69
SAE MXM U . -33.71 23.66 -20.68
OAK MXM U . -34.81 24.66 -20.58
OAK MXM U . -34.85 24.67 -20.59
OAL MXM U . -33.35 23.33 -19.18
OAL MXM U . -33.36 23.37 -19.18
NAJ MXM U . -34.23 22.61 -21.36
NAJ MXM U . -34.28 22.60 -21.24
CAO MXM U . -35.02 22.46 -22.62
CAO MXM U . -35.11 22.36 -22.52
C1 BOG V . -34.10 -13.69 -20.23
O1 BOG V . -35.45 -13.93 -20.43
C2 BOG V . -33.44 -15.00 -19.91
O2 BOG V . -33.73 -15.32 -18.65
C3 BOG V . -31.97 -14.77 -19.91
O3 BOG V . -31.42 -15.96 -19.57
C4 BOG V . -31.49 -14.25 -21.23
O4 BOG V . -30.13 -14.04 -21.12
C5 BOG V . -32.25 -13.02 -21.58
O5 BOG V . -33.63 -13.12 -21.37
C6 BOG V . -32.16 -12.64 -23.01
O6 BOG V . -31.38 -13.41 -23.78
C1' BOG V . -36.36 -13.00 -19.96
C2' BOG V . -36.53 -11.96 -21.03
C3' BOG V . -37.97 -11.57 -20.98
C4' BOG V . -38.54 -11.40 -22.40
C5' BOG V . -37.96 -12.37 -23.48
C6' BOG V . -37.48 -11.54 -24.65
C7' BOG V . -37.17 -12.42 -25.86
C8' BOG V . -37.38 -11.59 -27.09
C1 NAG W . -5.83 54.63 -32.64
C2 NAG W . -5.84 56.05 -33.23
C3 NAG W . -4.68 56.25 -34.20
C4 NAG W . -3.35 55.83 -33.60
C5 NAG W . -3.48 54.37 -33.21
C6 NAG W . -2.21 53.81 -32.63
C7 NAG W . -8.03 57.19 -33.55
C8 NAG W . -9.25 57.27 -34.43
N2 NAG W . -7.11 56.29 -33.92
O3 NAG W . -4.60 57.60 -34.63
O4 NAG W . -2.31 56.00 -34.55
O5 NAG W . -4.47 54.28 -32.18
O6 NAG W . -1.72 54.68 -31.62
O7 NAG W . -7.89 57.89 -32.56
C1 NAG X . 21.04 29.32 14.31
C2 NAG X . 22.45 29.91 14.28
C3 NAG X . 23.15 29.72 15.62
C4 NAG X . 22.25 30.18 16.77
C5 NAG X . 20.86 29.58 16.66
C6 NAG X . 19.95 30.10 17.76
C7 NAG X . 23.80 30.00 12.27
C8 NAG X . 24.54 29.22 11.23
N2 NAG X . 23.23 29.28 13.23
O3 NAG X . 24.37 30.48 15.64
O4 NAG X . 22.85 29.79 18.02
O5 NAG X . 20.30 29.91 15.38
O6 NAG X . 19.62 29.02 18.65
O7 NAG X . 23.73 31.22 12.24
CHA HEM Y . 9.55 34.87 -3.33
CHB HEM Y . 12.93 35.37 0.14
CHC HEM Y . 9.66 37.51 2.98
CHD HEM Y . 6.49 37.69 -0.71
C1A HEM Y . 10.73 34.77 -2.62
C2A HEM Y . 11.90 34.04 -3.03
C3A HEM Y . 12.83 34.17 -2.07
C4A HEM Y . 12.29 35.01 -1.02
CMA HEM Y . 14.26 33.55 -2.07
CAA HEM Y . 12.03 33.23 -4.34
CBA HEM Y . 12.03 31.75 -3.99
CGA HEM Y . 11.60 30.92 -5.15
O1A HEM Y . 11.90 29.69 -5.17
O2A HEM Y . 10.95 31.50 -6.07
C1B HEM Y . 12.30 35.87 1.26
C2B HEM Y . 12.79 35.83 2.63
C3B HEM Y . 11.87 36.43 3.42
C4B HEM Y . 10.78 36.86 2.56
CMB HEM Y . 14.14 35.21 3.04
CAB HEM Y . 11.85 36.68 4.95
CBB HEM Y . 12.79 36.30 5.79
C1C HEM Y . 8.53 37.77 2.22
C2C HEM Y . 7.36 38.48 2.69
C3C HEM Y . 6.48 38.53 1.71
C4C HEM Y . 7.05 37.86 0.54
CMC HEM Y . 7.20 39.03 4.11
CAC HEM Y . 5.09 39.22 1.86
CBC HEM Y . 4.12 39.11 0.95
C1D HEM Y . 6.96 36.85 -1.71
C2D HEM Y . 6.18 36.35 -2.82
C3D HEM Y . 7.13 35.48 -3.65
C4D HEM Y . 8.39 35.53 -2.94
CMD HEM Y . 4.70 36.64 -3.13
CAD HEM Y . 6.78 34.69 -4.93
CBD HEM Y . 6.38 33.30 -4.43
CGD HEM Y . 6.28 32.26 -5.53
O1D HEM Y . 5.76 32.57 -6.63
O2D HEM Y . 6.71 31.10 -5.29
NA HEM Y . 11.00 35.35 -1.38
NB HEM Y . 11.08 36.49 1.25
NC HEM Y . 8.31 37.42 0.90
ND HEM Y . 8.25 36.34 -1.82
FE HEM Y . 9.63 36.33 -0.22
CAW MXM Z . -2.45 46.06 -1.33
CAW MXM Z . -2.39 45.35 -1.27
CAV MXM Z . -3.76 45.35 -1.04
CAV MXM Z . -3.89 45.44 -1.10
SAT MXM Z . -5.21 46.10 -0.76
SAT MXM Z . -4.81 44.21 -0.64
CAU MXM Z . -3.86 44.02 -0.87
CAU MXM Z . -4.61 46.54 -1.31
NAS MXM Z . -5.11 43.61 -0.61
NAS MXM Z . -5.90 46.25 -1.07
CAR MXM Z . -6.00 44.59 -0.53
CAR MXM Z . -6.12 45.03 -0.53
NAP MXM Z . -7.27 44.30 -0.42
NAP MXM Z . -7.30 44.50 -0.43
CAN MXM Z . -8.21 45.25 -0.47
CAN MXM Z . -8.30 45.36 -0.38
OAQ MXM Z . -8.00 46.46 -0.60
OAQ MXM Z . -8.24 46.58 -0.52
CAG MXM Z . -9.50 44.79 -0.34
CAG MXM Z . -9.54 44.78 -0.29
CAC MXM Z . -9.71 43.42 -0.03
CAC MXM Z . -9.73 43.39 0.01
OAH MXM Z . -8.64 42.55 0.00
OAH MXM Z . -8.66 42.54 -0.03
CAA MXM Z . -10.98 42.85 0.16
CAA MXM Z . -10.99 42.82 0.15
CAD MXM Z . -11.14 41.63 0.80
CAD MXM Z . -11.16 41.61 0.81
CAI MXM Z . -12.45 41.24 1.04
CAI MXM Z . -12.47 41.21 1.02
CAM MXM Z . -13.53 42.07 0.72
CAM MXM Z . -13.55 42.02 0.68
CAF MXM Z . -13.33 43.30 0.13
CAF MXM Z . -13.35 43.27 0.09
CAB MXM Z . -12.01 43.71 0.03
CAB MXM Z . -12.04 43.67 -0.02
SAE MXM Z . -11.59 45.01 -0.75
SAE MXM Z . -11.60 44.97 -0.75
OAK MXM Z . -12.77 45.98 -0.64
OAK MXM Z . -12.79 45.95 -0.65
OAL MXM Z . -11.40 44.86 -2.31
OAL MXM Z . -11.38 44.87 -2.31
NAJ MXM Z . -10.54 45.66 -0.21
NAJ MXM Z . -10.61 45.63 -0.10
CAO MXM Z . -10.30 46.39 1.11
CAO MXM Z . -10.40 46.31 1.22
#